data_3QVI
#
_entry.id   3QVI
#
_cell.length_a   88.430
_cell.length_b   90.510
_cell.length_c   192.410
_cell.angle_alpha   90.00
_cell.angle_beta   90.00
_cell.angle_gamma   90.00
#
_symmetry.space_group_name_H-M   'P 21 21 21'
#
loop_
_entity.id
_entity.type
_entity.pdbx_description
1 polymer 'Histo-aspartic protease'
2 non-polymer '(4R)-N-[(1S,2R)-2-hydroxy-2,3-dihydro-1H-inden-1-yl]-3-[(2S,3S)-2-hydroxy-3-{[S-methyl-N-(phenylacetyl)-L-cysteinyl]ami no}-4-phenylbutanoyl]-5,5-dimethyl-1,3-thiazolidine-4-carboxamide'
3 non-polymer 1,2-ETHANEDIOL
4 non-polymer 'TETRAETHYLENE GLYCOL'
5 non-polymer 'ACETATE ION'
6 non-polymer 1-METHOXY-2-[2-(2-METHOXY-ETHOXY]-ETHANE
7 non-polymer 'SODIUM ION'
8 water water
#
_entity_poly.entity_id   1
_entity_poly.type   'polypeptide(L)'
_entity_poly.pdbx_seq_one_letter_code
;MNLTIKEEDFTNTFMKNEESFNTFRVTKVKRWNAKRLFKILFVTVFIVLAGGFSYYIFENFVFQKNRKINHIIKTSKYST
VGFNIENSYDRLMKTIKEHKLKNYIKESVKLFNKGLTKKSYLGSEFDNVELKDLANVLSFGEAKLGDNGQKFNFLFHTAS
SNVWVPSIKCTSESCESKNHYDSSKSKTYEKDDTPVKLTSKAGTISGIFSKDLVTIGKLSVPYKFIEMTEIVGFEPFYSE
SDVDGVFGLGWKDLSIGSIDPYIVELKTQNKIEQAVYSIYLPPENKNKGYLTIGGIEERFFDGPLNYEKLNHDLMWQVDL
DVHFGNVSSKKANVILDSATSVITVPTEFFNQFVESASVFKVPFLSLYVTTCGNTKLPTLEYRSPNKVYTLEPKQYLEPL
ENIFSALCMLNIVPIDLEKNTFVLGDPFMRKYFTVYDYDNHTVGFALAKNL
;
_entity_poly.pdbx_strand_id   A,B,C,D
#
loop_
_chem_comp.id
_chem_comp.type
_chem_comp.name
_chem_comp.formula
ACT non-polymer 'ACETATE ION' 'C2 H3 O2 -1'
EDO non-polymer 1,2-ETHANEDIOL 'C2 H6 O2'
K95 peptide-like '(4R)-N-[(1S,2R)-2-hydroxy-2,3-dihydro-1H-inden-1-yl]-3-[(2S,3S)-2-hydroxy-3-{[S-methyl-N-(phenylacetyl)-L-cysteinyl]ami no}-4-phenylbutanoyl]-5,5-dimethyl-1,3-thiazolidine-4-carboxamide' 'C37 H44 N4 O6 S2'
NA non-polymer 'SODIUM ION' 'Na 1'
PG4 non-polymer 'TETRAETHYLENE GLYCOL' 'C8 H18 O5'
PG5 non-polymer 1-METHOXY-2-[2-(2-METHOXY-ETHOXY]-ETHANE 'C8 H18 O4'
#
# COMPACT_ATOMS: atom_id res chain seq x y z
N GLU A 125 3.05 -18.69 -21.88
CA GLU A 125 2.96 -17.20 -21.82
C GLU A 125 3.17 -16.51 -23.18
N PHE A 126 3.57 -15.24 -23.14
CA PHE A 126 3.58 -14.39 -24.32
C PHE A 126 4.85 -13.57 -24.46
N ASP A 127 5.00 -12.97 -25.63
CA ASP A 127 6.13 -12.14 -26.00
C ASP A 127 6.27 -10.90 -25.11
N ASN A 128 7.29 -10.89 -24.26
CA ASN A 128 7.63 -9.72 -23.46
C ASN A 128 8.65 -8.86 -24.17
N VAL A 129 8.97 -7.73 -23.57
CA VAL A 129 10.16 -6.96 -23.90
C VAL A 129 10.37 -6.03 -22.74
N GLU A 130 11.63 -5.82 -22.40
CA GLU A 130 11.97 -4.96 -21.29
C GLU A 130 11.85 -3.47 -21.59
N LEU A 131 11.29 -2.75 -20.63
CA LEU A 131 11.20 -1.30 -20.70
C LEU A 131 12.14 -0.74 -19.65
N LYS A 132 12.90 0.31 -19.99
CA LYS A 132 13.94 0.82 -19.08
C LYS A 132 13.79 2.32 -18.81
N ASP A 133 14.63 2.86 -17.93
CA ASP A 133 14.58 4.31 -17.64
C ASP A 133 15.28 5.13 -18.70
N LEU A 134 14.85 6.36 -18.85
CA LEU A 134 15.55 7.28 -19.74
C LEU A 134 16.79 7.83 -18.99
N ALA A 135 17.97 7.39 -19.44
CA ALA A 135 19.27 7.82 -18.94
C ALA A 135 19.29 9.30 -18.50
N ASN A 136 19.27 9.56 -17.21
CA ASN A 136 19.24 10.93 -16.73
C ASN A 136 20.17 11.18 -15.48
N VAL A 137 21.46 11.37 -15.71
CA VAL A 137 22.47 11.48 -14.62
C VAL A 137 22.23 12.66 -13.67
N LEU A 138 22.37 12.40 -12.38
CA LEU A 138 22.29 13.39 -11.31
C LEU A 138 23.39 13.12 -10.23
N SER A 139 23.41 13.86 -9.12
CA SER A 139 24.45 13.67 -8.08
C SER A 139 24.10 12.56 -7.15
N PHE A 140 24.12 11.36 -7.67
CA PHE A 140 23.62 10.23 -6.95
C PHE A 140 24.73 9.23 -7.27
N GLY A 141 25.34 8.66 -6.22
CA GLY A 141 26.37 7.66 -6.39
C GLY A 141 26.53 6.82 -5.16
N GLU A 142 27.40 5.84 -5.26
CA GLU A 142 27.76 4.95 -4.18
C GLU A 142 28.82 5.44 -3.21
N ALA A 143 28.64 5.11 -1.92
CA ALA A 143 29.65 5.22 -0.87
C ALA A 143 29.54 4.05 0.13
N LYS A 144 30.64 3.75 0.83
CA LYS A 144 30.75 2.55 1.69
C LYS A 144 30.95 2.93 3.16
N LEU A 145 30.40 2.13 4.08
CA LEU A 145 30.66 2.29 5.54
C LEU A 145 31.19 1.03 6.22
N GLY A 146 32.05 1.24 7.22
CA GLY A 146 32.63 0.15 8.03
C GLY A 146 33.77 -0.49 7.29
N ASP A 147 34.61 -1.24 7.98
CA ASP A 147 35.72 -1.92 7.29
C ASP A 147 35.30 -3.14 6.44
N ASN A 148 34.01 -3.48 6.48
CA ASN A 148 33.48 -4.51 5.55
C ASN A 148 32.69 -3.92 4.38
N GLY A 149 32.86 -2.62 4.14
CA GLY A 149 32.29 -1.93 2.99
C GLY A 149 30.79 -2.03 2.76
N GLN A 150 29.99 -1.75 3.80
CA GLN A 150 28.54 -1.66 3.62
C GLN A 150 28.22 -0.54 2.60
N LYS A 151 27.68 -0.93 1.45
CA LYS A 151 27.37 -0.05 0.30
C LYS A 151 25.99 0.60 0.37
N PHE A 152 25.92 1.87 -0.02
CA PHE A 152 24.69 2.68 -0.02
C PHE A 152 24.60 3.54 -1.28
N ASN A 153 23.35 3.78 -1.72
CA ASN A 153 23.12 4.75 -2.75
C ASN A 153 22.89 6.07 -2.08
N PHE A 154 23.78 7.04 -2.33
CA PHE A 154 23.67 8.37 -1.70
C PHE A 154 23.34 9.43 -2.71
N LEU A 155 22.51 10.37 -2.26
CA LEU A 155 22.44 11.68 -2.91
C LEU A 155 23.61 12.54 -2.36
N PHE A 156 24.59 12.82 -3.22
CA PHE A 156 25.76 13.60 -2.82
C PHE A 156 25.31 15.04 -2.82
N HIS A 157 25.11 15.56 -1.62
CA HIS A 157 24.22 16.66 -1.40
C HIS A 157 24.93 17.98 -1.03
N THR A 158 24.86 18.97 -1.90
CA THR A 158 25.66 20.15 -1.63
C THR A 158 24.96 21.06 -0.65
N ALA A 159 23.73 20.68 -0.27
CA ALA A 159 22.95 21.52 0.64
C ALA A 159 22.51 20.77 1.90
N SER A 160 23.30 19.78 2.28
CA SER A 160 23.17 19.12 3.58
C SER A 160 24.59 18.90 4.14
N SER A 161 24.73 19.00 5.46
CA SER A 161 26.03 18.85 6.11
C SER A 161 26.20 17.60 7.01
N ASN A 162 25.35 16.59 6.91
CA ASN A 162 25.67 15.37 7.65
C ASN A 162 25.63 14.23 6.67
N VAL A 163 26.25 13.11 7.01
CA VAL A 163 25.88 11.92 6.26
C VAL A 163 24.79 11.17 7.01
N TRP A 164 23.73 10.80 6.30
CA TRP A 164 22.60 10.13 6.94
C TRP A 164 22.41 8.82 6.26
N VAL A 165 22.16 7.78 7.03
CA VAL A 165 22.13 6.44 6.48
C VAL A 165 21.11 5.61 7.28
N PRO A 166 20.39 4.68 6.63
CA PRO A 166 19.36 3.90 7.38
C PRO A 166 20.00 2.96 8.37
N SER A 167 19.53 2.92 9.62
CA SER A 167 20.07 1.93 10.58
C SER A 167 19.46 0.55 10.34
N ILE A 168 20.23 -0.50 10.60
CA ILE A 168 19.68 -1.84 10.64
C ILE A 168 18.55 -1.81 11.68
N LYS A 169 18.62 -0.84 12.60
CA LYS A 169 17.70 -0.71 13.77
C LYS A 169 16.44 0.09 13.50
N CYS A 170 16.33 0.66 12.31
CA CYS A 170 15.18 1.47 11.95
C CYS A 170 13.89 0.65 11.99
N THR A 171 12.85 1.20 12.63
CA THR A 171 11.57 0.49 12.75
C THR A 171 10.50 0.98 11.77
N SER A 172 10.88 1.79 10.77
CA SER A 172 9.92 2.36 9.86
C SER A 172 9.71 1.46 8.64
N GLU A 173 8.51 1.50 8.09
CA GLU A 173 8.16 0.90 6.78
C GLU A 173 8.95 1.56 5.62
N SER A 174 9.23 2.86 5.72
CA SER A 174 10.18 3.53 4.81
C SER A 174 11.53 2.80 4.66
N CYS A 175 12.15 2.40 5.77
CA CYS A 175 13.43 1.70 5.80
C CYS A 175 13.46 0.28 5.22
N GLU A 176 12.31 -0.31 4.96
CA GLU A 176 12.27 -1.72 4.55
C GLU A 176 13.04 -2.07 3.27
N SER A 177 12.79 -1.36 2.18
CA SER A 177 13.38 -1.74 0.90
C SER A 177 14.89 -1.37 0.78
N LYS A 178 15.39 -0.59 1.74
CA LYS A 178 16.70 0.07 1.63
C LYS A 178 17.90 -0.70 2.15
N ASN A 179 19.10 -0.24 1.77
CA ASN A 179 20.35 -0.65 2.41
C ASN A 179 20.45 -0.12 3.83
N HIS A 180 20.98 -0.95 4.73
CA HIS A 180 21.13 -0.61 6.15
C HIS A 180 22.60 -0.62 6.63
N TYR A 181 22.87 0.19 7.65
CA TYR A 181 24.13 0.14 8.35
C TYR A 181 24.00 -0.71 9.59
N ASP A 182 24.86 -1.71 9.71
CA ASP A 182 24.87 -2.65 10.85
C ASP A 182 26.23 -2.57 11.54
N SER A 183 26.30 -1.77 12.62
CA SER A 183 27.57 -1.54 13.29
C SER A 183 28.21 -2.83 13.80
N SER A 184 27.38 -3.80 14.20
CA SER A 184 27.90 -5.05 14.73
C SER A 184 28.69 -5.84 13.69
N LYS A 185 28.57 -5.52 12.40
CA LYS A 185 29.32 -6.27 11.39
C LYS A 185 30.66 -5.58 11.02
N SER A 186 31.02 -4.53 11.74
CA SER A 186 32.20 -3.70 11.41
C SER A 186 33.22 -3.54 12.56
N LYS A 187 34.36 -4.21 12.43
CA LYS A 187 35.44 -4.08 13.39
C LYS A 187 35.89 -2.63 13.67
N THR A 188 35.68 -1.70 12.75
CA THR A 188 36.16 -0.30 12.93
C THR A 188 35.09 0.64 13.53
N TYR A 189 33.88 0.12 13.76
CA TYR A 189 32.78 0.84 14.42
C TYR A 189 33.19 1.40 15.80
N GLU A 190 33.01 2.70 16.00
CA GLU A 190 33.27 3.29 17.32
C GLU A 190 31.96 3.89 17.83
N LYS A 191 31.57 3.49 19.04
CA LYS A 191 30.23 3.79 19.53
C LYS A 191 30.12 5.24 19.92
N ASP A 192 29.00 5.84 19.57
CA ASP A 192 28.75 7.20 19.95
C ASP A 192 27.40 7.27 20.62
N ASP A 193 26.32 7.02 19.89
CA ASP A 193 24.95 6.94 20.44
C ASP A 193 24.28 8.27 20.81
N THR A 194 24.89 9.38 20.36
CA THR A 194 24.31 10.71 20.57
C THR A 194 23.02 10.82 19.76
N PRO A 195 21.92 11.12 20.45
CA PRO A 195 20.63 11.05 19.75
C PRO A 195 20.42 12.26 18.86
N VAL A 196 19.87 12.02 17.65
CA VAL A 196 19.32 13.10 16.83
C VAL A 196 17.84 12.91 16.41
N LYS A 197 17.15 14.04 16.32
CA LYS A 197 15.79 14.10 15.85
C LYS A 197 15.50 15.41 15.17
N LEU A 198 15.11 15.31 13.91
CA LEU A 198 14.62 16.45 13.13
C LEU A 198 13.15 16.33 12.93
N THR A 199 12.42 17.37 13.32
CA THR A 199 10.99 17.44 13.12
C THR A 199 10.58 18.73 12.48
N SER A 200 9.49 18.61 11.72
CA SER A 200 9.14 19.55 10.69
C SER A 200 7.64 19.48 10.63
N LYS A 201 7.06 20.64 10.29
CA LYS A 201 5.61 20.91 10.28
C LYS A 201 4.82 19.77 9.62
N ALA A 202 5.48 19.05 8.72
CA ALA A 202 5.17 17.69 8.40
C ALA A 202 6.47 17.15 7.78
N GLY A 203 7.04 16.19 8.57
CA GLY A 203 8.29 15.41 8.40
C GLY A 203 9.07 15.04 9.69
N THR A 204 9.42 13.76 9.90
CA THR A 204 10.32 13.41 11.03
C THR A 204 11.44 12.40 10.71
N ILE A 205 12.69 12.76 10.94
CA ILE A 205 13.68 11.72 10.95
C ILE A 205 14.49 11.73 12.26
N SER A 206 14.82 10.55 12.76
CA SER A 206 15.59 10.49 13.98
C SER A 206 16.48 9.28 14.01
N GLY A 207 17.57 9.39 14.78
CA GLY A 207 18.57 8.35 14.85
C GLY A 207 19.66 8.65 15.85
N ILE A 208 20.79 7.98 15.66
CA ILE A 208 21.91 8.11 16.55
C ILE A 208 23.16 8.39 15.72
N PHE A 209 24.04 9.21 16.27
CA PHE A 209 25.38 9.31 15.72
C PHE A 209 26.20 8.03 15.93
N SER A 210 26.98 7.64 14.91
CA SER A 210 27.97 6.54 15.02
C SER A 210 29.21 6.93 14.24
N LYS A 211 30.34 6.34 14.62
CA LYS A 211 31.60 6.61 13.93
C LYS A 211 32.11 5.33 13.32
N ASP A 212 32.46 5.38 12.05
CA ASP A 212 33.04 4.24 11.34
C ASP A 212 33.79 4.76 10.11
N LEU A 213 34.60 3.89 9.50
CA LEU A 213 35.20 4.20 8.19
C LEU A 213 34.09 4.62 7.21
N VAL A 214 34.27 5.78 6.58
CA VAL A 214 33.45 6.20 5.44
C VAL A 214 34.33 6.32 4.20
N THR A 215 33.92 5.63 3.13
CA THR A 215 34.68 5.50 1.90
C THR A 215 33.94 5.97 0.66
N ILE A 216 34.57 6.86 -0.10
CA ILE A 216 34.12 7.28 -1.42
C ILE A 216 35.27 6.95 -2.32
N GLY A 217 35.01 6.17 -3.35
CA GLY A 217 36.08 5.86 -4.30
C GLY A 217 37.22 5.14 -3.62
N LYS A 218 38.43 5.64 -3.78
CA LYS A 218 39.59 5.02 -3.17
C LYS A 218 39.92 5.78 -1.91
N LEU A 219 39.01 6.66 -1.48
CA LEU A 219 39.29 7.49 -0.32
C LEU A 219 38.46 7.03 0.88
N SER A 220 39.09 7.05 2.04
CA SER A 220 38.56 6.46 3.24
C SER A 220 39.13 7.08 4.52
N VAL A 221 38.21 7.42 5.43
CA VAL A 221 38.54 8.04 6.71
C VAL A 221 37.45 7.75 7.76
N PRO A 222 37.81 7.63 9.07
CA PRO A 222 36.74 7.53 10.08
C PRO A 222 35.94 8.82 10.13
N TYR A 223 34.62 8.70 10.22
CA TYR A 223 33.78 9.85 10.14
C TYR A 223 32.47 9.58 10.91
N LYS A 224 31.90 10.62 11.52
CA LYS A 224 30.64 10.53 12.29
C LYS A 224 29.42 10.74 11.39
N PHE A 225 28.65 9.67 11.24
CA PHE A 225 27.45 9.74 10.47
C PHE A 225 26.24 9.54 11.36
N ILE A 226 25.05 9.75 10.80
CA ILE A 226 23.79 9.50 11.49
C ILE A 226 23.14 8.24 10.92
N GLU A 227 22.96 7.21 11.76
CA GLU A 227 22.16 5.99 11.45
C GLU A 227 20.73 6.37 11.76
N MET A 228 19.90 6.37 10.76
CA MET A 228 18.53 6.85 10.94
C MET A 228 17.75 5.68 11.45
N THR A 229 16.95 5.98 12.45
CA THR A 229 16.28 4.97 13.24
C THR A 229 14.74 5.07 13.10
N GLU A 230 14.30 6.18 12.49
CA GLU A 230 12.91 6.47 12.22
C GLU A 230 12.85 7.50 11.08
N ILE A 231 12.08 7.17 10.03
CA ILE A 231 11.93 8.00 8.85
C ILE A 231 10.47 8.13 8.50
N VAL A 232 9.95 9.32 8.72
CA VAL A 232 8.49 9.49 8.61
C VAL A 232 8.18 10.75 7.84
N GLY A 233 7.34 10.62 6.82
CA GLY A 233 6.78 11.77 6.12
C GLY A 233 7.19 11.93 4.66
N PHE A 234 7.94 10.98 4.12
CA PHE A 234 8.53 11.17 2.79
C PHE A 234 8.16 10.05 1.83
N GLU A 235 7.04 9.41 2.14
CA GLU A 235 6.43 8.44 1.22
C GLU A 235 5.40 9.08 0.32
N PRO A 236 5.17 8.50 -0.88
CA PRO A 236 5.83 7.26 -1.38
C PRO A 236 7.16 7.52 -2.09
N PHE A 237 7.59 8.77 -2.11
CA PHE A 237 8.69 9.17 -2.94
C PHE A 237 9.99 8.47 -2.53
N TYR A 238 10.22 8.37 -1.24
CA TYR A 238 11.40 7.70 -0.74
C TYR A 238 11.51 6.23 -1.18
N SER A 239 10.49 5.42 -0.90
CA SER A 239 10.58 4.02 -1.27
CA SER A 239 10.56 4.01 -1.27
C SER A 239 10.55 3.80 -2.78
N GLU A 240 10.02 4.76 -3.54
CA GLU A 240 10.03 4.61 -5.01
C GLU A 240 11.38 4.99 -5.64
N SER A 241 12.25 5.65 -4.89
CA SER A 241 13.56 5.95 -5.44
C SER A 241 14.51 4.89 -4.92
N ASP A 242 15.60 4.68 -5.63
CA ASP A 242 16.60 3.80 -5.06
C ASP A 242 17.70 4.58 -4.31
N VAL A 243 17.37 5.74 -3.75
CA VAL A 243 18.33 6.41 -2.88
C VAL A 243 18.18 5.84 -1.47
N ASP A 244 19.30 5.53 -0.80
CA ASP A 244 19.23 5.11 0.59
C ASP A 244 19.35 6.27 1.57
N GLY A 245 20.26 7.21 1.31
CA GLY A 245 20.50 8.30 2.30
C GLY A 245 21.16 9.51 1.70
N VAL A 246 21.55 10.46 2.57
CA VAL A 246 22.21 11.67 2.07
C VAL A 246 23.68 11.74 2.46
N PHE A 247 24.51 12.03 1.47
CA PHE A 247 25.91 12.24 1.77
C PHE A 247 26.20 13.73 1.72
N GLY A 248 26.08 14.41 2.86
CA GLY A 248 26.23 15.84 2.95
C GLY A 248 27.58 16.34 2.44
N LEU A 249 27.56 17.41 1.67
CA LEU A 249 28.80 18.05 1.16
C LEU A 249 28.72 19.55 1.40
N GLY A 250 28.01 19.93 2.46
CA GLY A 250 27.73 21.32 2.80
C GLY A 250 28.72 21.80 3.83
N TRP A 251 28.36 22.83 4.57
CA TRP A 251 29.33 23.43 5.48
C TRP A 251 29.09 23.09 6.93
N LYS A 252 30.11 23.30 7.75
CA LYS A 252 30.06 22.95 9.16
C LYS A 252 28.94 23.61 9.97
N ASP A 253 28.68 24.87 9.73
CA ASP A 253 27.63 25.57 10.51
C ASP A 253 26.22 25.01 10.39
N LEU A 254 25.94 24.25 9.35
CA LEU A 254 24.67 23.56 9.31
C LEU A 254 24.85 22.06 9.61
N SER A 255 25.97 21.61 10.12
CA SER A 255 26.03 20.19 10.50
CA SER A 255 26.06 20.22 10.51
C SER A 255 25.49 20.00 11.91
N ILE A 256 24.55 19.07 12.01
CA ILE A 256 24.06 18.69 13.32
C ILE A 256 25.28 18.15 14.09
N GLY A 257 25.52 18.74 15.26
CA GLY A 257 26.60 18.23 16.06
C GLY A 257 27.90 18.95 15.80
N SER A 258 27.88 19.86 14.81
CA SER A 258 29.03 20.71 14.51
CA SER A 258 29.03 20.70 14.46
C SER A 258 30.21 19.86 14.00
N ILE A 259 29.91 18.78 13.28
CA ILE A 259 30.92 17.88 12.72
C ILE A 259 31.60 18.45 11.48
N ASP A 260 32.93 18.36 11.39
CA ASP A 260 33.63 18.74 10.14
C ASP A 260 33.06 17.99 8.94
N PRO A 261 32.83 18.74 7.85
CA PRO A 261 32.39 18.13 6.61
C PRO A 261 33.36 17.01 6.21
N TYR A 262 32.79 15.95 5.63
CA TYR A 262 33.57 14.80 5.19
C TYR A 262 34.86 15.14 4.43
N ILE A 263 34.79 16.09 3.51
CA ILE A 263 35.93 16.42 2.67
C ILE A 263 37.04 17.13 3.43
N VAL A 264 36.64 17.96 4.40
CA VAL A 264 37.56 18.66 5.29
C VAL A 264 38.27 17.66 6.18
N GLU A 265 37.51 16.64 6.60
CA GLU A 265 38.07 15.57 7.44
C GLU A 265 39.10 14.77 6.69
N LEU A 266 38.84 14.47 5.40
CA LEU A 266 39.85 13.85 4.53
C LEU A 266 41.13 14.62 4.56
N LYS A 267 41.01 15.95 4.49
CA LYS A 267 42.21 16.79 4.48
C LYS A 267 42.89 16.82 5.82
N THR A 268 42.14 16.92 6.90
CA THR A 268 42.74 16.93 8.23
C THR A 268 43.54 15.65 8.39
N GLN A 269 43.04 14.55 7.82
CA GLN A 269 43.66 13.24 8.00
C GLN A 269 44.71 12.88 6.91
N ASN A 270 45.11 13.91 6.16
CA ASN A 270 46.04 13.83 5.03
C ASN A 270 45.68 12.81 3.99
N LYS A 271 44.38 12.62 3.75
CA LYS A 271 43.96 11.76 2.64
C LYS A 271 44.14 12.52 1.33
N ILE A 272 44.00 13.84 1.42
CA ILE A 272 44.10 14.68 0.26
C ILE A 272 44.80 15.94 0.67
N GLU A 273 45.33 16.62 -0.34
CA GLU A 273 46.00 17.89 -0.14
C GLU A 273 45.04 19.06 -0.06
N GLN A 274 44.05 19.12 -0.97
CA GLN A 274 43.11 20.24 -0.97
C GLN A 274 41.69 19.78 -0.67
N ALA A 275 41.03 20.51 0.23
CA ALA A 275 39.65 20.28 0.59
C ALA A 275 38.80 20.95 -0.48
N VAL A 276 38.71 20.26 -1.59
CA VAL A 276 37.95 20.74 -2.73
C VAL A 276 37.29 19.53 -3.36
N TYR A 277 36.12 19.76 -3.93
CA TYR A 277 35.50 18.75 -4.78
C TYR A 277 34.79 19.41 -5.94
N SER A 278 34.35 18.60 -6.88
CA SER A 278 33.60 19.17 -7.96
C SER A 278 32.57 18.18 -8.43
N ILE A 279 31.53 18.73 -9.06
CA ILE A 279 30.45 17.95 -9.59
C ILE A 279 30.32 18.18 -11.09
N TYR A 280 30.40 17.11 -11.84
CA TYR A 280 30.21 17.19 -13.27
C TYR A 280 29.02 16.31 -13.71
N LEU A 281 28.02 16.95 -14.30
CA LEU A 281 26.93 16.25 -14.94
C LEU A 281 27.22 16.32 -16.44
N PRO A 282 26.97 15.21 -17.17
CA PRO A 282 27.23 15.23 -18.62
C PRO A 282 26.26 16.18 -19.32
N PRO A 283 26.79 17.21 -20.01
CA PRO A 283 25.88 18.31 -20.39
C PRO A 283 24.89 17.89 -21.46
N GLU A 284 25.20 16.82 -22.18
CA GLU A 284 24.32 16.35 -23.25
C GLU A 284 24.04 14.86 -23.08
N ASN A 285 23.97 14.41 -21.83
CA ASN A 285 24.04 12.99 -21.54
C ASN A 285 25.08 12.31 -22.44
N LYS A 286 24.73 11.20 -23.08
CA LYS A 286 25.70 10.52 -23.96
C LYS A 286 27.16 10.66 -23.41
N ASN A 287 27.41 10.04 -22.25
CA ASN A 287 28.56 10.36 -21.37
C ASN A 287 28.26 10.02 -19.88
N LYS A 288 29.28 9.74 -19.07
CA LYS A 288 29.02 9.51 -17.64
C LYS A 288 29.31 10.69 -16.71
N GLY A 289 28.63 10.77 -15.56
CA GLY A 289 28.80 11.92 -14.63
C GLY A 289 29.78 11.65 -13.49
N TYR A 290 30.38 12.70 -12.91
CA TYR A 290 31.37 12.48 -11.88
C TYR A 290 31.38 13.45 -10.72
N LEU A 291 31.67 12.91 -9.54
CA LEU A 291 32.05 13.70 -8.37
C LEU A 291 33.57 13.46 -8.19
N THR A 292 34.33 14.53 -8.14
CA THR A 292 35.75 14.44 -8.03
C THR A 292 36.16 15.12 -6.72
N ILE A 293 37.02 14.44 -5.98
CA ILE A 293 37.48 14.96 -4.71
C ILE A 293 38.97 15.25 -4.80
N GLY A 294 39.38 16.41 -4.31
CA GLY A 294 40.80 16.68 -4.04
C GLY A 294 41.55 17.47 -5.10
N GLY A 295 40.92 17.73 -6.23
CA GLY A 295 41.55 18.55 -7.29
C GLY A 295 40.64 18.80 -8.48
N ILE A 296 41.18 19.49 -9.48
CA ILE A 296 40.40 19.91 -10.61
C ILE A 296 40.78 19.15 -11.89
N GLU A 297 39.83 18.42 -12.47
CA GLU A 297 40.06 17.78 -13.78
C GLU A 297 39.69 18.74 -14.90
N GLU A 298 40.70 19.24 -15.65
CA GLU A 298 40.43 20.03 -16.86
C GLU A 298 39.60 19.30 -17.90
N ARG A 299 39.70 17.97 -17.99
CA ARG A 299 38.93 17.21 -19.00
C ARG A 299 37.41 17.56 -19.04
N PHE A 300 36.84 18.02 -17.90
CA PHE A 300 35.41 18.25 -17.72
C PHE A 300 34.83 19.57 -18.24
N PHE A 301 35.69 20.51 -18.62
CA PHE A 301 35.18 21.82 -18.96
C PHE A 301 35.99 22.53 -20.00
N ASP A 302 35.42 23.64 -20.45
CA ASP A 302 35.94 24.49 -21.51
C ASP A 302 35.96 25.92 -21.05
N GLY A 303 36.97 26.68 -21.46
CA GLY A 303 36.99 28.06 -21.06
C GLY A 303 37.41 28.17 -19.62
N PRO A 304 37.37 29.39 -19.09
CA PRO A 304 38.01 29.51 -17.80
C PRO A 304 37.10 29.06 -16.66
N LEU A 305 37.73 28.82 -15.53
CA LEU A 305 37.04 28.53 -14.33
C LEU A 305 36.88 29.88 -13.64
N ASN A 306 35.67 30.36 -13.42
CA ASN A 306 35.53 31.56 -12.62
C ASN A 306 35.16 31.29 -11.17
N TYR A 307 35.84 31.97 -10.26
CA TYR A 307 35.55 31.73 -8.85
C TYR A 307 34.70 32.85 -8.29
N GLU A 308 33.78 32.52 -7.37
CA GLU A 308 33.08 33.56 -6.64
C GLU A 308 33.20 33.34 -5.17
N LYS A 309 33.30 34.43 -4.39
CA LYS A 309 33.44 34.31 -2.93
C LYS A 309 32.10 33.87 -2.38
N LEU A 310 32.07 33.07 -1.30
CA LEU A 310 30.80 32.76 -0.63
C LEU A 310 30.29 34.01 0.08
N ASN A 311 29.00 34.31 0.10
CA ASN A 311 28.60 35.45 0.96
C ASN A 311 28.66 35.12 2.45
N HIS A 312 28.41 33.88 2.79
CA HIS A 312 28.45 33.44 4.18
C HIS A 312 28.67 31.92 4.17
N ASP A 313 29.50 31.46 5.07
CA ASP A 313 29.88 30.04 5.25
CA ASP A 313 29.89 30.05 5.23
C ASP A 313 28.74 29.07 5.56
N LEU A 314 27.49 29.54 5.59
CA LEU A 314 26.40 28.64 5.92
C LEU A 314 26.30 27.56 4.89
N MET A 315 26.24 27.93 3.61
CA MET A 315 26.16 26.95 2.55
C MET A 315 26.95 27.45 1.37
N TRP A 316 26.88 26.70 0.28
CA TRP A 316 27.51 27.13 -0.94
C TRP A 316 26.62 28.15 -1.57
N GLN A 317 26.77 29.39 -1.14
CA GLN A 317 25.88 30.44 -1.53
C GLN A 317 26.66 31.72 -1.82
N VAL A 318 26.26 32.39 -2.90
CA VAL A 318 26.99 33.55 -3.44
CA VAL A 318 26.99 33.54 -3.43
C VAL A 318 26.07 34.77 -3.58
N ASP A 319 26.61 35.99 -3.43
CA ASP A 319 25.85 37.21 -3.77
C ASP A 319 25.88 37.39 -5.29
N LEU A 320 24.71 37.47 -5.92
CA LEU A 320 24.55 37.65 -7.35
C LEU A 320 23.34 38.55 -7.64
N ASP A 321 23.42 39.33 -8.73
CA ASP A 321 22.28 40.13 -9.15
C ASP A 321 21.50 39.33 -10.17
N VAL A 322 20.26 38.97 -9.86
CA VAL A 322 19.54 38.19 -10.87
C VAL A 322 18.52 38.98 -11.73
N HIS A 323 18.53 38.67 -13.03
CA HIS A 323 17.78 39.41 -14.02
C HIS A 323 17.02 38.41 -14.83
N PHE A 324 15.77 38.76 -15.11
CA PHE A 324 14.93 37.99 -16.01
C PHE A 324 13.99 38.94 -16.79
N GLY A 325 14.25 39.11 -18.10
CA GLY A 325 13.57 40.20 -18.81
C GLY A 325 13.75 41.55 -18.08
N ASN A 326 12.67 42.28 -17.84
CA ASN A 326 12.81 43.55 -17.15
C ASN A 326 12.98 43.48 -15.63
N VAL A 327 12.90 42.29 -15.05
CA VAL A 327 12.90 42.19 -13.62
C VAL A 327 14.26 41.83 -13.08
N SER A 328 14.63 42.46 -11.97
CA SER A 328 15.90 42.20 -11.39
C SER A 328 15.86 42.20 -9.89
N SER A 329 16.82 41.50 -9.31
CA SER A 329 16.89 41.40 -7.89
C SER A 329 18.36 41.55 -7.56
N LYS A 330 18.66 42.73 -7.02
CA LYS A 330 20.02 43.03 -6.64
C LYS A 330 20.46 42.34 -5.36
N LYS A 331 21.71 41.87 -5.37
CA LYS A 331 22.40 41.30 -4.21
C LYS A 331 21.56 40.18 -3.61
N ALA A 332 21.11 39.27 -4.47
CA ALA A 332 20.36 38.13 -4.06
C ALA A 332 21.31 37.08 -3.50
N ASN A 333 20.77 36.25 -2.61
CA ASN A 333 21.47 35.09 -2.06
C ASN A 333 21.18 33.92 -2.98
N VAL A 334 22.19 33.35 -3.64
CA VAL A 334 21.90 32.19 -4.48
C VAL A 334 22.68 30.96 -4.06
N ILE A 335 21.97 29.84 -3.89
CA ILE A 335 22.43 28.64 -3.24
C ILE A 335 22.59 27.55 -4.24
N LEU A 336 23.74 26.90 -4.29
CA LEU A 336 23.82 25.67 -5.07
C LEU A 336 23.28 24.45 -4.30
N ASP A 337 22.42 23.67 -4.93
CA ASP A 337 21.75 22.60 -4.26
C ASP A 337 21.60 21.48 -5.23
N SER A 338 22.51 20.53 -5.14
CA SER A 338 22.56 19.40 -6.05
C SER A 338 21.36 18.45 -5.95
N ALA A 339 20.43 18.74 -5.06
CA ALA A 339 19.32 17.84 -4.76
C ALA A 339 17.93 18.29 -5.33
N THR A 340 17.83 19.49 -5.92
CA THR A 340 16.68 19.83 -6.78
C THR A 340 17.00 19.71 -8.23
N SER A 341 15.98 19.33 -8.99
CA SER A 341 16.09 19.28 -10.44
C SER A 341 15.39 20.48 -11.06
N VAL A 342 15.36 21.57 -10.33
CA VAL A 342 14.58 22.71 -10.63
C VAL A 342 15.46 23.99 -10.41
N ILE A 343 14.99 25.13 -10.92
CA ILE A 343 15.56 26.44 -10.63
C ILE A 343 14.50 27.16 -9.83
N THR A 344 14.90 27.89 -8.84
CA THR A 344 13.95 28.43 -7.92
C THR A 344 14.12 29.92 -7.90
N VAL A 345 13.03 30.62 -7.66
CA VAL A 345 13.03 32.06 -7.66
C VAL A 345 12.06 32.50 -6.56
N PRO A 346 12.34 33.65 -5.88
CA PRO A 346 11.33 34.11 -4.90
C PRO A 346 9.97 34.43 -5.56
N THR A 347 8.88 34.25 -4.79
CA THR A 347 7.53 34.52 -5.27
CA THR A 347 7.54 34.52 -5.33
C THR A 347 7.41 35.95 -5.83
N GLU A 348 7.91 36.93 -5.08
CA GLU A 348 7.93 38.34 -5.49
C GLU A 348 8.66 38.57 -6.84
N PHE A 349 9.71 37.82 -7.13
CA PHE A 349 10.43 38.02 -8.37
C PHE A 349 9.59 37.53 -9.58
N PHE A 350 9.00 36.36 -9.40
CA PHE A 350 8.10 35.78 -10.35
C PHE A 350 6.85 36.65 -10.53
N ASN A 351 6.28 37.19 -9.45
CA ASN A 351 5.10 38.10 -9.60
C ASN A 351 5.44 39.33 -10.42
N GLN A 352 6.68 39.81 -10.22
CA GLN A 352 7.17 40.97 -10.93
C GLN A 352 7.29 40.65 -12.41
N PHE A 353 7.73 39.45 -12.73
CA PHE A 353 7.85 39.08 -14.11
C PHE A 353 6.46 38.95 -14.76
N VAL A 354 5.50 38.33 -14.05
CA VAL A 354 4.10 38.31 -14.46
C VAL A 354 3.54 39.72 -14.75
N GLU A 355 3.77 40.65 -13.83
CA GLU A 355 3.30 42.02 -13.97
C GLU A 355 3.93 42.66 -15.19
N SER A 356 5.25 42.47 -15.36
CA SER A 356 5.94 43.07 -16.49
C SER A 356 5.46 42.46 -17.82
N ALA A 357 5.08 41.19 -17.80
CA ALA A 357 4.49 40.51 -18.94
C ALA A 357 3.14 41.12 -19.31
N SER A 358 2.44 41.69 -18.33
CA SER A 358 1.12 42.36 -18.53
C SER A 358 1.00 43.29 -19.74
N VAL A 359 2.13 43.90 -20.11
CA VAL A 359 2.19 44.80 -21.29
C VAL A 359 1.99 44.00 -22.59
N PHE A 360 2.05 42.67 -22.51
CA PHE A 360 1.98 41.72 -23.63
C PHE A 360 3.28 41.78 -24.45
N LEU A 365 -2.05 34.29 -19.57
CA LEU A 365 -1.50 33.99 -18.23
C LEU A 365 -0.64 32.72 -18.20
N SER A 366 -0.55 32.01 -19.32
CA SER A 366 0.40 30.87 -19.45
C SER A 366 1.22 30.90 -20.77
N LEU A 367 2.49 31.34 -20.81
CA LEU A 367 3.32 31.89 -19.70
C LEU A 367 3.92 30.88 -18.67
N TYR A 368 3.39 29.64 -18.66
CA TYR A 368 3.95 28.50 -17.93
C TYR A 368 4.23 27.38 -18.94
N VAL A 369 3.31 27.25 -19.90
CA VAL A 369 3.48 26.37 -21.04
C VAL A 369 3.73 27.22 -22.30
N THR A 370 4.65 26.77 -23.15
CA THR A 370 4.96 27.45 -24.39
C THR A 370 5.42 26.42 -25.43
N THR A 371 5.85 26.92 -26.59
CA THR A 371 6.43 26.13 -27.68
C THR A 371 7.84 25.70 -27.32
N CYS A 372 8.21 24.44 -27.58
CA CYS A 372 9.65 24.10 -27.45
C CYS A 372 10.46 24.72 -28.58
N GLY A 373 11.66 25.17 -28.23
CA GLY A 373 12.48 25.93 -29.17
C GLY A 373 11.79 27.25 -29.43
N ASN A 374 11.30 27.86 -28.36
CA ASN A 374 10.84 29.21 -28.49
C ASN A 374 12.03 30.03 -28.02
N THR A 375 12.54 30.82 -28.93
CA THR A 375 13.75 31.59 -28.65
C THR A 375 13.37 33.01 -28.14
N LYS A 376 12.17 33.50 -28.51
CA LYS A 376 11.65 34.77 -28.02
C LYS A 376 11.33 34.85 -26.49
N LEU A 377 12.13 34.21 -25.65
CA LEU A 377 11.91 34.24 -24.21
C LEU A 377 13.19 34.81 -23.58
N PRO A 378 13.06 35.44 -22.40
CA PRO A 378 14.23 36.05 -21.79
C PRO A 378 15.26 34.99 -21.34
N THR A 379 16.47 35.45 -21.08
CA THR A 379 17.52 34.61 -20.58
C THR A 379 17.66 34.95 -19.13
N LEU A 380 17.87 33.94 -18.32
CA LEU A 380 18.04 34.12 -16.91
C LEU A 380 19.54 34.45 -16.67
N GLU A 381 19.81 35.59 -16.05
CA GLU A 381 21.21 36.07 -15.88
C GLU A 381 21.49 36.16 -14.42
N TYR A 382 22.61 35.58 -13.98
CA TYR A 382 23.07 35.71 -12.58
C TYR A 382 24.40 36.46 -12.63
N ARG A 383 24.38 37.76 -12.30
CA ARG A 383 25.56 38.63 -12.48
C ARG A 383 26.41 38.76 -11.23
N SER A 384 27.65 38.33 -11.30
CA SER A 384 28.60 38.58 -10.23
C SER A 384 29.36 39.86 -10.56
N PRO A 385 30.26 40.30 -9.68
CA PRO A 385 30.94 41.51 -10.04
C PRO A 385 31.89 41.31 -11.22
N ASN A 386 32.27 40.09 -11.60
CA ASN A 386 33.12 39.96 -12.84
CA ASN A 386 33.16 39.92 -12.78
C ASN A 386 32.71 38.93 -13.86
N LYS A 387 31.57 38.30 -13.65
CA LYS A 387 31.10 37.29 -14.60
C LYS A 387 29.59 37.22 -14.52
N VAL A 388 28.96 37.07 -15.68
CA VAL A 388 27.56 36.78 -15.76
C VAL A 388 27.32 35.31 -16.17
N TYR A 389 26.56 34.55 -15.35
CA TYR A 389 26.21 33.13 -15.64
C TYR A 389 24.80 33.11 -16.17
N THR A 390 24.54 32.29 -17.17
CA THR A 390 23.23 32.39 -17.79
C THR A 390 22.60 31.06 -18.04
N LEU A 391 21.27 31.07 -18.08
CA LEU A 391 20.49 29.93 -18.45
C LEU A 391 19.53 30.44 -19.51
N GLU A 392 19.68 29.96 -20.73
CA GLU A 392 18.82 30.31 -21.83
C GLU A 392 17.52 29.49 -21.84
N PRO A 393 16.50 29.90 -22.65
CA PRO A 393 15.30 29.03 -22.71
C PRO A 393 15.60 27.56 -22.89
N LYS A 394 16.61 27.21 -23.67
CA LYS A 394 16.83 25.78 -23.80
C LYS A 394 17.48 25.09 -22.55
N GLN A 395 18.01 25.88 -21.60
CA GLN A 395 18.37 25.33 -20.28
C GLN A 395 17.20 25.26 -19.29
N TYR A 396 16.21 26.14 -19.43
CA TYR A 396 15.19 26.17 -18.39
C TYR A 396 13.80 25.65 -18.84
N LEU A 397 13.74 25.05 -20.02
CA LEU A 397 12.48 24.59 -20.61
C LEU A 397 12.50 23.08 -20.53
N GLU A 398 11.38 22.46 -20.18
CA GLU A 398 11.28 20.98 -20.09
C GLU A 398 10.13 20.55 -20.94
N PRO A 399 10.34 19.55 -21.79
CA PRO A 399 9.30 19.17 -22.73
C PRO A 399 8.13 18.42 -22.07
N LEU A 400 6.95 18.51 -22.65
CA LEU A 400 5.83 17.82 -22.08
C LEU A 400 5.75 16.39 -22.56
N GLU A 401 6.14 16.14 -23.83
CA GLU A 401 6.27 14.77 -24.37
C GLU A 401 7.76 14.36 -24.33
N ASN A 402 8.03 13.07 -24.18
CA ASN A 402 9.41 12.60 -23.98
C ASN A 402 10.18 12.30 -25.28
N ILE A 403 9.54 12.51 -26.43
CA ILE A 403 10.22 12.47 -27.72
C ILE A 403 9.57 13.49 -28.65
N PHE A 404 10.37 14.22 -29.43
CA PHE A 404 9.85 15.15 -30.44
C PHE A 404 8.71 16.04 -29.92
N SER A 405 8.90 16.61 -28.74
CA SER A 405 7.86 17.32 -28.03
C SER A 405 7.60 18.69 -28.61
N ALA A 406 6.37 18.92 -29.04
CA ALA A 406 5.90 20.23 -29.48
C ALA A 406 5.86 21.33 -28.38
N LEU A 407 5.43 20.97 -27.17
CA LEU A 407 5.23 21.97 -26.11
C LEU A 407 6.18 21.73 -24.96
N CYS A 408 6.45 22.81 -24.22
CA CYS A 408 7.43 22.83 -23.15
C CYS A 408 6.89 23.60 -21.96
N MET A 409 7.46 23.38 -20.77
CA MET A 409 7.07 24.07 -19.54
C MET A 409 8.29 24.75 -18.94
N LEU A 410 8.10 25.90 -18.28
CA LEU A 410 9.12 26.57 -17.45
C LEU A 410 9.58 25.75 -16.23
N ASN A 411 10.88 25.46 -16.14
CA ASN A 411 11.40 24.72 -15.03
C ASN A 411 11.93 25.72 -14.00
N ILE A 412 11.29 26.87 -13.93
CA ILE A 412 11.59 27.90 -12.96
C ILE A 412 10.46 27.90 -11.95
N VAL A 413 10.71 27.56 -10.69
CA VAL A 413 9.60 27.46 -9.79
C VAL A 413 9.57 28.50 -8.70
N PRO A 414 8.47 29.22 -8.62
CA PRO A 414 8.48 30.25 -7.57
C PRO A 414 8.21 29.64 -6.20
N ILE A 415 9.04 29.98 -5.22
CA ILE A 415 8.93 29.45 -3.87
C ILE A 415 9.79 30.28 -2.96
N ASP A 416 9.23 30.70 -1.81
CA ASP A 416 10.04 31.44 -0.81
C ASP A 416 10.66 30.48 0.19
N LEU A 417 11.99 30.50 0.19
CA LEU A 417 12.80 29.70 1.11
C LEU A 417 13.36 30.58 2.21
N GLU A 418 14.06 31.65 1.84
CA GLU A 418 14.54 32.68 2.78
C GLU A 418 14.55 33.99 2.03
N LYS A 419 14.74 35.07 2.78
CA LYS A 419 14.82 36.38 2.21
C LYS A 419 15.68 36.36 0.94
N ASN A 420 15.17 36.98 -0.11
CA ASN A 420 15.94 37.09 -1.33
C ASN A 420 16.67 35.86 -1.82
N THR A 421 16.12 34.67 -1.66
CA THR A 421 16.91 33.53 -1.98
C THR A 421 16.42 32.75 -3.20
N PHE A 422 17.40 32.37 -4.02
CA PHE A 422 17.23 31.65 -5.24
C PHE A 422 18.03 30.37 -5.13
N VAL A 423 17.53 29.30 -5.69
CA VAL A 423 18.32 28.05 -5.63
C VAL A 423 18.66 27.58 -7.01
N LEU A 424 19.82 26.99 -7.14
CA LEU A 424 20.26 26.52 -8.41
C LEU A 424 20.42 25.02 -8.27
N GLY A 425 19.54 24.27 -8.93
CA GLY A 425 19.77 22.84 -9.00
C GLY A 425 20.41 22.29 -10.28
N ASP A 426 20.11 21.04 -10.57
CA ASP A 426 20.45 20.36 -11.82
C ASP A 426 20.50 21.18 -13.10
N PRO A 427 19.44 21.95 -13.41
CA PRO A 427 19.47 22.54 -14.78
C PRO A 427 20.67 23.50 -14.94
N PHE A 428 21.07 24.14 -13.83
CA PHE A 428 22.28 24.94 -13.80
C PHE A 428 23.54 24.05 -13.91
N MET A 429 23.60 23.00 -13.09
CA MET A 429 24.79 22.13 -13.03
C MET A 429 24.98 21.31 -14.32
N ARG A 430 23.92 21.14 -15.10
CA ARG A 430 24.08 20.53 -16.40
C ARG A 430 24.86 21.44 -17.36
N LYS A 431 24.71 22.75 -17.26
CA LYS A 431 25.49 23.63 -18.09
C LYS A 431 26.85 23.96 -17.45
N TYR A 432 26.84 24.24 -16.16
CA TYR A 432 28.06 24.60 -15.45
C TYR A 432 28.68 23.49 -14.59
N PHE A 433 29.85 23.01 -14.99
CA PHE A 433 30.73 22.28 -14.10
C PHE A 433 30.94 23.18 -12.89
N THR A 434 30.80 22.64 -11.67
CA THR A 434 30.91 23.50 -10.48
C THR A 434 31.96 22.93 -9.56
N VAL A 435 32.74 23.81 -8.94
CA VAL A 435 33.85 23.42 -8.04
C VAL A 435 33.56 24.03 -6.68
N TYR A 436 33.76 23.25 -5.62
CA TYR A 436 33.37 23.67 -4.27
C TYR A 436 34.66 23.69 -3.47
N ASP A 437 35.11 24.87 -3.06
CA ASP A 437 36.45 24.98 -2.49
C ASP A 437 36.39 25.45 -1.05
N TYR A 438 36.64 24.50 -0.14
CA TYR A 438 36.59 24.79 1.31
C TYR A 438 37.78 25.58 1.79
N ASP A 439 38.97 25.26 1.26
CA ASP A 439 40.20 25.95 1.66
C ASP A 439 40.02 27.44 1.40
N ASN A 440 39.48 27.80 0.22
CA ASN A 440 39.39 29.17 -0.20
C ASN A 440 38.04 29.84 -0.03
N HIS A 441 37.04 29.09 0.44
CA HIS A 441 35.67 29.64 0.61
C HIS A 441 35.09 30.18 -0.69
N THR A 442 35.16 29.38 -1.73
CA THR A 442 34.71 29.81 -3.04
C THR A 442 34.01 28.68 -3.76
N VAL A 443 33.23 29.10 -4.76
CA VAL A 443 32.66 28.23 -5.80
C VAL A 443 33.25 28.62 -7.16
N GLY A 444 33.64 27.63 -7.94
CA GLY A 444 34.09 27.84 -9.32
C GLY A 444 33.09 27.33 -10.37
N PHE A 445 32.95 28.07 -11.47
CA PHE A 445 32.02 27.71 -12.54
C PHE A 445 32.72 27.68 -13.86
N ALA A 446 32.41 26.68 -14.65
CA ALA A 446 32.91 26.66 -16.01
C ALA A 446 31.92 25.87 -16.88
N LEU A 447 31.96 26.12 -18.19
CA LEU A 447 31.10 25.42 -19.12
C LEU A 447 31.50 23.96 -19.18
N ALA A 448 30.58 23.10 -18.74
CA ALA A 448 30.75 21.66 -18.86
C ALA A 448 30.91 21.26 -20.33
N LYS A 449 31.75 20.26 -20.56
CA LYS A 449 32.19 19.78 -21.88
C LYS A 449 31.83 18.31 -21.99
N ASN A 450 31.68 17.79 -23.21
CA ASN A 450 31.58 16.32 -23.35
C ASN A 450 32.89 15.57 -23.11
N LEU A 451 32.76 14.34 -22.61
CA LEU A 451 33.87 13.42 -22.19
C LEU A 451 34.61 13.84 -20.92
N GLU B 125 45.99 12.83 -11.68
CA GLU B 125 44.68 12.14 -11.48
C GLU B 125 44.24 12.41 -10.05
N PHE B 126 42.92 12.42 -9.84
CA PHE B 126 42.29 12.68 -8.55
C PHE B 126 41.17 11.67 -8.39
N ASP B 127 40.62 11.57 -7.19
CA ASP B 127 39.58 10.60 -6.95
C ASP B 127 38.20 11.01 -7.54
N ASN B 128 37.72 10.22 -8.50
CA ASN B 128 36.49 10.43 -9.26
C ASN B 128 35.53 9.29 -8.88
N VAL B 129 34.32 9.57 -8.41
CA VAL B 129 33.35 8.49 -8.30
C VAL B 129 32.20 8.70 -9.28
N GLU B 130 31.80 7.63 -9.97
CA GLU B 130 30.72 7.68 -10.96
C GLU B 130 29.35 8.09 -10.39
N LEU B 131 28.72 9.06 -11.04
CA LEU B 131 27.35 9.41 -10.73
C LEU B 131 26.37 8.56 -11.53
N LYS B 132 25.19 8.35 -10.97
CA LYS B 132 24.21 7.52 -11.63
C LYS B 132 23.01 8.39 -11.94
N ASP B 133 22.10 7.85 -12.74
CA ASP B 133 20.77 8.41 -12.91
C ASP B 133 19.85 7.71 -11.95
N LEU B 134 18.65 8.24 -11.73
CA LEU B 134 17.70 7.56 -10.89
C LEU B 134 16.92 6.47 -11.66
N ALA B 135 16.55 5.44 -10.92
CA ALA B 135 15.58 4.46 -11.35
C ALA B 135 14.27 5.19 -11.70
N ASN B 136 14.02 5.38 -13.01
CA ASN B 136 12.71 5.86 -13.49
C ASN B 136 12.20 5.31 -14.86
N VAL B 137 11.33 4.30 -14.83
CA VAL B 137 10.91 3.56 -16.06
C VAL B 137 9.73 4.16 -16.84
N LEU B 138 9.85 4.18 -18.17
CA LEU B 138 8.74 4.56 -19.04
C LEU B 138 8.70 3.64 -20.26
N SER B 139 7.84 3.92 -21.25
CA SER B 139 7.61 3.02 -22.38
C SER B 139 8.72 3.19 -23.40
N PHE B 140 9.90 2.89 -22.91
CA PHE B 140 11.15 3.01 -23.61
C PHE B 140 11.64 1.58 -23.66
N GLY B 141 12.07 1.13 -24.84
CA GLY B 141 12.54 -0.25 -24.97
C GLY B 141 13.16 -0.56 -26.30
N GLU B 142 13.69 -1.77 -26.41
CA GLU B 142 14.39 -2.13 -27.64
C GLU B 142 13.51 -2.90 -28.61
N ALA B 143 13.54 -2.49 -29.89
CA ALA B 143 13.00 -3.31 -30.98
C ALA B 143 14.14 -3.52 -31.99
N LYS B 144 13.88 -4.30 -33.06
CA LYS B 144 14.88 -4.55 -34.12
C LYS B 144 14.36 -4.37 -35.57
N LEU B 145 15.21 -3.81 -36.45
CA LEU B 145 14.90 -3.68 -37.89
C LEU B 145 15.85 -4.48 -38.80
N GLY B 146 15.30 -5.08 -39.86
CA GLY B 146 16.11 -5.84 -40.83
C GLY B 146 16.53 -7.23 -40.39
N ASP B 147 16.87 -8.09 -41.36
CA ASP B 147 17.19 -9.48 -41.06
C ASP B 147 18.61 -9.66 -40.52
N ASN B 148 19.27 -8.55 -40.23
CA ASN B 148 20.56 -8.61 -39.57
C ASN B 148 20.45 -8.02 -38.16
N GLY B 149 19.20 -7.83 -37.73
CA GLY B 149 18.85 -7.41 -36.38
C GLY B 149 19.39 -6.06 -35.94
N GLN B 150 19.14 -5.02 -36.73
CA GLN B 150 19.57 -3.65 -36.40
C GLN B 150 18.80 -3.11 -35.18
N LYS B 151 19.50 -2.87 -34.08
CA LYS B 151 18.86 -2.50 -32.79
C LYS B 151 18.60 -0.98 -32.62
N PHE B 152 17.47 -0.62 -32.00
CA PHE B 152 17.17 0.78 -31.70
C PHE B 152 16.50 0.88 -30.34
N ASN B 153 16.46 2.10 -29.82
CA ASN B 153 15.73 2.41 -28.62
C ASN B 153 14.48 3.18 -29.01
N PHE B 154 13.32 2.60 -28.72
CA PHE B 154 12.07 3.17 -29.15
C PHE B 154 11.28 3.70 -27.99
N LEU B 155 10.64 4.84 -28.20
CA LEU B 155 9.51 5.19 -27.37
C LEU B 155 8.24 4.55 -27.99
N PHE B 156 7.69 3.56 -27.27
CA PHE B 156 6.49 2.86 -27.69
C PHE B 156 5.31 3.78 -27.41
N HIS B 157 4.84 4.46 -28.46
CA HIS B 157 3.96 5.61 -28.30
C HIS B 157 2.52 5.21 -28.54
N THR B 158 1.69 5.30 -27.50
CA THR B 158 0.30 4.90 -27.63
C THR B 158 -0.53 5.95 -28.34
N ALA B 159 0.05 7.11 -28.56
CA ALA B 159 -0.69 8.15 -29.22
C ALA B 159 -0.02 8.55 -30.54
N SER B 160 0.58 7.56 -31.21
CA SER B 160 1.11 7.73 -32.56
C SER B 160 1.00 6.42 -33.32
N SER B 161 0.95 6.48 -34.65
CA SER B 161 0.61 5.28 -35.43
C SER B 161 1.57 4.98 -36.59
N ASN B 162 2.79 5.48 -36.49
CA ASN B 162 3.86 5.02 -37.38
C ASN B 162 5.09 4.58 -36.60
N VAL B 163 5.99 3.83 -37.23
CA VAL B 163 7.32 3.69 -36.63
C VAL B 163 8.31 4.54 -37.39
N TRP B 164 9.06 5.37 -36.64
CA TRP B 164 10.03 6.27 -37.22
C TRP B 164 11.41 5.97 -36.69
N VAL B 165 12.39 5.95 -37.59
CA VAL B 165 13.74 5.57 -37.22
C VAL B 165 14.86 6.45 -37.91
N PRO B 166 15.93 6.82 -37.16
CA PRO B 166 17.08 7.46 -37.83
C PRO B 166 17.67 6.62 -38.98
N SER B 167 17.64 7.17 -40.19
CA SER B 167 18.15 6.52 -41.39
C SER B 167 19.66 6.74 -41.48
N ILE B 168 20.38 5.81 -42.11
CA ILE B 168 21.83 6.00 -42.32
C ILE B 168 22.13 7.26 -43.14
N LYS B 169 21.19 7.71 -43.98
CA LYS B 169 21.38 8.89 -44.87
C LYS B 169 21.09 10.26 -44.23
N CYS B 170 20.48 10.27 -43.04
CA CYS B 170 20.09 11.53 -42.39
C CYS B 170 21.22 12.61 -42.34
N THR B 171 21.04 13.71 -43.07
CA THR B 171 22.03 14.80 -43.15
C THR B 171 22.04 15.76 -41.95
N SER B 172 21.27 15.44 -40.92
CA SER B 172 21.01 16.35 -39.80
C SER B 172 21.91 16.05 -38.60
N GLU B 173 22.43 17.11 -37.97
CA GLU B 173 23.35 16.94 -36.86
C GLU B 173 22.72 16.14 -35.72
N SER B 174 21.46 16.44 -35.39
CA SER B 174 20.59 15.61 -34.53
C SER B 174 20.94 14.12 -34.55
N CYS B 175 21.12 13.61 -35.77
CA CYS B 175 21.21 12.19 -36.06
C CYS B 175 22.53 11.53 -35.69
N GLU B 176 23.60 12.35 -35.58
CA GLU B 176 24.98 11.87 -35.45
C GLU B 176 25.14 10.66 -34.52
N SER B 177 24.98 10.87 -33.22
CA SER B 177 25.26 9.81 -32.24
C SER B 177 24.05 8.89 -31.95
N LYS B 178 23.12 8.78 -32.90
CA LYS B 178 21.97 7.87 -32.79
C LYS B 178 22.30 6.48 -33.33
N ASN B 179 21.30 5.60 -33.27
CA ASN B 179 21.34 4.37 -34.04
C ASN B 179 20.76 4.60 -35.43
N HIS B 180 21.28 3.86 -36.40
CA HIS B 180 20.91 4.09 -37.79
C HIS B 180 20.34 2.82 -38.43
N TYR B 181 19.47 3.02 -39.41
CA TYR B 181 18.94 1.94 -40.23
C TYR B 181 19.56 1.98 -41.63
N ASP B 182 20.23 0.89 -41.98
CA ASP B 182 21.02 0.78 -43.19
C ASP B 182 20.37 -0.31 -44.06
N SER B 183 19.60 0.13 -45.06
CA SER B 183 18.80 -0.77 -45.89
C SER B 183 19.61 -1.70 -46.82
N SER B 184 20.91 -1.40 -46.94
CA SER B 184 21.86 -2.20 -47.71
C SER B 184 22.47 -3.39 -46.93
N LYS B 185 22.46 -3.34 -45.59
CA LYS B 185 22.93 -4.46 -44.74
C LYS B 185 21.84 -5.51 -44.42
N SER B 186 20.59 -5.21 -44.75
CA SER B 186 19.52 -6.17 -44.51
C SER B 186 19.00 -6.78 -45.80
N LYS B 187 19.20 -8.09 -45.92
CA LYS B 187 18.78 -8.87 -47.09
C LYS B 187 17.24 -9.01 -47.28
N THR B 188 16.45 -8.51 -46.32
CA THR B 188 14.97 -8.56 -46.39
C THR B 188 14.29 -7.19 -46.65
N TYR B 189 15.10 -6.19 -46.98
CA TYR B 189 14.62 -4.83 -47.25
C TYR B 189 13.90 -4.66 -48.60
N GLU B 190 12.85 -3.85 -48.58
CA GLU B 190 12.01 -3.56 -49.74
C GLU B 190 11.86 -2.05 -49.95
N LYS B 191 12.11 -1.62 -51.18
CA LYS B 191 12.00 -0.22 -51.60
C LYS B 191 10.55 0.26 -51.58
N ASP B 192 10.35 1.48 -51.09
CA ASP B 192 9.01 2.09 -51.09
C ASP B 192 9.20 3.55 -51.47
N ASP B 193 10.03 4.25 -50.70
CA ASP B 193 10.53 5.56 -51.07
C ASP B 193 9.50 6.70 -51.08
N THR B 194 8.26 6.43 -50.67
CA THR B 194 7.24 7.49 -50.64
C THR B 194 7.68 8.57 -49.64
N PRO B 195 7.96 9.80 -50.14
CA PRO B 195 8.46 10.84 -49.25
C PRO B 195 7.37 11.32 -48.30
N VAL B 196 7.79 11.80 -47.13
CA VAL B 196 6.88 12.41 -46.19
C VAL B 196 7.60 13.51 -45.38
N LYS B 197 6.91 14.62 -45.13
CA LYS B 197 7.43 15.71 -44.30
C LYS B 197 6.37 16.15 -43.27
N LEU B 198 6.75 16.14 -41.99
CA LEU B 198 5.93 16.61 -40.88
C LEU B 198 6.55 17.80 -40.17
N THR B 199 5.72 18.77 -39.81
CA THR B 199 6.22 20.00 -39.19
C THR B 199 5.37 20.43 -38.00
N SER B 200 6.05 20.78 -36.91
CA SER B 200 5.41 21.31 -35.71
C SER B 200 5.70 22.77 -35.61
N LYS B 201 4.95 23.41 -34.70
CA LYS B 201 5.19 24.79 -34.27
C LYS B 201 6.62 24.89 -33.72
N ALA B 202 7.25 23.71 -33.62
CA ALA B 202 8.37 23.42 -32.73
C ALA B 202 9.54 22.79 -33.44
N GLY B 203 9.26 22.12 -34.55
CA GLY B 203 10.25 21.32 -35.25
C GLY B 203 9.70 20.69 -36.51
N THR B 204 10.59 20.14 -37.33
CA THR B 204 10.24 19.61 -38.66
C THR B 204 10.96 18.29 -38.91
N ILE B 205 10.25 17.36 -39.51
CA ILE B 205 10.78 16.03 -39.71
C ILE B 205 10.39 15.47 -41.09
N SER B 206 11.38 15.19 -41.94
CA SER B 206 11.15 14.61 -43.28
C SER B 206 11.92 13.30 -43.49
N GLY B 207 11.34 12.37 -44.23
CA GLY B 207 11.96 11.07 -44.48
C GLY B 207 11.34 10.34 -45.65
N ILE B 208 11.74 9.09 -45.82
CA ILE B 208 11.13 8.19 -46.82
C ILE B 208 10.52 6.89 -46.21
N PHE B 209 9.55 6.27 -46.89
CA PHE B 209 8.97 5.00 -46.41
C PHE B 209 9.80 3.77 -46.81
N SER B 210 10.02 2.84 -45.88
CA SER B 210 10.67 1.54 -46.15
C SER B 210 9.93 0.34 -45.55
N LYS B 211 10.15 -0.83 -46.13
CA LYS B 211 9.62 -2.05 -45.55
C LYS B 211 10.75 -3.00 -45.28
N ASP B 212 10.62 -3.78 -44.21
CA ASP B 212 11.62 -4.75 -43.78
C ASP B 212 11.07 -5.46 -42.56
N LEU B 213 11.84 -6.43 -42.07
CA LEU B 213 11.54 -7.08 -40.80
C LEU B 213 11.56 -6.06 -39.67
N VAL B 214 10.52 -6.12 -38.84
CA VAL B 214 10.42 -5.34 -37.61
C VAL B 214 10.18 -6.36 -36.51
N THR B 215 10.96 -6.29 -35.43
CA THR B 215 10.97 -7.33 -34.41
C THR B 215 10.93 -6.74 -33.02
N ILE B 216 10.05 -7.27 -32.16
CA ILE B 216 10.09 -6.97 -30.74
C ILE B 216 10.24 -8.34 -30.13
N GLY B 217 11.23 -8.54 -29.26
CA GLY B 217 11.55 -9.86 -28.71
C GLY B 217 11.60 -11.00 -29.72
N LYS B 218 10.64 -11.93 -29.62
CA LYS B 218 10.52 -13.11 -30.51
C LYS B 218 9.70 -12.90 -31.81
N LEU B 219 8.88 -11.84 -31.88
CA LEU B 219 7.96 -11.72 -33.00
C LEU B 219 8.48 -10.79 -34.08
N SER B 220 8.19 -11.15 -35.32
CA SER B 220 8.78 -10.49 -36.50
CA SER B 220 8.78 -10.49 -36.50
C SER B 220 7.82 -10.56 -37.69
N VAL B 221 7.61 -9.41 -38.33
CA VAL B 221 6.73 -9.31 -39.50
C VAL B 221 7.19 -8.18 -40.44
N PRO B 222 6.97 -8.31 -41.76
CA PRO B 222 7.41 -7.17 -42.57
C PRO B 222 6.48 -5.97 -42.38
N TYR B 223 7.07 -4.80 -42.18
CA TYR B 223 6.28 -3.63 -41.83
C TYR B 223 6.73 -2.33 -42.51
N LYS B 224 5.77 -1.46 -42.83
CA LYS B 224 6.04 -0.20 -43.54
C LYS B 224 6.39 0.89 -42.55
N PHE B 225 7.66 1.30 -42.51
CA PHE B 225 8.12 2.36 -41.58
C PHE B 225 8.71 3.60 -42.28
N ILE B 226 8.94 4.65 -41.51
CA ILE B 226 9.54 5.89 -42.00
C ILE B 226 11.01 6.04 -41.56
N GLU B 227 11.91 6.08 -42.54
CA GLU B 227 13.31 6.38 -42.32
C GLU B 227 13.49 7.91 -42.23
N MET B 228 13.96 8.38 -41.09
CA MET B 228 14.18 9.80 -40.90
C MET B 228 15.48 10.20 -41.58
N THR B 229 15.42 11.35 -42.24
CA THR B 229 16.43 11.77 -43.20
C THR B 229 16.82 13.26 -43.00
N GLU B 230 15.87 14.03 -42.50
CA GLU B 230 16.13 15.37 -41.99
C GLU B 230 15.29 15.62 -40.73
N ILE B 231 15.96 15.98 -39.64
CA ILE B 231 15.25 16.30 -38.39
C ILE B 231 15.74 17.65 -37.93
N VAL B 232 14.86 18.65 -38.03
CA VAL B 232 15.14 19.99 -37.57
C VAL B 232 14.20 20.30 -36.41
N GLY B 233 14.73 20.88 -35.33
CA GLY B 233 13.91 21.57 -34.30
C GLY B 233 13.35 20.83 -33.08
N PHE B 234 14.15 19.97 -32.46
CA PHE B 234 13.68 19.31 -31.22
C PHE B 234 14.80 19.25 -30.14
N GLU B 235 15.53 20.35 -29.99
CA GLU B 235 16.80 20.34 -29.24
C GLU B 235 16.73 21.17 -27.96
N PRO B 236 17.61 20.86 -27.00
CA PRO B 236 18.59 19.81 -27.01
C PRO B 236 18.03 18.46 -26.56
N PHE B 237 16.70 18.38 -26.39
CA PHE B 237 16.08 17.16 -25.87
C PHE B 237 16.33 15.94 -26.75
N TYR B 238 16.14 16.05 -28.05
CA TYR B 238 16.35 14.88 -28.88
C TYR B 238 17.77 14.31 -28.76
N SER B 239 18.80 15.13 -29.03
CA SER B 239 20.19 14.63 -28.95
C SER B 239 20.66 14.31 -27.51
N GLU B 240 20.11 15.02 -26.52
CA GLU B 240 20.31 14.68 -25.11
C GLU B 240 19.88 13.30 -24.59
N SER B 241 18.87 12.66 -25.21
CA SER B 241 18.42 11.36 -24.70
C SER B 241 18.94 10.23 -25.56
N ASP B 242 18.85 9.02 -25.02
CA ASP B 242 19.29 7.81 -25.70
C ASP B 242 18.09 7.15 -26.39
N VAL B 243 17.12 7.94 -26.81
CA VAL B 243 16.02 7.41 -27.63
C VAL B 243 16.29 7.69 -29.09
N ASP B 244 16.14 6.66 -29.93
CA ASP B 244 16.36 6.82 -31.36
C ASP B 244 15.09 7.29 -32.10
N GLY B 245 13.97 6.64 -31.85
CA GLY B 245 12.74 6.89 -32.62
C GLY B 245 11.42 6.57 -31.93
N VAL B 246 10.34 6.56 -32.70
CA VAL B 246 9.06 6.19 -32.14
C VAL B 246 8.53 4.92 -32.78
N PHE B 247 7.96 4.07 -31.94
CA PHE B 247 7.31 2.87 -32.41
C PHE B 247 5.85 3.10 -32.04
N GLY B 248 5.12 3.79 -32.92
CA GLY B 248 3.71 4.10 -32.70
C GLY B 248 2.89 2.85 -32.44
N LEU B 249 1.94 2.93 -31.52
CA LEU B 249 1.04 1.82 -31.30
C LEU B 249 -0.40 2.25 -31.24
N GLY B 250 -0.71 3.37 -31.89
CA GLY B 250 -2.08 3.84 -32.05
C GLY B 250 -2.86 3.08 -33.11
N TRP B 251 -3.97 3.68 -33.55
CA TRP B 251 -4.90 3.06 -34.48
C TRP B 251 -4.65 3.51 -35.91
N LYS B 252 -5.09 2.68 -36.86
CA LYS B 252 -4.88 2.88 -38.30
C LYS B 252 -5.16 4.31 -38.79
N ASP B 253 -6.30 4.90 -38.43
CA ASP B 253 -6.77 6.18 -39.03
C ASP B 253 -6.01 7.43 -38.58
N LEU B 254 -5.08 7.26 -37.66
CA LEU B 254 -4.32 8.38 -37.14
C LEU B 254 -2.95 8.42 -37.80
N SER B 255 -2.65 7.40 -38.60
CA SER B 255 -1.32 7.23 -39.17
C SER B 255 -1.19 7.84 -40.58
N ILE B 256 0.05 8.14 -40.96
CA ILE B 256 0.37 8.59 -42.31
C ILE B 256 0.49 7.38 -43.22
N GLY B 257 -0.12 7.46 -44.40
CA GLY B 257 -0.06 6.38 -45.36
C GLY B 257 -1.10 5.33 -45.08
N SER B 258 -1.89 5.55 -44.03
CA SER B 258 -3.07 4.73 -43.77
C SER B 258 -2.74 3.23 -43.46
N ILE B 259 -1.61 2.99 -42.77
CA ILE B 259 -1.09 1.62 -42.54
C ILE B 259 -1.83 0.92 -41.39
N ASP B 260 -1.95 -0.42 -41.47
CA ASP B 260 -2.49 -1.23 -40.33
C ASP B 260 -1.50 -1.23 -39.15
N PRO B 261 -2.00 -1.02 -37.92
CA PRO B 261 -1.05 -0.99 -36.78
C PRO B 261 -0.28 -2.31 -36.64
N TYR B 262 1.00 -2.19 -36.25
CA TYR B 262 1.91 -3.34 -36.11
C TYR B 262 1.30 -4.65 -35.55
N ILE B 263 0.56 -4.52 -34.46
CA ILE B 263 0.08 -5.68 -33.72
C ILE B 263 -1.07 -6.36 -34.44
N VAL B 264 -1.94 -5.57 -35.09
CA VAL B 264 -2.93 -6.10 -36.04
C VAL B 264 -2.22 -6.92 -37.13
N GLU B 265 -1.10 -6.36 -37.62
CA GLU B 265 -0.28 -7.00 -38.61
C GLU B 265 0.26 -8.36 -38.14
N LEU B 266 0.71 -8.44 -36.87
CA LEU B 266 1.05 -9.75 -36.29
C LEU B 266 -0.10 -10.82 -36.35
N LYS B 267 -1.31 -10.40 -36.03
CA LYS B 267 -2.51 -11.22 -36.16
C LYS B 267 -2.80 -11.62 -37.64
N THR B 268 -2.70 -10.66 -38.55
CA THR B 268 -2.88 -10.93 -39.98
C THR B 268 -1.99 -12.08 -40.41
N GLN B 269 -0.72 -12.04 -40.01
CA GLN B 269 0.24 -13.06 -40.41
C GLN B 269 0.28 -14.23 -39.42
N ASN B 270 -0.73 -14.33 -38.56
CA ASN B 270 -0.84 -15.43 -37.60
CA ASN B 270 -0.86 -15.43 -37.59
C ASN B 270 0.40 -15.64 -36.75
N LYS B 271 1.13 -14.56 -36.47
CA LYS B 271 2.26 -14.65 -35.57
C LYS B 271 1.74 -14.65 -34.12
N ILE B 272 0.60 -13.97 -33.92
CA ILE B 272 -0.16 -13.99 -32.65
C ILE B 272 -1.64 -14.23 -32.94
N GLU B 273 -2.38 -14.68 -31.94
CA GLU B 273 -3.82 -15.02 -32.06
C GLU B 273 -4.76 -13.83 -31.79
N GLN B 274 -4.39 -12.96 -30.87
CA GLN B 274 -5.30 -11.87 -30.48
C GLN B 274 -4.65 -10.52 -30.61
N ALA B 275 -5.26 -9.62 -31.36
CA ALA B 275 -4.68 -8.28 -31.51
C ALA B 275 -4.76 -7.40 -30.21
N VAL B 276 -3.81 -7.68 -29.31
CA VAL B 276 -3.80 -7.07 -27.98
C VAL B 276 -2.35 -6.88 -27.49
N TYR B 277 -2.11 -5.77 -26.77
CA TYR B 277 -0.84 -5.57 -26.08
C TYR B 277 -1.06 -4.87 -24.77
N SER B 278 -0.06 -4.90 -23.91
CA SER B 278 -0.17 -4.28 -22.58
C SER B 278 1.15 -3.66 -22.12
N ILE B 279 1.04 -2.56 -21.39
CA ILE B 279 2.16 -1.87 -20.79
C ILE B 279 2.12 -2.01 -19.26
N TYR B 280 3.16 -2.61 -18.72
CA TYR B 280 3.32 -2.61 -17.30
C TYR B 280 4.49 -1.72 -17.00
N LEU B 281 4.26 -0.69 -16.18
CA LEU B 281 5.33 0.11 -15.60
C LEU B 281 5.37 -0.21 -14.14
N PRO B 282 6.57 -0.44 -13.60
CA PRO B 282 6.67 -0.89 -12.24
C PRO B 282 6.27 0.25 -11.33
N PRO B 283 5.27 0.00 -10.46
CA PRO B 283 4.64 1.03 -9.66
C PRO B 283 5.54 1.62 -8.58
N GLU B 284 6.67 0.96 -8.27
CA GLU B 284 7.65 1.50 -7.33
C GLU B 284 9.10 1.38 -7.81
N ASN B 285 9.31 1.18 -9.12
CA ASN B 285 10.67 0.96 -9.64
C ASN B 285 11.41 -0.05 -8.79
N LYS B 286 10.85 -1.25 -8.61
CA LYS B 286 11.57 -2.28 -7.86
C LYS B 286 12.03 -3.39 -8.82
N ASN B 287 11.76 -3.19 -10.11
CA ASN B 287 11.84 -4.26 -11.12
C ASN B 287 11.71 -3.69 -12.54
N LYS B 288 11.81 -4.59 -13.52
CA LYS B 288 12.12 -4.23 -14.91
C LYS B 288 11.10 -3.42 -15.77
N GLY B 289 9.78 -3.50 -15.56
CA GLY B 289 8.81 -2.90 -16.53
C GLY B 289 8.73 -3.68 -17.86
N TYR B 290 7.55 -3.80 -18.48
CA TYR B 290 7.40 -4.66 -19.71
C TYR B 290 6.32 -4.31 -20.71
N LEU B 291 6.58 -4.62 -21.97
CA LEU B 291 5.54 -4.57 -22.97
C LEU B 291 5.21 -6.00 -23.42
N THR B 292 3.93 -6.40 -23.37
CA THR B 292 3.58 -7.79 -23.62
C THR B 292 2.64 -7.80 -24.83
N ILE B 293 2.85 -8.72 -25.76
CA ILE B 293 2.02 -8.80 -26.94
C ILE B 293 1.35 -10.17 -27.02
N GLY B 294 0.07 -10.18 -27.36
CA GLY B 294 -0.64 -11.42 -27.67
C GLY B 294 -1.51 -12.00 -26.57
N GLY B 295 -1.37 -11.46 -25.34
CA GLY B 295 -2.11 -12.00 -24.20
C GLY B 295 -1.87 -11.23 -22.90
N ILE B 296 -2.66 -11.56 -21.89
CA ILE B 296 -2.67 -10.84 -20.63
C ILE B 296 -1.97 -11.62 -19.51
N GLU B 297 -0.86 -11.06 -18.99
CA GLU B 297 -0.10 -11.70 -17.91
C GLU B 297 -0.62 -11.23 -16.56
N GLU B 298 -1.21 -12.16 -15.79
CA GLU B 298 -1.80 -11.81 -14.49
C GLU B 298 -0.77 -11.41 -13.44
N ARG B 299 0.51 -11.77 -13.67
CA ARG B 299 1.60 -11.40 -12.78
C ARG B 299 1.69 -9.88 -12.58
N PHE B 300 1.25 -9.08 -13.56
CA PHE B 300 1.37 -7.62 -13.53
C PHE B 300 0.38 -6.82 -12.68
N PHE B 301 -0.75 -7.40 -12.28
CA PHE B 301 -1.78 -6.59 -11.62
C PHE B 301 -2.50 -7.26 -10.50
N ASP B 302 -3.11 -6.43 -9.67
CA ASP B 302 -4.09 -6.88 -8.69
C ASP B 302 -5.53 -6.52 -9.07
N GLY B 303 -6.49 -7.10 -8.32
CA GLY B 303 -7.93 -6.70 -8.31
C GLY B 303 -8.48 -6.99 -9.67
N PRO B 304 -9.56 -6.30 -10.04
CA PRO B 304 -10.18 -6.53 -11.36
C PRO B 304 -9.42 -5.88 -12.54
N LEU B 305 -9.47 -6.51 -13.71
CA LEU B 305 -9.15 -5.85 -14.96
C LEU B 305 -10.45 -5.38 -15.60
N ASN B 306 -10.54 -4.08 -15.88
CA ASN B 306 -11.75 -3.47 -16.35
C ASN B 306 -11.62 -2.78 -17.67
N TYR B 307 -12.44 -3.18 -18.62
CA TYR B 307 -12.46 -2.58 -19.93
C TYR B 307 -13.47 -1.43 -20.05
N GLU B 308 -13.05 -0.36 -20.72
CA GLU B 308 -13.95 0.69 -21.20
C GLU B 308 -14.00 0.70 -22.73
N LYS B 309 -15.16 1.04 -23.30
CA LYS B 309 -15.29 1.10 -24.76
C LYS B 309 -14.63 2.37 -25.29
N LEU B 310 -13.95 2.30 -26.44
CA LEU B 310 -13.37 3.50 -27.09
C LEU B 310 -14.46 4.41 -27.66
N ASN B 311 -14.39 5.72 -27.40
CA ASN B 311 -15.36 6.64 -28.01
C ASN B 311 -15.04 6.96 -29.48
N HIS B 312 -13.86 6.54 -29.95
CA HIS B 312 -13.39 6.79 -31.32
CA HIS B 312 -13.39 6.79 -31.32
C HIS B 312 -12.28 5.82 -31.69
N ASP B 313 -12.19 5.47 -32.97
CA ASP B 313 -11.09 4.61 -33.40
C ASP B 313 -9.88 5.42 -33.84
N LEU B 314 -9.69 6.59 -33.23
CA LEU B 314 -8.53 7.45 -33.51
C LEU B 314 -7.37 7.12 -32.58
N MET B 315 -7.43 7.62 -31.36
CA MET B 315 -6.48 7.26 -30.33
C MET B 315 -7.05 6.20 -29.40
N TRP B 316 -6.29 5.83 -28.38
CA TRP B 316 -6.85 5.07 -27.29
C TRP B 316 -7.57 6.04 -26.33
N GLN B 317 -8.81 6.38 -26.67
CA GLN B 317 -9.59 7.39 -25.97
C GLN B 317 -10.98 6.89 -25.56
N VAL B 318 -11.38 7.33 -24.37
CA VAL B 318 -12.50 6.74 -23.63
C VAL B 318 -13.32 7.88 -23.01
N ASP B 319 -14.63 7.71 -22.90
CA ASP B 319 -15.47 8.71 -22.18
C ASP B 319 -15.48 8.47 -20.66
N LEU B 320 -15.14 9.49 -19.87
CA LEU B 320 -15.07 9.37 -18.41
C LEU B 320 -15.54 10.69 -17.79
N ASP B 321 -16.24 10.64 -16.66
CA ASP B 321 -16.54 11.87 -15.91
C ASP B 321 -15.41 12.13 -14.98
N VAL B 322 -14.77 13.28 -15.14
CA VAL B 322 -13.65 13.59 -14.27
C VAL B 322 -14.02 14.55 -13.17
N HIS B 323 -13.55 14.21 -11.97
CA HIS B 323 -13.79 14.90 -10.72
C HIS B 323 -12.45 15.18 -10.04
N PHE B 324 -12.32 16.40 -9.50
CA PHE B 324 -11.14 16.85 -8.80
C PHE B 324 -11.67 17.78 -7.74
N GLY B 325 -11.89 17.25 -6.53
CA GLY B 325 -12.54 17.99 -5.48
C GLY B 325 -13.94 18.27 -5.94
N ASN B 326 -14.43 19.49 -5.67
CA ASN B 326 -15.69 19.97 -6.16
C ASN B 326 -15.79 20.27 -7.66
N VAL B 327 -14.71 20.14 -8.43
CA VAL B 327 -14.84 20.47 -9.84
C VAL B 327 -15.07 19.23 -10.66
N SER B 328 -15.89 19.33 -11.69
CA SER B 328 -16.15 18.13 -12.48
C SER B 328 -16.45 18.42 -13.89
N SER B 329 -16.17 17.45 -14.74
CA SER B 329 -16.52 17.64 -16.11
C SER B 329 -17.07 16.34 -16.65
N LYS B 330 -18.35 16.35 -17.02
CA LYS B 330 -19.05 15.12 -17.39
C LYS B 330 -18.71 14.72 -18.79
N LYS B 331 -18.61 13.42 -19.03
CA LYS B 331 -18.38 12.86 -20.37
C LYS B 331 -17.21 13.51 -21.14
N ALA B 332 -16.07 13.64 -20.46
CA ALA B 332 -14.83 14.16 -21.01
C ALA B 332 -14.18 13.19 -21.97
N ASN B 333 -13.36 13.69 -22.89
CA ASN B 333 -12.68 12.83 -23.84
C ASN B 333 -11.31 12.49 -23.28
N VAL B 334 -11.08 11.25 -22.87
CA VAL B 334 -9.84 11.01 -22.16
C VAL B 334 -8.90 10.04 -22.83
N ILE B 335 -7.66 10.52 -23.01
CA ILE B 335 -6.68 9.90 -23.90
C ILE B 335 -5.46 9.34 -23.18
N LEU B 336 -5.17 8.07 -23.44
CA LEU B 336 -3.92 7.45 -23.04
C LEU B 336 -2.73 7.89 -23.91
N ASP B 337 -1.65 8.35 -23.29
CA ASP B 337 -0.48 8.82 -24.08
C ASP B 337 0.84 8.46 -23.39
N SER B 338 1.42 7.34 -23.82
CA SER B 338 2.60 6.80 -23.12
C SER B 338 3.84 7.67 -23.32
N ALA B 339 3.70 8.79 -24.02
CA ALA B 339 4.80 9.69 -24.29
C ALA B 339 4.92 10.87 -23.30
N THR B 340 3.82 11.18 -22.61
CA THR B 340 3.87 12.27 -21.63
C THR B 340 4.19 11.74 -20.26
N SER B 341 4.83 12.57 -19.45
CA SER B 341 5.13 12.17 -18.06
C SER B 341 4.32 13.08 -17.18
N VAL B 342 3.30 13.66 -17.77
CA VAL B 342 2.40 14.56 -17.08
C VAL B 342 0.94 14.05 -17.10
N ILE B 343 0.10 14.55 -16.20
CA ILE B 343 -1.38 14.56 -16.37
C ILE B 343 -1.86 15.86 -16.97
N THR B 344 -2.84 15.78 -17.84
CA THR B 344 -3.31 16.96 -18.58
C THR B 344 -4.81 17.19 -18.41
N VAL B 345 -5.19 18.46 -18.44
CA VAL B 345 -6.52 18.93 -18.06
C VAL B 345 -6.83 20.22 -18.85
N PRO B 346 -8.09 20.48 -19.27
CA PRO B 346 -8.35 21.80 -19.92
C PRO B 346 -8.02 23.01 -19.02
N THR B 347 -7.64 24.13 -19.65
CA THR B 347 -7.39 25.39 -18.96
C THR B 347 -8.51 25.76 -18.02
N GLU B 348 -9.74 25.77 -18.51
CA GLU B 348 -10.88 26.16 -17.67
C GLU B 348 -11.04 25.20 -16.48
N PHE B 349 -10.90 23.90 -16.72
CA PHE B 349 -10.89 22.92 -15.64
C PHE B 349 -9.85 23.27 -14.57
N PHE B 350 -8.63 23.53 -15.04
CA PHE B 350 -7.55 23.94 -14.17
C PHE B 350 -7.87 25.27 -13.44
N ASN B 351 -8.55 26.21 -14.11
CA ASN B 351 -8.90 27.45 -13.42
C ASN B 351 -9.92 27.21 -12.33
N GLN B 352 -10.97 26.47 -12.67
CA GLN B 352 -11.99 26.11 -11.69
C GLN B 352 -11.36 25.45 -10.45
N PHE B 353 -10.40 24.55 -10.65
CA PHE B 353 -9.73 23.93 -9.47
C PHE B 353 -8.91 24.93 -8.63
N VAL B 354 -8.15 25.80 -9.28
CA VAL B 354 -7.42 26.86 -8.60
C VAL B 354 -8.37 27.71 -7.76
N GLU B 355 -9.50 28.06 -8.35
CA GLU B 355 -10.47 28.87 -7.63
C GLU B 355 -11.14 28.03 -6.51
N SER B 356 -11.49 26.79 -6.84
CA SER B 356 -12.13 25.96 -5.83
C SER B 356 -11.17 25.62 -4.66
N ALA B 357 -9.91 25.31 -4.99
CA ALA B 357 -8.86 25.17 -3.98
C ALA B 357 -8.76 26.37 -3.07
N SER B 358 -8.85 27.55 -3.68
CA SER B 358 -8.88 28.78 -2.89
C SER B 358 -10.15 28.86 -1.95
N VAL B 359 -11.33 28.57 -2.52
CA VAL B 359 -12.60 28.48 -1.76
C VAL B 359 -12.49 27.47 -0.57
N PHE B 360 -11.85 26.33 -0.82
CA PHE B 360 -11.77 25.24 0.16
C PHE B 360 -10.56 25.28 1.06
N LYS B 361 -9.85 26.42 1.01
CA LYS B 361 -8.65 26.66 1.81
C LYS B 361 -7.52 25.65 1.62
N VAL B 362 -7.43 25.02 0.46
CA VAL B 362 -6.29 24.16 0.22
C VAL B 362 -5.02 25.06 0.14
N PRO B 363 -4.04 24.88 1.06
CA PRO B 363 -2.86 25.79 1.06
C PRO B 363 -1.87 25.50 -0.07
N PHE B 364 -1.50 26.53 -0.84
CA PHE B 364 -0.44 26.42 -1.85
C PHE B 364 0.52 27.52 -1.58
N LEU B 365 1.77 27.32 -2.03
CA LEU B 365 2.83 28.32 -1.78
C LEU B 365 3.12 29.14 -3.05
N SER B 366 2.63 28.63 -4.17
CA SER B 366 2.61 29.31 -5.47
C SER B 366 1.72 28.44 -6.34
N LEU B 367 1.54 28.79 -7.61
CA LEU B 367 0.56 28.07 -8.45
C LEU B 367 0.65 26.51 -8.34
N TYR B 368 1.87 26.00 -8.39
CA TYR B 368 2.07 24.56 -8.53
C TYR B 368 2.67 23.95 -7.30
N VAL B 369 3.14 24.77 -6.35
CA VAL B 369 3.83 24.18 -5.19
C VAL B 369 3.09 24.18 -3.90
N THR B 370 3.17 23.02 -3.27
CA THR B 370 2.45 22.71 -2.05
C THR B 370 3.30 21.82 -1.17
N THR B 371 2.97 21.83 0.11
CA THR B 371 3.48 20.78 1.00
CA THR B 371 3.42 20.81 1.05
C THR B 371 3.05 19.43 0.45
N CYS B 372 4.02 18.49 0.37
CA CYS B 372 3.68 17.10 -0.02
C CYS B 372 2.62 16.48 0.89
N GLY B 373 2.66 16.74 2.19
CA GLY B 373 1.70 16.21 3.12
C GLY B 373 0.33 16.89 3.18
N ASN B 374 0.13 17.95 2.40
CA ASN B 374 -1.15 18.71 2.34
C ASN B 374 -2.44 17.84 2.47
N THR B 375 -3.16 18.02 3.55
CA THR B 375 -4.33 17.15 3.80
C THR B 375 -5.59 17.59 3.07
N LYS B 376 -5.53 18.77 2.44
CA LYS B 376 -6.69 19.32 1.73
C LYS B 376 -6.66 19.04 0.24
N LEU B 377 -5.56 18.45 -0.25
CA LEU B 377 -5.49 18.11 -1.66
C LEU B 377 -6.44 16.98 -2.00
N PRO B 378 -7.28 17.15 -3.05
CA PRO B 378 -8.30 16.11 -3.36
C PRO B 378 -7.82 14.98 -4.26
N THR B 379 -8.62 13.92 -4.35
CA THR B 379 -8.28 12.78 -5.15
C THR B 379 -8.75 13.19 -6.50
N LEU B 380 -7.95 12.85 -7.50
CA LEU B 380 -8.31 13.06 -8.88
C LEU B 380 -9.02 11.77 -9.32
N GLU B 381 -10.24 11.89 -9.89
CA GLU B 381 -11.00 10.69 -10.26
C GLU B 381 -11.51 10.73 -11.69
N TYR B 382 -11.48 9.56 -12.34
CA TYR B 382 -12.05 9.37 -13.66
C TYR B 382 -13.10 8.27 -13.56
N ARG B 383 -14.39 8.61 -13.64
CA ARG B 383 -15.45 7.63 -13.38
C ARG B 383 -16.13 7.17 -14.64
N SER B 384 -16.22 5.86 -14.83
CA SER B 384 -17.09 5.32 -15.86
C SER B 384 -18.40 4.81 -15.24
N PRO B 385 -19.30 4.24 -16.06
CA PRO B 385 -20.54 3.71 -15.48
C PRO B 385 -20.25 2.65 -14.41
N ASN B 386 -19.21 1.87 -14.58
CA ASN B 386 -19.08 0.86 -13.57
C ASN B 386 -17.77 0.76 -12.84
N LYS B 387 -16.91 1.79 -12.91
CA LYS B 387 -15.59 1.69 -12.32
C LYS B 387 -14.94 3.07 -12.22
N VAL B 388 -14.31 3.34 -11.08
CA VAL B 388 -13.58 4.60 -10.90
C VAL B 388 -12.05 4.43 -10.85
N TYR B 389 -11.35 5.24 -11.63
CA TYR B 389 -9.86 5.19 -11.70
C TYR B 389 -9.33 6.43 -11.01
N THR B 390 -8.36 6.28 -10.13
CA THR B 390 -8.04 7.42 -9.29
C THR B 390 -6.53 7.62 -9.12
N LEU B 391 -6.14 8.86 -8.85
CA LEU B 391 -4.78 9.18 -8.52
C LEU B 391 -4.94 9.91 -7.21
N GLU B 392 -4.39 9.35 -6.12
CA GLU B 392 -4.36 10.12 -4.85
C GLU B 392 -3.42 11.34 -4.99
N PRO B 393 -3.50 12.33 -4.05
CA PRO B 393 -2.58 13.49 -4.19
C PRO B 393 -1.14 13.09 -4.39
N LYS B 394 -0.58 12.28 -3.52
CA LYS B 394 0.83 11.92 -3.72
CA LYS B 394 0.82 11.81 -3.66
C LYS B 394 1.04 11.09 -5.00
N GLN B 395 -0.01 10.67 -5.67
CA GLN B 395 0.21 10.03 -6.97
C GLN B 395 0.23 11.00 -8.15
N TYR B 396 -0.13 12.27 -7.94
CA TYR B 396 -0.06 13.28 -8.98
C TYR B 396 0.93 14.42 -8.66
N LEU B 397 1.66 14.30 -7.59
CA LEU B 397 2.57 15.31 -7.11
C LEU B 397 3.97 14.83 -7.49
N GLU B 398 4.88 15.75 -7.77
CA GLU B 398 6.31 15.46 -7.91
CA GLU B 398 6.30 15.41 -7.85
C GLU B 398 7.03 16.17 -6.77
N PRO B 399 8.00 15.51 -6.11
CA PRO B 399 8.72 16.23 -5.04
C PRO B 399 9.61 17.34 -5.60
N LEU B 400 9.77 18.43 -4.88
CA LEU B 400 10.69 19.49 -5.24
C LEU B 400 12.16 19.01 -5.06
N GLU B 401 12.46 18.24 -4.01
CA GLU B 401 13.82 17.70 -3.85
C GLU B 401 13.80 16.17 -4.07
N ASN B 402 14.94 15.58 -4.37
CA ASN B 402 15.01 14.22 -4.80
C ASN B 402 15.24 13.31 -3.60
N ILE B 403 15.30 13.90 -2.41
CA ILE B 403 15.18 13.10 -1.19
C ILE B 403 14.68 13.89 -0.03
N PHE B 404 13.81 13.28 0.79
CA PHE B 404 13.30 13.90 2.00
C PHE B 404 12.69 15.27 1.73
N SER B 405 11.77 15.31 0.78
CA SER B 405 11.27 16.56 0.29
C SER B 405 10.03 17.02 1.02
N ALA B 406 10.05 18.21 1.58
CA ALA B 406 8.87 18.74 2.24
C ALA B 406 7.87 19.28 1.24
N LEU B 407 8.38 19.75 0.09
CA LEU B 407 7.55 20.42 -0.91
C LEU B 407 7.36 19.65 -2.19
N CYS B 408 6.24 19.96 -2.83
CA CYS B 408 5.78 19.17 -3.91
C CYS B 408 5.17 20.04 -4.99
N MET B 409 5.13 19.52 -6.20
CA MET B 409 4.51 20.27 -7.29
C MET B 409 3.50 19.41 -7.98
N LEU B 410 2.35 20.01 -8.31
CA LEU B 410 1.33 19.33 -9.08
C LEU B 410 1.89 18.91 -10.40
N ASN B 411 1.84 17.63 -10.68
CA ASN B 411 2.23 17.12 -12.00
C ASN B 411 1.00 17.11 -12.94
N ILE B 412 0.17 18.16 -12.86
CA ILE B 412 -1.07 18.35 -13.65
C ILE B 412 -0.93 19.65 -14.40
N VAL B 413 -1.14 19.63 -15.72
CA VAL B 413 -0.88 20.85 -16.53
C VAL B 413 -2.07 21.26 -17.37
N PRO B 414 -2.50 22.54 -17.26
CA PRO B 414 -3.55 23.02 -18.13
C PRO B 414 -3.03 23.14 -19.56
N ILE B 415 -3.62 22.41 -20.49
CA ILE B 415 -3.38 22.60 -21.91
C ILE B 415 -4.65 22.33 -22.66
N ASP B 416 -4.96 23.17 -23.65
CA ASP B 416 -6.15 22.96 -24.45
C ASP B 416 -5.86 22.22 -25.74
N LEU B 417 -6.18 20.93 -25.79
CA LEU B 417 -5.89 20.10 -26.96
C LEU B 417 -7.11 19.91 -27.84
N GLU B 418 -8.26 19.75 -27.19
CA GLU B 418 -9.55 19.60 -27.84
C GLU B 418 -10.59 19.90 -26.77
N LYS B 419 -11.77 20.28 -27.21
CA LYS B 419 -12.88 20.48 -26.32
C LYS B 419 -12.99 19.27 -25.37
N ASN B 420 -12.85 19.54 -24.07
CA ASN B 420 -13.11 18.54 -23.06
C ASN B 420 -12.16 17.35 -23.01
N THR B 421 -10.94 17.56 -23.48
CA THR B 421 -10.00 16.46 -23.58
C THR B 421 -8.97 16.45 -22.46
N PHE B 422 -8.67 15.28 -21.95
CA PHE B 422 -7.73 15.15 -20.87
C PHE B 422 -6.78 14.05 -21.27
N VAL B 423 -5.51 14.18 -20.92
CA VAL B 423 -4.53 13.18 -21.30
C VAL B 423 -4.00 12.46 -20.07
N LEU B 424 -3.97 11.14 -20.14
CA LEU B 424 -3.31 10.39 -19.10
C LEU B 424 -1.87 9.94 -19.48
N GLY B 425 -0.88 10.48 -18.77
CA GLY B 425 0.45 10.00 -18.99
C GLY B 425 0.97 8.97 -18.00
N ASP B 426 2.30 8.92 -17.87
CA ASP B 426 3.06 8.05 -16.97
C ASP B 426 2.54 8.03 -15.54
N PRO B 427 2.15 9.21 -15.01
CA PRO B 427 1.67 9.15 -13.61
C PRO B 427 0.48 8.19 -13.45
N PHE B 428 -0.38 8.11 -14.46
CA PHE B 428 -1.53 7.23 -14.48
C PHE B 428 -1.10 5.79 -14.72
N MET B 429 -0.19 5.65 -15.69
CA MET B 429 0.40 4.37 -16.04
C MET B 429 1.33 3.79 -14.96
N ARG B 430 1.95 4.65 -14.16
CA ARG B 430 2.67 4.14 -13.01
C ARG B 430 1.75 3.33 -12.06
N LYS B 431 0.50 3.79 -11.93
CA LYS B 431 -0.46 3.15 -11.03
C LYS B 431 -1.29 2.10 -11.74
N TYR B 432 -1.69 2.36 -13.00
CA TYR B 432 -2.61 1.43 -13.70
C TYR B 432 -1.92 0.62 -14.79
N PHE B 433 -1.88 -0.70 -14.62
CA PHE B 433 -1.54 -1.61 -15.73
C PHE B 433 -2.58 -1.40 -16.80
N THR B 434 -2.19 -1.27 -18.07
CA THR B 434 -3.17 -0.90 -19.07
C THR B 434 -3.09 -1.86 -20.22
N VAL B 435 -4.24 -2.07 -20.86
CA VAL B 435 -4.39 -3.09 -21.88
C VAL B 435 -5.04 -2.43 -23.12
N TYR B 436 -4.58 -2.84 -24.32
CA TYR B 436 -4.96 -2.19 -25.57
C TYR B 436 -5.47 -3.26 -26.54
N ASP B 437 -6.77 -3.27 -26.76
CA ASP B 437 -7.40 -4.39 -27.45
C ASP B 437 -7.99 -3.98 -28.78
N TYR B 438 -7.25 -4.25 -29.85
CA TYR B 438 -7.77 -3.92 -31.17
C TYR B 438 -9.08 -4.66 -31.50
N ASP B 439 -9.09 -5.99 -31.28
CA ASP B 439 -10.20 -6.89 -31.62
C ASP B 439 -11.51 -6.40 -31.04
N ASN B 440 -11.46 -5.96 -29.78
CA ASN B 440 -12.64 -5.56 -29.04
C ASN B 440 -12.89 -4.07 -28.99
N HIS B 441 -11.93 -3.28 -29.49
CA HIS B 441 -12.04 -1.83 -29.45
C HIS B 441 -12.15 -1.29 -28.02
N THR B 442 -11.42 -1.88 -27.09
CA THR B 442 -11.48 -1.50 -25.66
C THR B 442 -10.11 -1.13 -25.08
N VAL B 443 -10.11 -0.50 -23.91
CA VAL B 443 -8.89 -0.32 -23.14
C VAL B 443 -9.13 -0.93 -21.76
N GLY B 444 -8.22 -1.81 -21.34
CA GLY B 444 -8.30 -2.48 -20.06
C GLY B 444 -7.44 -1.76 -19.04
N PHE B 445 -7.97 -1.62 -17.81
CA PHE B 445 -7.28 -0.96 -16.70
C PHE B 445 -7.29 -1.89 -15.51
N ALA B 446 -6.12 -2.05 -14.86
CA ALA B 446 -6.03 -2.77 -13.57
C ALA B 446 -4.95 -2.13 -12.70
N LEU B 447 -5.05 -2.32 -11.38
CA LEU B 447 -4.01 -1.85 -10.42
C LEU B 447 -2.66 -2.57 -10.59
N ALA B 448 -1.67 -1.82 -11.08
CA ALA B 448 -0.31 -2.35 -11.27
C ALA B 448 0.23 -2.89 -9.94
N LYS B 449 1.06 -3.92 -10.06
CA LYS B 449 1.55 -4.68 -8.93
C LYS B 449 3.08 -4.72 -9.00
N ASN B 450 3.73 -4.58 -7.85
CA ASN B 450 5.15 -4.95 -7.70
C ASN B 450 5.42 -6.39 -8.13
N LEU B 451 6.35 -6.59 -9.07
CA LEU B 451 6.78 -7.94 -9.39
C LEU B 451 7.52 -8.50 -8.19
N GLU C 125 -2.58 17.78 22.36
CA GLU C 125 -3.37 16.96 21.41
C GLU C 125 -4.86 16.89 21.81
N PHE C 126 -5.52 15.75 21.58
CA PHE C 126 -6.95 15.65 21.93
C PHE C 126 -7.18 14.42 22.79
N ASP C 127 -8.29 14.40 23.53
CA ASP C 127 -8.60 13.23 24.32
C ASP C 127 -8.77 11.95 23.46
N ASN C 128 -8.00 10.93 23.82
CA ASN C 128 -7.91 9.67 23.08
CA ASN C 128 -8.07 9.68 23.13
C ASN C 128 -8.03 8.46 24.03
N VAL C 129 -8.88 7.50 23.70
CA VAL C 129 -8.89 6.21 24.36
C VAL C 129 -8.48 5.11 23.39
N GLU C 130 -7.70 4.13 23.87
CA GLU C 130 -7.23 3.02 23.05
C GLU C 130 -8.34 2.07 22.77
N LEU C 131 -8.27 1.41 21.61
CA LEU C 131 -9.20 0.40 21.22
C LEU C 131 -8.47 -0.91 21.22
N LYS C 132 -9.13 -1.96 21.65
CA LYS C 132 -8.46 -3.24 21.85
C LYS C 132 -9.10 -4.25 20.98
N ASP C 133 -8.44 -5.39 20.81
CA ASP C 133 -9.14 -6.51 20.13
C ASP C 133 -10.05 -7.23 21.09
N LEU C 134 -10.97 -8.04 20.58
CA LEU C 134 -11.73 -8.96 21.47
C LEU C 134 -10.84 -10.15 21.92
N ALA C 135 -11.25 -10.83 22.98
CA ALA C 135 -10.61 -12.10 23.33
C ALA C 135 -11.17 -13.26 22.46
N ASN C 136 -10.47 -13.64 21.39
CA ASN C 136 -10.83 -14.86 20.64
C ASN C 136 -9.62 -15.87 20.45
N VAL C 137 -9.51 -16.82 21.39
CA VAL C 137 -8.32 -17.69 21.53
C VAL C 137 -8.30 -18.73 20.41
N LEU C 138 -7.14 -18.93 19.80
CA LEU C 138 -7.00 -20.02 18.85
C LEU C 138 -5.68 -20.73 18.95
N SER C 139 -5.49 -21.71 18.07
CA SER C 139 -4.36 -22.62 18.11
C SER C 139 -3.01 -21.93 17.69
N PHE C 140 -2.60 -20.98 18.50
CA PHE C 140 -1.68 -19.93 18.11
C PHE C 140 -0.82 -19.54 19.33
N GLY C 141 0.47 -19.89 19.31
CA GLY C 141 1.35 -19.53 20.43
C GLY C 141 2.83 -19.33 20.10
N GLU C 142 3.65 -19.36 21.13
CA GLU C 142 5.05 -19.08 20.95
C GLU C 142 5.84 -20.36 20.88
N ALA C 143 6.83 -20.41 19.99
CA ALA C 143 7.93 -21.39 20.11
C ALA C 143 9.27 -20.71 19.75
N LYS C 144 10.40 -21.33 20.08
CA LYS C 144 11.71 -20.69 19.84
C LYS C 144 12.57 -21.53 18.89
N LEU C 145 13.40 -20.86 18.08
CA LEU C 145 14.42 -21.60 17.32
C LEU C 145 15.82 -21.10 17.68
N GLY C 146 16.80 -22.02 17.64
CA GLY C 146 18.22 -21.70 17.84
C GLY C 146 18.61 -21.56 19.31
N ASP C 147 19.89 -21.54 19.63
CA ASP C 147 20.21 -21.46 21.05
C ASP C 147 19.99 -20.09 21.67
N ASN C 148 19.89 -19.03 20.89
CA ASN C 148 19.64 -17.72 21.48
C ASN C 148 18.15 -17.42 21.72
N GLY C 149 17.27 -18.36 21.36
CA GLY C 149 15.86 -18.19 21.67
C GLY C 149 15.16 -17.13 20.82
N GLN C 150 15.23 -17.30 19.50
CA GLN C 150 14.54 -16.41 18.58
C GLN C 150 13.07 -16.77 18.61
N LYS C 151 12.23 -15.85 19.09
CA LYS C 151 10.79 -16.11 19.35
C LYS C 151 9.96 -15.89 18.10
N PHE C 152 8.92 -16.71 17.91
CA PHE C 152 7.95 -16.53 16.81
C PHE C 152 6.54 -16.84 17.28
N ASN C 153 5.56 -16.14 16.73
CA ASN C 153 4.18 -16.50 16.88
C ASN C 153 3.86 -17.51 15.80
N PHE C 154 3.62 -18.76 16.18
CA PHE C 154 3.30 -19.78 15.23
C PHE C 154 1.87 -20.15 15.33
N LEU C 155 1.33 -20.60 14.21
CA LEU C 155 0.03 -21.23 14.24
C LEU C 155 0.32 -22.71 14.40
N PHE C 156 -0.16 -23.28 15.51
CA PHE C 156 0.06 -24.72 15.79
C PHE C 156 -0.94 -25.51 14.96
N HIS C 157 -0.40 -26.04 13.88
CA HIS C 157 -1.18 -26.37 12.69
C HIS C 157 -1.34 -27.87 12.51
N THR C 158 -2.53 -28.38 12.82
CA THR C 158 -2.73 -29.85 12.81
C THR C 158 -2.84 -30.45 11.43
N ALA C 159 -2.78 -29.61 10.40
CA ALA C 159 -2.93 -30.09 9.03
C ALA C 159 -1.76 -29.59 8.19
N SER C 160 -0.63 -29.34 8.86
CA SER C 160 0.61 -29.11 8.18
C SER C 160 1.69 -29.96 8.82
N SER C 161 2.69 -30.32 8.01
CA SER C 161 3.72 -31.24 8.48
C SER C 161 5.14 -30.74 8.40
N ASN C 162 5.35 -29.44 8.34
CA ASN C 162 6.68 -28.88 8.48
C ASN C 162 6.59 -27.71 9.39
N VAL C 163 7.74 -27.26 9.89
CA VAL C 163 7.74 -25.93 10.48
C VAL C 163 8.29 -24.85 9.51
N TRP C 164 7.57 -23.74 9.39
CA TRP C 164 7.85 -22.68 8.44
C TRP C 164 8.08 -21.38 9.17
N VAL C 165 9.21 -20.72 8.86
CA VAL C 165 9.62 -19.55 9.58
C VAL C 165 10.17 -18.49 8.58
N PRO C 166 9.83 -17.19 8.79
CA PRO C 166 10.46 -16.25 7.82
C PRO C 166 11.95 -16.16 8.05
N SER C 167 12.73 -16.23 6.98
CA SER C 167 14.18 -16.01 7.07
C SER C 167 14.51 -14.53 7.11
N ILE C 168 15.55 -14.16 7.88
CA ILE C 168 16.18 -12.82 7.78
C ILE C 168 16.55 -12.49 6.34
N LYS C 169 16.84 -13.51 5.56
CA LYS C 169 17.16 -13.38 4.13
C LYS C 169 15.94 -13.20 3.21
N CYS C 170 14.71 -13.30 3.72
CA CYS C 170 13.52 -13.14 2.87
C CYS C 170 13.50 -11.75 2.19
N THR C 171 13.29 -11.71 0.88
CA THR C 171 13.21 -10.46 0.08
C THR C 171 11.80 -9.96 -0.29
N SER C 172 10.74 -10.59 0.23
CA SER C 172 9.36 -10.14 -0.03
C SER C 172 8.95 -9.04 0.94
N GLU C 173 8.00 -8.20 0.54
CA GLU C 173 7.44 -7.17 1.42
C GLU C 173 6.64 -7.82 2.56
N SER C 174 6.02 -8.96 2.24
CA SER C 174 5.34 -9.84 3.19
C SER C 174 6.11 -10.08 4.49
N CYS C 175 7.42 -10.24 4.37
CA CYS C 175 8.24 -10.58 5.53
C CYS C 175 8.57 -9.39 6.41
N GLU C 176 8.25 -8.20 5.92
CA GLU C 176 8.90 -7.03 6.48
C GLU C 176 8.59 -6.80 7.96
N SER C 177 7.33 -6.95 8.36
CA SER C 177 7.04 -6.68 9.79
C SER C 177 7.11 -7.95 10.70
N LYS C 178 7.44 -9.10 10.12
CA LYS C 178 7.45 -10.35 10.87
C LYS C 178 8.75 -10.56 11.70
N ASN C 179 8.72 -11.51 12.63
CA ASN C 179 9.89 -11.97 13.34
C ASN C 179 10.70 -12.83 12.40
N HIS C 180 12.02 -12.81 12.55
CA HIS C 180 12.86 -13.50 11.58
C HIS C 180 13.84 -14.49 12.21
N TYR C 181 14.14 -15.54 11.46
CA TYR C 181 15.18 -16.46 11.88
C TYR C 181 16.47 -15.98 11.25
N ASP C 182 17.45 -15.74 12.08
CA ASP C 182 18.78 -15.37 11.60
C ASP C 182 19.79 -16.43 12.04
N SER C 183 20.15 -17.33 11.13
CA SER C 183 20.97 -18.45 11.48
C SER C 183 22.35 -18.11 12.08
N SER C 184 22.91 -16.96 11.70
CA SER C 184 24.24 -16.54 12.15
C SER C 184 24.26 -16.02 13.59
N LYS C 185 23.09 -15.97 14.22
CA LYS C 185 22.99 -15.50 15.59
C LYS C 185 22.86 -16.69 16.55
N SER C 186 22.65 -17.87 15.98
CA SER C 186 22.39 -19.06 16.78
C SER C 186 23.58 -19.98 16.65
N LYS C 187 24.22 -20.30 17.79
CA LYS C 187 25.45 -21.08 17.76
C LYS C 187 25.15 -22.55 17.44
N THR C 188 23.87 -22.94 17.54
CA THR C 188 23.54 -24.31 17.30
C THR C 188 23.13 -24.63 15.89
N TYR C 189 22.98 -23.61 15.05
CA TYR C 189 22.59 -23.80 13.64
C TYR C 189 23.47 -24.78 12.82
N GLU C 190 22.82 -25.62 12.02
CA GLU C 190 23.54 -26.49 11.08
C GLU C 190 23.06 -26.23 9.68
N LYS C 191 23.98 -26.03 8.72
CA LYS C 191 23.59 -25.77 7.33
C LYS C 191 22.85 -26.95 6.72
N ASP C 192 21.80 -26.70 5.96
CA ASP C 192 21.20 -27.77 5.17
C ASP C 192 21.05 -27.29 3.73
N ASP C 193 20.40 -26.13 3.59
CA ASP C 193 20.27 -25.44 2.30
C ASP C 193 19.45 -26.15 1.20
N THR C 194 18.99 -27.38 1.41
CA THR C 194 18.03 -27.98 0.46
C THR C 194 16.94 -26.98 0.07
N PRO C 195 16.79 -26.71 -1.24
CA PRO C 195 15.78 -25.74 -1.63
C PRO C 195 14.36 -26.32 -1.46
N VAL C 196 13.41 -25.44 -1.15
CA VAL C 196 12.01 -25.81 -1.27
C VAL C 196 11.25 -24.71 -1.96
N LYS C 197 10.37 -25.11 -2.86
CA LYS C 197 9.48 -24.17 -3.51
C LYS C 197 8.09 -24.80 -3.56
N LEU C 198 7.10 -24.12 -3.01
CA LEU C 198 5.69 -24.51 -3.18
C LEU C 198 4.95 -23.45 -3.96
N THR C 199 4.43 -23.80 -5.13
CA THR C 199 3.65 -22.85 -5.95
C THR C 199 2.26 -23.44 -6.29
N SER C 200 1.30 -22.57 -6.62
CA SER C 200 -0.07 -23.02 -6.95
C SER C 200 -0.84 -21.92 -7.63
N LYS C 201 -2.10 -22.19 -7.95
CA LYS C 201 -2.94 -21.26 -8.69
C LYS C 201 -2.74 -19.81 -8.25
N ALA C 202 -2.63 -19.58 -6.94
CA ALA C 202 -2.25 -18.23 -6.51
C ALA C 202 -1.39 -18.13 -5.22
N GLY C 203 -0.27 -18.84 -5.24
CA GLY C 203 0.65 -18.76 -4.13
C GLY C 203 2.00 -19.38 -4.39
N THR C 204 3.03 -18.61 -4.05
CA THR C 204 4.38 -19.15 -4.06
C THR C 204 5.02 -18.88 -2.72
N ILE C 205 5.44 -19.97 -2.10
CA ILE C 205 6.38 -19.87 -1.01
C ILE C 205 7.65 -20.70 -1.28
N SER C 206 8.80 -20.04 -1.21
CA SER C 206 10.05 -20.76 -1.37
C SER C 206 11.05 -20.46 -0.26
N GLY C 207 12.05 -21.31 -0.13
CA GLY C 207 13.03 -21.14 0.90
C GLY C 207 14.02 -22.27 0.89
N ILE C 208 14.58 -22.51 2.05
CA ILE C 208 15.64 -23.53 2.21
C ILE C 208 15.45 -24.23 3.53
N PHE C 209 15.90 -25.48 3.60
CA PHE C 209 15.84 -26.22 4.86
C PHE C 209 17.04 -25.87 5.73
N SER C 210 16.78 -25.72 7.01
CA SER C 210 17.81 -25.53 7.99
C SER C 210 17.52 -26.38 9.23
N LYS C 211 18.57 -26.70 9.99
CA LYS C 211 18.45 -27.53 11.17
C LYS C 211 18.90 -26.74 12.36
N ASP C 212 18.10 -26.69 13.40
CA ASP C 212 18.50 -26.06 14.65
C ASP C 212 17.65 -26.61 15.79
N LEU C 213 18.02 -26.22 17.01
CA LEU C 213 17.19 -26.36 18.20
C LEU C 213 15.78 -25.70 17.99
N VAL C 214 14.73 -26.50 18.28
CA VAL C 214 13.37 -26.02 18.24
C VAL C 214 12.67 -26.24 19.58
N THR C 215 12.19 -25.14 20.14
CA THR C 215 11.71 -25.14 21.51
C THR C 215 10.25 -24.67 21.64
N ILE C 216 9.44 -25.57 22.24
CA ILE C 216 8.11 -25.25 22.75
C ILE C 216 8.18 -25.50 24.25
N GLY C 217 7.96 -24.45 25.03
CA GLY C 217 8.02 -24.51 26.47
C GLY C 217 9.42 -24.83 26.93
N LYS C 218 9.53 -25.88 27.75
CA LYS C 218 10.74 -26.36 28.38
C LYS C 218 11.28 -27.52 27.55
N LEU C 219 10.63 -27.75 26.40
CA LEU C 219 11.04 -28.87 25.57
C LEU C 219 11.82 -28.40 24.33
N SER C 220 12.90 -29.11 24.05
CA SER C 220 13.82 -28.70 23.02
C SER C 220 14.50 -29.86 22.30
N VAL C 221 14.58 -29.75 20.98
CA VAL C 221 15.17 -30.82 20.20
C VAL C 221 15.75 -30.28 18.86
N PRO C 222 16.82 -30.92 18.34
CA PRO C 222 17.28 -30.42 17.03
C PRO C 222 16.26 -30.86 16.00
N TYR C 223 15.94 -29.99 15.05
CA TYR C 223 14.82 -30.25 14.17
C TYR C 223 14.98 -29.51 12.85
N LYS C 224 14.55 -30.14 11.76
CA LYS C 224 14.66 -29.57 10.43
CA LYS C 224 14.65 -29.57 10.42
C LYS C 224 13.44 -28.72 10.11
N PHE C 225 13.67 -27.48 9.68
CA PHE C 225 12.59 -26.55 9.44
C PHE C 225 12.90 -25.75 8.20
N ILE C 226 11.90 -25.01 7.73
CA ILE C 226 12.02 -24.32 6.47
C ILE C 226 12.06 -22.84 6.73
N GLU C 227 13.13 -22.20 6.21
CA GLU C 227 13.34 -20.74 6.28
C GLU C 227 12.76 -20.15 5.02
N MET C 228 11.68 -19.42 5.17
CA MET C 228 11.04 -18.91 4.00
C MET C 228 11.83 -17.73 3.45
N THR C 229 12.17 -17.79 2.16
CA THR C 229 12.88 -16.67 1.53
C THR C 229 11.98 -15.83 0.64
N GLU C 230 10.79 -16.31 0.35
CA GLU C 230 9.85 -15.61 -0.49
C GLU C 230 8.46 -16.08 -0.13
N ILE C 231 7.58 -15.11 0.14
CA ILE C 231 6.17 -15.36 0.44
C ILE C 231 5.31 -14.47 -0.43
N VAL C 232 4.73 -15.05 -1.48
CA VAL C 232 3.95 -14.24 -2.40
C VAL C 232 2.61 -14.89 -2.64
N GLY C 233 1.59 -14.03 -2.59
CA GLY C 233 0.23 -14.39 -2.92
C GLY C 233 -0.71 -14.51 -1.73
N PHE C 234 -0.30 -13.99 -0.55
CA PHE C 234 -1.12 -14.12 0.66
C PHE C 234 -1.40 -12.81 1.36
N GLU C 235 -1.26 -11.74 0.61
CA GLU C 235 -1.62 -10.43 1.12
C GLU C 235 -3.04 -10.08 0.77
N PRO C 236 -3.62 -9.18 1.55
CA PRO C 236 -3.07 -8.48 2.73
C PRO C 236 -3.15 -9.28 4.06
N PHE C 237 -3.87 -10.40 4.06
CA PHE C 237 -4.10 -11.16 5.30
C PHE C 237 -2.84 -11.50 6.07
N TYR C 238 -1.81 -11.94 5.37
CA TYR C 238 -0.57 -12.28 6.05
C TYR C 238 0.00 -11.11 6.88
N SER C 239 0.05 -9.88 6.36
CA SER C 239 0.66 -8.80 7.12
CA SER C 239 0.64 -8.78 7.10
C SER C 239 -0.30 -8.22 8.16
N GLU C 240 -1.60 -8.47 7.99
CA GLU C 240 -2.61 -7.96 8.91
C GLU C 240 -2.72 -8.73 10.18
N SER C 241 -2.15 -9.92 10.18
CA SER C 241 -2.17 -10.79 11.35
C SER C 241 -0.79 -10.79 11.97
N ASP C 242 -0.74 -11.14 13.24
CA ASP C 242 0.54 -11.22 13.89
C ASP C 242 1.02 -12.68 13.96
N VAL C 243 0.65 -13.48 12.97
CA VAL C 243 1.23 -14.81 12.85
C VAL C 243 2.53 -14.73 12.04
N ASP C 244 3.59 -15.35 12.53
CA ASP C 244 4.85 -15.34 11.80
C ASP C 244 4.95 -16.55 10.85
N GLY C 245 4.44 -17.70 11.28
CA GLY C 245 4.72 -18.89 10.53
C GLY C 245 3.88 -20.05 11.00
N VAL C 246 4.12 -21.23 10.42
CA VAL C 246 3.33 -22.37 10.82
C VAL C 246 4.18 -23.44 11.51
N PHE C 247 3.62 -23.96 12.58
CA PHE C 247 4.27 -25.02 13.28
C PHE C 247 3.43 -26.27 13.07
N GLY C 248 3.77 -27.02 12.04
CA GLY C 248 3.09 -28.26 11.70
C GLY C 248 3.10 -29.30 12.81
N LEU C 249 1.95 -29.96 12.97
CA LEU C 249 1.75 -31.00 13.96
C LEU C 249 1.00 -32.15 13.31
N GLY C 250 1.27 -32.36 12.02
CA GLY C 250 0.61 -33.40 11.24
C GLY C 250 1.49 -34.64 11.17
N TRP C 251 1.29 -35.46 10.15
CA TRP C 251 2.05 -36.68 10.01
C TRP C 251 3.15 -36.63 8.98
N LYS C 252 4.18 -37.43 9.19
CA LYS C 252 5.30 -37.56 8.26
C LYS C 252 4.95 -37.57 6.75
N ASP C 253 3.97 -38.39 6.35
CA ASP C 253 3.69 -38.61 4.92
C ASP C 253 3.31 -37.36 4.12
N LEU C 254 2.90 -36.32 4.84
CA LEU C 254 2.53 -35.06 4.28
C LEU C 254 3.65 -34.06 4.43
N SER C 255 4.75 -34.45 5.07
CA SER C 255 5.85 -33.53 5.26
C SER C 255 6.59 -33.36 3.93
N ILE C 256 7.04 -32.15 3.67
CA ILE C 256 8.01 -31.99 2.62
C ILE C 256 9.34 -32.41 3.19
N GLY C 257 10.07 -33.18 2.38
CA GLY C 257 11.35 -33.75 2.74
C GLY C 257 11.30 -34.96 3.65
N SER C 258 10.11 -35.49 3.93
CA SER C 258 9.97 -36.77 4.67
C SER C 258 10.62 -36.72 6.08
N ILE C 259 10.16 -35.76 6.88
CA ILE C 259 10.69 -35.53 8.23
C ILE C 259 9.73 -36.07 9.31
N ASP C 260 10.28 -36.68 10.33
CA ASP C 260 9.52 -37.12 11.49
C ASP C 260 8.92 -35.89 12.16
N PRO C 261 7.61 -35.97 12.50
CA PRO C 261 6.96 -34.94 13.30
C PRO C 261 7.76 -34.54 14.54
N TYR C 262 7.68 -33.26 14.89
CA TYR C 262 8.35 -32.70 16.04
C TYR C 262 8.09 -33.50 17.32
N ILE C 263 6.84 -33.88 17.54
CA ILE C 263 6.52 -34.53 18.79
C ILE C 263 7.01 -35.98 18.84
N VAL C 264 7.03 -36.63 17.67
CA VAL C 264 7.64 -37.94 17.53
C VAL C 264 9.15 -37.84 17.78
N GLU C 265 9.75 -36.76 17.28
CA GLU C 265 11.19 -36.51 17.40
C GLU C 265 11.51 -36.30 18.85
N LEU C 266 10.68 -35.53 19.55
CA LEU C 266 10.83 -35.43 21.00
C LEU C 266 10.86 -36.82 21.68
N LYS C 267 9.97 -37.71 21.24
CA LYS C 267 9.98 -39.10 21.78
C LYS C 267 11.27 -39.89 21.42
N THR C 268 11.70 -39.87 20.16
CA THR C 268 12.91 -40.55 19.72
C THR C 268 14.15 -40.14 20.54
N GLN C 269 14.28 -38.84 20.75
CA GLN C 269 15.33 -38.28 21.56
C GLN C 269 15.04 -38.31 23.05
N ASN C 270 14.02 -39.03 23.50
CA ASN C 270 13.86 -39.30 24.94
C ASN C 270 13.63 -38.05 25.77
N LYS C 271 12.88 -37.13 25.24
CA LYS C 271 12.57 -35.91 25.95
C LYS C 271 11.18 -35.95 26.61
N ILE C 272 10.37 -36.94 26.20
CA ILE C 272 9.01 -37.21 26.70
C ILE C 272 8.87 -38.69 26.44
N GLU C 273 7.98 -39.38 27.18
CA GLU C 273 7.77 -40.81 26.91
C GLU C 273 6.60 -41.25 26.01
N GLN C 274 5.62 -40.38 25.77
CA GLN C 274 4.56 -40.68 24.83
C GLN C 274 4.51 -39.65 23.73
N ALA C 275 4.47 -40.11 22.49
CA ALA C 275 4.32 -39.13 21.39
C ALA C 275 2.84 -38.74 21.22
N VAL C 276 2.39 -37.83 22.09
CA VAL C 276 1.02 -37.36 22.15
C VAL C 276 0.98 -35.84 22.49
N TYR C 277 -0.02 -35.14 21.94
CA TYR C 277 -0.27 -33.74 22.31
C TYR C 277 -1.77 -33.53 22.41
N SER C 278 -2.18 -32.46 23.09
CA SER C 278 -3.59 -32.04 23.06
C SER C 278 -3.75 -30.55 22.83
N ILE C 279 -4.92 -30.18 22.32
CA ILE C 279 -5.27 -28.79 22.14
C ILE C 279 -6.51 -28.54 22.98
N TYR C 280 -6.38 -27.62 23.92
CA TYR C 280 -7.47 -27.12 24.69
C TYR C 280 -7.70 -25.65 24.34
N LEU C 281 -8.90 -25.36 23.84
CA LEU C 281 -9.33 -23.97 23.60
C LEU C 281 -10.38 -23.72 24.65
N PRO C 282 -10.38 -22.52 25.28
CA PRO C 282 -11.28 -22.38 26.39
C PRO C 282 -12.72 -22.22 25.88
N PRO C 283 -13.62 -23.16 26.23
CA PRO C 283 -14.94 -23.28 25.61
C PRO C 283 -15.78 -22.01 25.76
N GLU C 284 -15.51 -21.20 26.77
CA GLU C 284 -16.32 -20.03 26.99
C GLU C 284 -15.44 -18.82 27.07
N ASN C 285 -14.26 -18.90 26.47
CA ASN C 285 -13.30 -17.82 26.65
C ASN C 285 -13.01 -17.48 28.12
N LYS C 286 -12.63 -16.23 28.39
CA LYS C 286 -11.70 -15.92 29.52
C LYS C 286 -11.18 -17.15 30.29
N ASN C 287 -9.88 -17.36 30.12
CA ASN C 287 -9.16 -18.63 30.19
C ASN C 287 -8.19 -18.56 29.03
N LYS C 288 -6.91 -18.84 29.30
CA LYS C 288 -5.97 -19.07 28.22
C LYS C 288 -6.29 -20.43 27.56
N GLY C 289 -5.99 -20.55 26.27
CA GLY C 289 -5.90 -21.85 25.64
C GLY C 289 -4.58 -22.53 26.01
N TYR C 290 -4.48 -23.83 25.76
CA TYR C 290 -3.25 -24.56 25.98
C TYR C 290 -3.01 -25.68 24.97
N LEU C 291 -1.79 -25.70 24.44
CA LEU C 291 -1.21 -26.87 23.80
C LEU C 291 -0.32 -27.65 24.84
N THR C 292 -0.63 -28.94 25.01
CA THR C 292 0.03 -29.79 26.00
C THR C 292 0.70 -30.94 25.30
N ILE C 293 1.95 -31.19 25.65
CA ILE C 293 2.72 -32.21 24.97
C ILE C 293 3.18 -33.29 25.95
N GLY C 294 2.97 -34.55 25.62
CA GLY C 294 3.51 -35.66 26.43
C GLY C 294 2.54 -36.48 27.29
N GLY C 295 1.38 -35.91 27.62
CA GLY C 295 0.32 -36.64 28.29
C GLY C 295 -0.98 -35.87 28.35
N ILE C 296 -1.96 -36.49 28.98
CA ILE C 296 -3.34 -35.98 29.09
C ILE C 296 -3.53 -35.30 30.44
N GLU C 297 -3.91 -34.02 30.41
CA GLU C 297 -4.30 -33.30 31.63
C GLU C 297 -5.80 -33.39 31.81
N GLU C 298 -6.24 -34.02 32.89
CA GLU C 298 -7.70 -34.24 33.07
C GLU C 298 -8.38 -32.94 33.38
N ARG C 299 -7.59 -31.97 33.84
CA ARG C 299 -8.09 -30.67 34.21
C ARG C 299 -8.85 -29.97 33.10
N PHE C 300 -8.54 -30.30 31.83
CA PHE C 300 -9.15 -29.68 30.63
C PHE C 300 -10.56 -30.17 30.21
N PHE C 301 -11.07 -31.28 30.77
CA PHE C 301 -12.32 -31.83 30.29
C PHE C 301 -13.27 -32.46 31.33
N ASP C 302 -14.55 -32.54 30.98
CA ASP C 302 -15.55 -33.32 31.72
C ASP C 302 -15.87 -34.58 30.93
N GLY C 303 -16.22 -35.66 31.64
CA GLY C 303 -16.71 -36.85 30.94
C GLY C 303 -15.60 -37.71 30.36
N PRO C 304 -15.98 -38.84 29.71
CA PRO C 304 -14.97 -39.75 29.13
C PRO C 304 -14.16 -39.09 28.04
N LEU C 305 -13.00 -39.67 27.79
CA LEU C 305 -12.25 -39.31 26.63
C LEU C 305 -12.47 -40.43 25.63
N ASN C 306 -13.21 -40.18 24.55
CA ASN C 306 -13.35 -41.20 23.49
C ASN C 306 -12.35 -41.10 22.37
N TYR C 307 -11.81 -42.24 21.96
CA TYR C 307 -10.79 -42.27 20.92
C TYR C 307 -11.32 -42.82 19.62
N GLU C 308 -10.93 -42.24 18.49
CA GLU C 308 -11.27 -42.78 17.19
C GLU C 308 -9.97 -43.11 16.49
N LYS C 309 -9.96 -44.21 15.76
CA LYS C 309 -8.82 -44.66 14.95
C LYS C 309 -8.75 -43.84 13.69
N LEU C 310 -7.54 -43.60 13.20
CA LEU C 310 -7.30 -42.88 11.97
C LEU C 310 -7.59 -43.71 10.73
N ASN C 311 -8.29 -43.14 9.76
CA ASN C 311 -8.49 -43.87 8.50
C ASN C 311 -7.25 -43.91 7.63
N HIS C 312 -6.29 -43.02 7.91
CA HIS C 312 -5.02 -42.95 7.17
C HIS C 312 -4.01 -42.17 8.00
N ASP C 313 -2.74 -42.52 7.87
CA ASP C 313 -1.68 -41.74 8.51
C ASP C 313 -1.17 -40.72 7.52
N LEU C 314 -2.05 -39.83 7.07
CA LEU C 314 -1.64 -38.68 6.31
C LEU C 314 -1.93 -37.50 7.16
N MET C 315 -3.16 -37.40 7.66
CA MET C 315 -3.55 -36.29 8.50
C MET C 315 -4.24 -36.84 9.74
N TRP C 316 -4.77 -35.93 10.57
CA TRP C 316 -5.57 -36.33 11.69
C TRP C 316 -6.99 -36.40 11.17
N GLN C 317 -7.30 -37.56 10.61
CA GLN C 317 -8.49 -37.77 9.88
C GLN C 317 -9.17 -39.10 10.24
N VAL C 318 -10.50 -39.03 10.25
CA VAL C 318 -11.31 -40.08 10.85
C VAL C 318 -12.57 -40.45 10.02
N ASP C 319 -12.85 -41.74 9.86
CA ASP C 319 -14.15 -42.15 9.32
C ASP C 319 -15.34 -41.81 10.24
N LEU C 320 -16.34 -41.07 9.76
CA LEU C 320 -17.52 -40.75 10.61
C LEU C 320 -18.75 -40.70 9.71
N ASP C 321 -19.92 -40.96 10.27
CA ASP C 321 -21.14 -40.72 9.52
C ASP C 321 -21.65 -39.38 9.86
N VAL C 322 -21.74 -38.49 8.88
CA VAL C 322 -22.18 -37.17 9.20
C VAL C 322 -23.61 -36.93 8.85
N HIS C 323 -24.33 -36.38 9.81
CA HIS C 323 -25.76 -36.12 9.62
C HIS C 323 -26.04 -34.66 9.90
N PHE C 324 -26.84 -34.04 9.07
CA PHE C 324 -27.27 -32.69 9.34
C PHE C 324 -28.69 -32.57 8.91
N GLY C 325 -29.59 -32.41 9.88
CA GLY C 325 -31.02 -32.59 9.62
C GLY C 325 -31.27 -33.91 8.89
N ASN C 326 -32.13 -33.88 7.86
CA ASN C 326 -32.37 -35.04 6.97
C ASN C 326 -31.19 -35.47 6.09
N VAL C 327 -30.08 -34.75 6.12
CA VAL C 327 -29.06 -35.12 5.19
C VAL C 327 -27.91 -35.90 5.83
N SER C 328 -27.44 -36.94 5.18
CA SER C 328 -26.38 -37.69 5.79
C SER C 328 -25.28 -38.07 4.77
N SER C 329 -24.06 -38.26 5.25
CA SER C 329 -23.09 -38.86 4.37
C SER C 329 -22.37 -39.91 5.18
N LYS C 330 -22.45 -41.16 4.74
CA LYS C 330 -21.85 -42.27 5.55
C LYS C 330 -20.37 -42.44 5.26
N LYS C 331 -19.58 -42.75 6.29
CA LYS C 331 -18.17 -43.06 6.08
C LYS C 331 -17.49 -41.88 5.35
N ALA C 332 -17.79 -40.67 5.82
CA ALA C 332 -17.12 -39.46 5.43
C ALA C 332 -15.69 -39.42 6.00
N ASN C 333 -14.79 -38.75 5.26
CA ASN C 333 -13.42 -38.52 5.72
C ASN C 333 -13.43 -37.22 6.49
N VAL C 334 -13.31 -37.26 7.81
CA VAL C 334 -13.31 -36.00 8.53
C VAL C 334 -11.98 -35.66 9.15
N ILE C 335 -11.54 -34.43 8.86
CA ILE C 335 -10.18 -33.98 9.10
C ILE C 335 -10.14 -32.89 10.15
N LEU C 336 -9.29 -33.05 11.14
CA LEU C 336 -9.06 -31.98 12.12
C LEU C 336 -8.09 -30.94 11.58
N ASP C 337 -8.52 -29.69 11.60
CA ASP C 337 -7.69 -28.65 11.05
C ASP C 337 -7.71 -27.44 11.94
N SER C 338 -6.69 -27.30 12.77
CA SER C 338 -6.60 -26.22 13.73
C SER C 338 -6.34 -24.83 13.12
N ALA C 339 -6.28 -24.78 11.79
CA ALA C 339 -6.04 -23.52 11.09
C ALA C 339 -7.25 -22.84 10.42
N THR C 340 -8.45 -23.39 10.53
CA THR C 340 -9.64 -22.64 10.12
C THR C 340 -10.51 -22.43 11.32
N SER C 341 -11.22 -21.32 11.28
CA SER C 341 -12.24 -21.02 12.27
C SER C 341 -13.62 -21.33 11.73
N VAL C 342 -13.68 -22.33 10.87
CA VAL C 342 -14.88 -22.68 10.13
C VAL C 342 -15.13 -24.20 10.26
N ILE C 343 -16.34 -24.61 9.91
CA ILE C 343 -16.64 -26.04 9.73
C ILE C 343 -16.95 -26.18 8.24
N THR C 344 -16.52 -27.28 7.63
CA THR C 344 -16.57 -27.42 6.18
C THR C 344 -17.37 -28.62 5.76
N VAL C 345 -18.03 -28.53 4.64
CA VAL C 345 -18.95 -29.58 4.25
C VAL C 345 -18.88 -29.59 2.73
N PRO C 346 -18.95 -30.76 2.11
CA PRO C 346 -18.99 -30.78 0.63
C PRO C 346 -20.15 -29.97 0.07
N THR C 347 -19.99 -29.42 -1.15
CA THR C 347 -21.05 -28.57 -1.75
C THR C 347 -22.38 -29.31 -1.93
N GLU C 348 -22.35 -30.56 -2.38
CA GLU C 348 -23.60 -31.32 -2.56
C GLU C 348 -24.38 -31.57 -1.23
N PHE C 349 -23.67 -32.03 -0.21
CA PHE C 349 -24.19 -32.11 1.15
C PHE C 349 -24.82 -30.80 1.62
N PHE C 350 -24.09 -29.68 1.52
CA PHE C 350 -24.64 -28.35 1.84
C PHE C 350 -25.91 -28.01 1.07
N ASN C 351 -25.89 -28.27 -0.25
CA ASN C 351 -27.03 -27.99 -1.14
C ASN C 351 -28.24 -28.78 -0.68
N GLN C 352 -28.03 -30.07 -0.45
CA GLN C 352 -29.09 -30.94 0.06
C GLN C 352 -29.66 -30.45 1.38
N PHE C 353 -28.82 -29.84 2.19
CA PHE C 353 -29.30 -29.34 3.45
C PHE C 353 -30.16 -28.09 3.36
N VAL C 354 -29.83 -27.21 2.44
CA VAL C 354 -30.54 -25.96 2.30
C VAL C 354 -31.91 -26.19 1.60
N GLU C 355 -31.90 -27.01 0.55
CA GLU C 355 -33.13 -27.49 -0.11
C GLU C 355 -34.02 -28.23 0.88
N SER C 356 -33.40 -28.93 1.83
CA SER C 356 -34.11 -29.79 2.76
C SER C 356 -34.80 -28.99 3.87
N ALA C 357 -34.10 -27.97 4.37
CA ALA C 357 -34.59 -27.09 5.41
C ALA C 357 -35.59 -26.10 4.79
N SER C 358 -35.57 -26.00 3.47
CA SER C 358 -36.64 -25.29 2.75
C SER C 358 -37.93 -26.11 2.90
N VAL C 359 -37.95 -27.33 2.35
CA VAL C 359 -39.07 -28.29 2.49
C VAL C 359 -39.73 -28.26 3.88
N PHE C 360 -38.90 -28.14 4.93
CA PHE C 360 -39.34 -28.15 6.33
C PHE C 360 -39.49 -26.75 6.97
N LYS C 361 -39.72 -25.73 6.13
CA LYS C 361 -40.03 -24.34 6.55
C LYS C 361 -39.16 -23.80 7.71
N VAL C 362 -37.84 -23.89 7.56
CA VAL C 362 -36.92 -23.15 8.44
C VAL C 362 -37.00 -21.64 8.15
N PRO C 363 -36.99 -20.81 9.21
CA PRO C 363 -36.83 -19.36 8.97
C PRO C 363 -35.41 -18.89 8.49
N PHE C 364 -35.27 -18.63 7.18
CA PHE C 364 -34.07 -17.99 6.59
C PHE C 364 -34.44 -16.71 5.82
N LEU C 365 -33.79 -15.59 6.18
CA LEU C 365 -34.00 -14.29 5.54
C LEU C 365 -33.11 -14.13 4.28
N SER C 366 -31.95 -14.79 4.27
CA SER C 366 -31.15 -15.02 3.04
C SER C 366 -30.45 -16.39 3.11
N LEU C 367 -29.31 -16.56 2.43
CA LEU C 367 -28.73 -17.92 2.26
C LEU C 367 -27.86 -18.44 3.42
N TYR C 368 -27.32 -17.53 4.23
CA TYR C 368 -26.67 -17.98 5.46
C TYR C 368 -27.22 -17.33 6.69
N VAL C 369 -28.17 -16.39 6.53
CA VAL C 369 -28.64 -15.60 7.68
C VAL C 369 -30.00 -15.93 8.32
N THR C 370 -29.98 -16.03 9.65
CA THR C 370 -31.13 -16.36 10.44
C THR C 370 -31.10 -15.61 11.77
N THR C 371 -32.13 -15.71 12.59
CA THR C 371 -32.09 -15.00 13.87
C THR C 371 -31.23 -15.77 14.87
N CYS C 372 -30.55 -15.08 15.79
CA CYS C 372 -29.71 -15.80 16.76
C CYS C 372 -30.48 -16.73 17.71
N GLY C 373 -31.74 -16.41 17.99
CA GLY C 373 -32.63 -17.36 18.70
C GLY C 373 -33.38 -18.43 17.86
N ASN C 374 -32.93 -18.68 16.62
CA ASN C 374 -33.63 -19.69 15.79
C ASN C 374 -33.66 -21.05 16.47
N THR C 375 -34.84 -21.32 17.04
CA THR C 375 -35.18 -22.62 17.65
C THR C 375 -35.11 -23.84 16.71
N LYS C 376 -35.50 -23.66 15.45
CA LYS C 376 -35.76 -24.80 14.60
C LYS C 376 -34.55 -25.41 13.92
N LEU C 377 -33.34 -24.93 14.22
CA LEU C 377 -32.14 -25.40 13.50
C LEU C 377 -31.61 -26.74 14.01
N PRO C 378 -31.18 -27.62 13.09
CA PRO C 378 -30.79 -28.96 13.52
C PRO C 378 -29.45 -28.99 14.21
N THR C 379 -29.23 -30.02 15.03
CA THR C 379 -27.87 -30.33 15.49
C THR C 379 -27.06 -31.08 14.41
N LEU C 380 -25.81 -30.69 14.24
CA LEU C 380 -24.88 -31.37 13.30
C LEU C 380 -24.25 -32.54 14.05
N GLU C 381 -24.31 -33.73 13.47
CA GLU C 381 -23.87 -34.92 14.17
C GLU C 381 -22.76 -35.60 13.41
N TYR C 382 -21.71 -36.01 14.15
CA TYR C 382 -20.60 -36.80 13.60
C TYR C 382 -20.60 -38.13 14.37
N ARG C 383 -21.07 -39.19 13.73
CA ARG C 383 -21.28 -40.45 14.37
C ARG C 383 -20.13 -41.43 14.09
N SER C 384 -19.53 -41.96 15.14
CA SER C 384 -18.59 -43.09 14.99
C SER C 384 -19.28 -44.35 15.50
N PRO C 385 -18.61 -45.52 15.40
CA PRO C 385 -19.27 -46.77 15.90
C PRO C 385 -19.64 -46.75 17.37
N ASN C 386 -18.98 -45.95 18.21
CA ASN C 386 -19.50 -45.80 19.58
C ASN C 386 -19.61 -44.46 20.23
N LYS C 387 -19.58 -43.38 19.47
CA LYS C 387 -19.82 -42.10 20.07
C LYS C 387 -20.32 -41.17 19.01
N VAL C 388 -21.24 -40.31 19.40
CA VAL C 388 -21.76 -39.29 18.51
C VAL C 388 -21.26 -37.95 19.04
N TYR C 389 -20.55 -37.21 18.17
CA TYR C 389 -20.07 -35.84 18.43
C TYR C 389 -21.07 -34.92 17.73
N THR C 390 -21.46 -33.85 18.42
CA THR C 390 -22.47 -32.95 17.91
C THR C 390 -22.01 -31.50 17.98
N LEU C 391 -22.55 -30.71 17.05
CA LEU C 391 -22.41 -29.26 17.11
C LEU C 391 -23.79 -28.69 16.99
N GLU C 392 -24.20 -27.97 18.03
CA GLU C 392 -25.52 -27.37 18.04
C GLU C 392 -25.47 -26.03 17.38
N PRO C 393 -26.65 -25.41 17.12
CA PRO C 393 -26.66 -24.03 16.61
C PRO C 393 -25.71 -23.10 17.40
N LYS C 394 -25.83 -23.06 18.72
CA LYS C 394 -24.82 -22.49 19.63
C LYS C 394 -23.35 -22.57 19.19
N GLN C 395 -22.97 -23.66 18.53
CA GLN C 395 -21.57 -23.82 18.17
C GLN C 395 -21.30 -23.55 16.71
N TYR C 396 -22.34 -23.53 15.86
CA TYR C 396 -22.06 -23.27 14.45
C TYR C 396 -22.57 -21.93 13.85
N LEU C 397 -23.01 -21.06 14.73
CA LEU C 397 -23.66 -19.86 14.35
C LEU C 397 -22.70 -18.75 14.75
N GLU C 398 -22.51 -17.77 13.86
N GLU C 398 -22.51 -17.77 13.89
CA GLU C 398 -21.67 -16.57 14.15
CA GLU C 398 -21.69 -16.60 14.27
C GLU C 398 -22.57 -15.35 14.09
C GLU C 398 -22.55 -15.36 14.12
N PRO C 399 -22.52 -14.48 15.11
CA PRO C 399 -23.40 -13.32 15.09
C PRO C 399 -22.95 -12.25 14.09
N LEU C 400 -23.90 -11.56 13.47
CA LEU C 400 -23.68 -10.40 12.60
C LEU C 400 -23.12 -9.21 13.32
N GLU C 401 -23.59 -8.94 14.53
CA GLU C 401 -23.03 -7.87 15.37
C GLU C 401 -22.23 -8.49 16.54
N ASN C 402 -21.29 -7.72 17.07
CA ASN C 402 -20.41 -8.17 18.14
C ASN C 402 -20.94 -7.96 19.58
N ILE C 403 -22.12 -7.37 19.77
CA ILE C 403 -22.78 -7.35 21.07
C ILE C 403 -24.30 -7.33 20.82
N PHE C 404 -25.04 -8.08 21.64
CA PHE C 404 -26.50 -8.13 21.57
C PHE C 404 -27.06 -8.26 20.13
N SER C 405 -26.58 -9.24 19.39
CA SER C 405 -26.95 -9.40 18.00
C SER C 405 -28.29 -10.13 17.84
N ALA C 406 -29.22 -9.52 17.14
CA ALA C 406 -30.42 -10.17 16.69
C ALA C 406 -30.18 -11.24 15.61
N LEU C 407 -29.18 -11.03 14.73
CA LEU C 407 -29.06 -11.88 13.54
C LEU C 407 -27.77 -12.65 13.56
N CYS C 408 -27.77 -13.82 12.96
CA CYS C 408 -26.63 -14.72 12.94
C CYS C 408 -26.42 -15.35 11.54
N MET C 409 -25.21 -15.86 11.31
CA MET C 409 -24.92 -16.64 10.09
C MET C 409 -24.44 -18.03 10.38
N LEU C 410 -24.67 -18.95 9.46
CA LEU C 410 -24.11 -20.29 9.57
C LEU C 410 -22.63 -20.25 9.34
N ASN C 411 -21.84 -20.58 10.32
CA ASN C 411 -20.42 -20.70 10.11
C ASN C 411 -20.07 -22.05 9.50
N ILE C 412 -20.79 -22.45 8.47
CA ILE C 412 -20.56 -23.76 7.87
C ILE C 412 -20.34 -23.47 6.39
N VAL C 413 -19.16 -23.84 5.88
CA VAL C 413 -18.90 -23.49 4.51
C VAL C 413 -18.82 -24.62 3.48
N PRO C 414 -19.68 -24.57 2.46
CA PRO C 414 -19.63 -25.59 1.43
C PRO C 414 -18.36 -25.46 0.60
N ILE C 415 -17.58 -26.53 0.47
CA ILE C 415 -16.30 -26.48 -0.25
C ILE C 415 -15.79 -27.87 -0.55
N ASP C 416 -15.59 -28.19 -1.81
CA ASP C 416 -15.16 -29.53 -2.17
C ASP C 416 -13.66 -29.63 -2.15
N LEU C 417 -13.10 -30.30 -1.13
CA LEU C 417 -11.64 -30.51 -1.00
C LEU C 417 -11.21 -31.84 -1.59
N GLU C 418 -11.86 -32.92 -1.18
CA GLU C 418 -11.71 -34.28 -1.75
C GLU C 418 -13.03 -35.02 -1.54
N LYS C 419 -13.15 -36.17 -2.21
CA LYS C 419 -14.29 -37.02 -2.06
C LYS C 419 -14.71 -37.10 -0.60
N ASN C 420 -15.98 -36.80 -0.34
CA ASN C 420 -16.56 -37.00 0.99
C ASN C 420 -15.89 -36.37 2.18
N THR C 421 -15.19 -35.27 1.95
CA THR C 421 -14.32 -34.73 2.96
C THR C 421 -14.91 -33.51 3.67
N PHE C 422 -14.78 -33.53 5.00
CA PHE C 422 -15.37 -32.55 5.86
C PHE C 422 -14.22 -32.14 6.72
N VAL C 423 -14.16 -30.86 7.08
CA VAL C 423 -13.13 -30.31 7.93
C VAL C 423 -13.77 -29.76 9.19
N LEU C 424 -13.17 -30.08 10.31
CA LEU C 424 -13.52 -29.49 11.60
C LEU C 424 -12.43 -28.50 12.04
N GLY C 425 -12.79 -27.25 12.21
CA GLY C 425 -11.86 -26.27 12.73
C GLY C 425 -12.24 -25.89 14.17
N ASP C 426 -11.93 -24.64 14.51
CA ASP C 426 -12.26 -24.01 15.78
C ASP C 426 -13.60 -24.28 16.37
N PRO C 427 -14.70 -24.05 15.62
CA PRO C 427 -16.00 -24.16 16.27
C PRO C 427 -16.12 -25.52 16.98
N PHE C 428 -15.58 -26.57 16.36
CA PHE C 428 -15.53 -27.87 16.97
C PHE C 428 -14.55 -28.04 18.14
N MET C 429 -13.36 -27.48 17.97
CA MET C 429 -12.31 -27.60 18.98
C MET C 429 -12.68 -26.78 20.22
N ARG C 430 -13.52 -25.75 20.01
CA ARG C 430 -14.02 -24.97 21.12
C ARG C 430 -14.87 -25.83 22.07
N LYS C 431 -15.61 -26.81 21.56
CA LYS C 431 -16.45 -27.61 22.40
C LYS C 431 -15.69 -28.85 22.92
N TYR C 432 -14.80 -29.38 22.07
CA TYR C 432 -14.07 -30.64 22.34
C TYR C 432 -12.56 -30.45 22.49
N PHE C 433 -12.11 -30.73 23.70
CA PHE C 433 -10.72 -30.93 23.97
C PHE C 433 -10.28 -32.07 23.09
N THR C 434 -9.16 -31.91 22.40
CA THR C 434 -8.79 -32.93 21.42
C THR C 434 -7.39 -33.42 21.67
N VAL C 435 -7.15 -34.69 21.44
CA VAL C 435 -5.92 -35.34 21.80
C VAL C 435 -5.37 -36.05 20.54
N TYR C 436 -4.09 -35.87 20.28
CA TYR C 436 -3.48 -36.35 19.04
C TYR C 436 -2.37 -37.30 19.40
N ASP C 437 -2.57 -38.59 19.10
CA ASP C 437 -1.75 -39.66 19.66
C ASP C 437 -1.06 -40.48 18.54
N TYR C 438 0.22 -40.17 18.30
CA TYR C 438 1.03 -40.83 17.26
C TYR C 438 1.28 -42.29 17.58
N ASP C 439 1.63 -42.58 18.84
CA ASP C 439 1.81 -43.96 19.30
C ASP C 439 0.70 -44.92 18.86
N ASN C 440 -0.57 -44.55 19.09
CA ASN C 440 -1.69 -45.48 18.91
C ASN C 440 -2.49 -45.15 17.67
N HIS C 441 -2.03 -44.14 16.92
CA HIS C 441 -2.67 -43.74 15.68
C HIS C 441 -4.14 -43.39 15.88
N THR C 442 -4.42 -42.57 16.89
CA THR C 442 -5.81 -42.24 17.25
C THR C 442 -5.95 -40.76 17.62
N VAL C 443 -7.18 -40.28 17.54
CA VAL C 443 -7.56 -38.99 18.07
C VAL C 443 -8.56 -39.20 19.20
N GLY C 444 -8.42 -38.41 20.25
CA GLY C 444 -9.33 -38.50 21.39
C GLY C 444 -10.15 -37.24 21.50
N PHE C 445 -11.42 -37.39 21.92
CA PHE C 445 -12.34 -36.26 22.05
C PHE C 445 -12.93 -36.27 23.41
N ALA C 446 -12.98 -35.10 24.01
CA ALA C 446 -13.68 -34.97 25.25
C ALA C 446 -14.32 -33.58 25.28
N LEU C 447 -15.39 -33.48 26.04
CA LEU C 447 -16.05 -32.23 26.24
C LEU C 447 -15.12 -31.33 27.05
N ALA C 448 -14.78 -30.16 26.52
CA ALA C 448 -13.95 -29.19 27.26
C ALA C 448 -14.66 -28.45 28.41
N LYS C 449 -13.96 -28.35 29.55
CA LYS C 449 -14.45 -27.74 30.79
C LYS C 449 -13.89 -26.33 30.94
N ASN C 450 -14.55 -25.44 31.69
CA ASN C 450 -13.88 -24.21 32.14
C ASN C 450 -12.71 -24.51 33.11
N LEU C 451 -11.61 -23.77 33.02
CA LEU C 451 -10.50 -24.00 33.96
C LEU C 451 -10.81 -23.34 35.31
N GLU D 125 2.86 -33.33 36.22
CA GLU D 125 2.10 -32.45 35.28
C GLU D 125 2.97 -32.15 34.05
N PHE D 126 2.34 -31.80 32.93
CA PHE D 126 3.02 -31.87 31.63
C PHE D 126 3.39 -30.53 31.05
N ASP D 127 4.14 -30.55 29.96
CA ASP D 127 4.53 -29.30 29.33
C ASP D 127 3.39 -28.57 28.57
N ASN D 128 3.07 -27.37 29.02
CA ASN D 128 1.95 -26.59 28.55
C ASN D 128 2.42 -25.27 27.94
N VAL D 129 2.09 -25.00 26.69
CA VAL D 129 2.28 -23.65 26.14
C VAL D 129 0.95 -22.92 25.98
N GLU D 130 0.94 -21.64 26.38
CA GLU D 130 -0.25 -20.83 26.30
C GLU D 130 -0.63 -20.58 24.85
N LEU D 131 -1.92 -20.44 24.62
CA LEU D 131 -2.42 -20.08 23.32
C LEU D 131 -3.10 -18.75 23.46
N LYS D 132 -3.07 -17.96 22.39
CA LYS D 132 -3.51 -16.55 22.40
C LYS D 132 -4.53 -16.24 21.32
N ASP D 133 -4.96 -14.98 21.34
CA ASP D 133 -5.79 -14.36 20.32
C ASP D 133 -4.99 -13.92 19.10
N LEU D 134 -5.65 -13.88 17.95
CA LEU D 134 -5.12 -13.15 16.78
C LEU D 134 -5.44 -11.65 16.92
N ALA D 135 -4.38 -10.83 16.90
CA ALA D 135 -4.51 -9.36 16.88
C ALA D 135 -5.67 -8.84 15.99
N ASN D 136 -6.75 -8.38 16.60
CA ASN D 136 -7.85 -7.87 15.80
C ASN D 136 -8.66 -6.71 16.41
N VAL D 137 -8.12 -5.49 16.28
CA VAL D 137 -8.65 -4.28 16.91
C VAL D 137 -9.97 -3.82 16.31
N LEU D 138 -10.96 -3.66 17.19
CA LEU D 138 -12.32 -3.24 16.86
C LEU D 138 -12.64 -2.02 17.71
N SER D 139 -13.85 -1.43 17.62
CA SER D 139 -14.23 -0.26 18.45
C SER D 139 -14.65 -0.66 19.85
N PHE D 140 -13.67 -1.07 20.62
CA PHE D 140 -13.89 -1.73 21.87
C PHE D 140 -12.85 -1.13 22.81
N GLY D 141 -13.29 -0.52 23.89
CA GLY D 141 -12.36 0.04 24.85
C GLY D 141 -13.00 0.28 26.20
N GLU D 142 -12.31 0.98 27.07
CA GLU D 142 -12.76 1.18 28.44
C GLU D 142 -13.36 2.57 28.66
N ALA D 143 -14.39 2.63 29.51
CA ALA D 143 -14.92 3.87 30.07
C ALA D 143 -15.42 3.66 31.50
N LYS D 144 -15.68 4.76 32.21
CA LYS D 144 -15.96 4.70 33.64
C LYS D 144 -17.27 5.32 34.09
N LEU D 145 -17.87 4.74 35.13
CA LEU D 145 -19.07 5.31 35.74
C LEU D 145 -18.86 5.65 37.20
N GLY D 146 -19.41 6.78 37.63
CA GLY D 146 -19.48 7.15 39.03
C GLY D 146 -18.25 7.90 39.45
N ASP D 147 -18.29 8.58 40.60
CA ASP D 147 -17.07 9.29 41.03
C ASP D 147 -15.97 8.36 41.59
N ASN D 148 -16.26 7.06 41.66
CA ASN D 148 -15.28 6.09 42.18
C ASN D 148 -14.71 5.23 41.06
N GLY D 149 -14.86 5.71 39.82
CA GLY D 149 -14.20 5.11 38.66
C GLY D 149 -14.45 3.64 38.31
N GLN D 150 -15.71 3.23 38.26
CA GLN D 150 -16.01 1.84 37.93
C GLN D 150 -15.79 1.67 36.45
N LYS D 151 -15.07 0.64 36.05
CA LYS D 151 -14.61 0.47 34.68
C LYS D 151 -15.42 -0.57 33.93
N PHE D 152 -15.64 -0.36 32.63
CA PHE D 152 -16.31 -1.36 31.83
C PHE D 152 -15.65 -1.49 30.45
N ASN D 153 -15.69 -2.69 29.88
CA ASN D 153 -15.35 -2.88 28.50
C ASN D 153 -16.59 -2.65 27.64
N PHE D 154 -16.55 -1.61 26.83
CA PHE D 154 -17.68 -1.19 26.00
C PHE D 154 -17.37 -1.38 24.54
N LEU D 155 -18.38 -1.76 23.81
CA LEU D 155 -18.31 -1.61 22.39
CA LEU D 155 -18.35 -1.62 22.38
C LEU D 155 -18.73 -0.14 22.12
N PHE D 156 -17.82 0.64 21.53
CA PHE D 156 -18.18 2.01 21.17
C PHE D 156 -18.99 2.00 19.89
N HIS D 157 -20.27 2.28 20.02
CA HIS D 157 -21.20 1.82 19.03
C HIS D 157 -21.77 2.97 18.19
N THR D 158 -21.37 3.13 16.94
CA THR D 158 -21.89 4.28 16.18
C THR D 158 -23.36 4.15 15.74
N ALA D 159 -23.96 2.99 15.91
CA ALA D 159 -25.33 2.79 15.47
C ALA D 159 -26.23 2.48 16.69
N SER D 160 -25.97 3.08 17.83
CA SER D 160 -26.80 2.91 19.02
C SER D 160 -26.72 4.22 19.76
N SER D 161 -27.74 4.55 20.53
CA SER D 161 -27.77 5.87 21.16
C SER D 161 -27.99 5.90 22.66
N ASN D 162 -27.69 4.83 23.39
CA ASN D 162 -27.72 4.93 24.86
C ASN D 162 -26.48 4.26 25.36
N VAL D 163 -26.07 4.54 26.60
CA VAL D 163 -25.13 3.63 27.20
C VAL D 163 -25.84 2.59 28.10
N TRP D 164 -25.43 1.35 27.89
CA TRP D 164 -25.99 0.19 28.57
C TRP D 164 -24.85 -0.48 29.29
N VAL D 165 -25.07 -0.74 30.57
CA VAL D 165 -24.05 -1.26 31.45
C VAL D 165 -24.73 -2.32 32.40
N PRO D 166 -24.03 -3.44 32.71
CA PRO D 166 -24.70 -4.38 33.64
C PRO D 166 -24.83 -3.80 35.06
N SER D 167 -26.02 -3.92 35.65
CA SER D 167 -26.22 -3.53 37.04
C SER D 167 -25.75 -4.60 38.04
N ILE D 168 -25.30 -4.15 39.20
CA ILE D 168 -25.00 -5.02 40.34
C ILE D 168 -26.27 -5.77 40.70
N LYS D 169 -27.43 -5.19 40.42
CA LYS D 169 -28.72 -5.86 40.69
CA LYS D 169 -28.69 -5.89 40.71
C LYS D 169 -29.07 -6.90 39.63
N CYS D 170 -28.22 -7.08 38.60
CA CYS D 170 -28.63 -8.02 37.54
C CYS D 170 -28.76 -9.44 38.09
N THR D 171 -29.93 -10.05 37.84
CA THR D 171 -30.25 -11.41 38.31
C THR D 171 -29.87 -12.56 37.34
N SER D 172 -29.45 -12.22 36.11
CA SER D 172 -29.21 -13.21 35.06
C SER D 172 -27.85 -13.89 35.20
N GLU D 173 -27.71 -15.11 34.68
CA GLU D 173 -26.39 -15.78 34.63
C GLU D 173 -25.41 -15.04 33.71
N SER D 174 -25.87 -14.61 32.53
CA SER D 174 -25.05 -13.81 31.62
C SER D 174 -24.23 -12.71 32.31
N CYS D 175 -24.78 -12.11 33.37
CA CYS D 175 -24.11 -11.03 34.09
C CYS D 175 -22.98 -11.49 35.03
N GLU D 176 -22.86 -12.80 35.30
CA GLU D 176 -21.95 -13.29 36.36
C GLU D 176 -20.51 -12.90 36.13
N SER D 177 -20.00 -13.21 34.96
CA SER D 177 -18.63 -12.84 34.63
C SER D 177 -18.37 -11.34 34.29
N LYS D 178 -19.38 -10.47 34.30
CA LYS D 178 -19.19 -9.10 33.84
C LYS D 178 -18.84 -8.14 34.96
N ASN D 179 -18.36 -6.96 34.57
CA ASN D 179 -18.27 -5.78 35.42
C ASN D 179 -19.65 -5.19 35.63
N HIS D 180 -19.87 -4.59 36.80
CA HIS D 180 -21.20 -4.17 37.23
C HIS D 180 -21.14 -2.77 37.74
N TYR D 181 -22.22 -2.04 37.57
CA TYR D 181 -22.33 -0.71 38.11
C TYR D 181 -23.08 -0.80 39.43
N ASP D 182 -22.46 -0.24 40.46
CA ASP D 182 -23.03 -0.24 41.78
C ASP D 182 -23.24 1.18 42.25
N SER D 183 -24.45 1.70 42.05
CA SER D 183 -24.75 3.10 42.36
C SER D 183 -24.51 3.49 43.82
N SER D 184 -24.60 2.53 44.75
CA SER D 184 -24.43 2.83 46.18
C SER D 184 -22.98 3.22 46.55
N LYS D 185 -22.04 2.98 45.64
CA LYS D 185 -20.64 3.39 45.78
C LYS D 185 -20.29 4.78 45.21
N SER D 186 -21.22 5.43 44.52
CA SER D 186 -20.85 6.67 43.86
C SER D 186 -21.63 7.82 44.48
N LYS D 187 -20.92 8.81 45.01
CA LYS D 187 -21.55 9.92 45.71
C LYS D 187 -22.22 10.87 44.71
N THR D 188 -21.97 10.67 43.44
CA THR D 188 -22.49 11.50 42.36
CA THR D 188 -22.54 11.54 42.42
C THR D 188 -23.66 10.84 41.61
N TYR D 189 -24.09 9.68 42.08
CA TYR D 189 -25.23 8.97 41.49
C TYR D 189 -26.49 9.75 41.79
N GLU D 190 -27.33 9.93 40.78
CA GLU D 190 -28.64 10.63 40.94
C GLU D 190 -29.71 9.65 40.46
N LYS D 191 -30.71 9.41 41.31
CA LYS D 191 -31.65 8.35 41.05
C LYS D 191 -32.62 8.77 39.94
N ASP D 192 -32.82 7.89 38.98
CA ASP D 192 -33.83 8.11 37.99
C ASP D 192 -34.88 7.00 38.18
N ASP D 193 -34.49 5.78 37.86
CA ASP D 193 -35.31 4.59 37.96
C ASP D 193 -36.36 4.36 36.91
N THR D 194 -36.41 5.16 35.86
CA THR D 194 -37.34 4.85 34.78
C THR D 194 -36.99 3.50 34.17
N PRO D 195 -37.97 2.55 34.16
CA PRO D 195 -37.77 1.19 33.65
C PRO D 195 -37.72 1.16 32.14
N VAL D 196 -36.86 0.31 31.58
CA VAL D 196 -36.87 0.08 30.14
C VAL D 196 -36.87 -1.40 29.90
N LYS D 197 -37.46 -1.82 28.79
CA LYS D 197 -37.42 -3.21 28.42
C LYS D 197 -37.42 -3.25 26.90
N LEU D 198 -36.40 -3.90 26.34
CA LEU D 198 -36.25 -4.13 24.90
C LEU D 198 -36.23 -5.61 24.66
N THR D 199 -37.03 -6.03 23.71
CA THR D 199 -37.32 -7.43 23.64
C THR D 199 -37.43 -7.84 22.18
N SER D 200 -36.48 -8.66 21.74
CA SER D 200 -36.36 -9.05 20.33
C SER D 200 -35.99 -10.51 20.18
N LYS D 201 -36.51 -11.12 19.13
CA LYS D 201 -36.47 -12.58 18.97
C LYS D 201 -35.14 -13.26 19.35
N ALA D 202 -34.07 -12.50 19.61
CA ALA D 202 -32.80 -13.14 20.04
C ALA D 202 -32.53 -13.04 21.54
N GLY D 203 -33.37 -12.28 22.23
CA GLY D 203 -33.20 -12.01 23.66
C GLY D 203 -33.97 -10.78 24.14
N THR D 204 -33.87 -10.49 25.43
CA THR D 204 -34.58 -9.34 25.99
C THR D 204 -33.69 -8.73 27.05
N ILE D 205 -33.62 -7.41 27.06
CA ILE D 205 -32.85 -6.70 28.05
C ILE D 205 -33.78 -5.78 28.84
N SER D 206 -33.84 -5.91 30.17
CA SER D 206 -34.51 -4.88 30.96
C SER D 206 -33.59 -4.16 31.93
N GLY D 207 -33.99 -2.96 32.32
CA GLY D 207 -33.14 -2.16 33.15
C GLY D 207 -33.81 -0.93 33.68
N ILE D 208 -33.02 -0.06 34.28
CA ILE D 208 -33.50 1.22 34.77
C ILE D 208 -32.54 2.35 34.37
N PHE D 209 -33.07 3.54 34.16
CA PHE D 209 -32.22 4.67 33.86
C PHE D 209 -31.63 5.15 35.14
N SER D 210 -30.38 5.58 35.04
CA SER D 210 -29.67 6.15 36.16
C SER D 210 -28.79 7.21 35.58
N LYS D 211 -28.45 8.17 36.43
CA LYS D 211 -27.55 9.22 36.07
C LYS D 211 -26.30 9.25 36.96
N ASP D 212 -25.15 9.39 36.34
CA ASP D 212 -23.94 9.51 37.12
C ASP D 212 -22.86 10.10 36.20
N LEU D 213 -21.72 10.44 36.78
CA LEU D 213 -20.51 10.73 36.04
C LEU D 213 -20.27 9.62 35.04
N VAL D 214 -20.09 9.97 33.77
CA VAL D 214 -19.60 9.04 32.74
C VAL D 214 -18.28 9.60 32.12
N THR D 215 -17.22 8.77 32.10
CA THR D 215 -15.85 9.20 31.83
C THR D 215 -15.19 8.40 30.74
N ILE D 216 -14.66 9.11 29.72
CA ILE D 216 -13.86 8.48 28.66
C ILE D 216 -12.50 9.18 28.72
N GLY D 217 -11.44 8.49 29.17
CA GLY D 217 -10.12 9.06 29.27
C GLY D 217 -10.13 10.17 30.29
N LYS D 218 -9.70 11.37 29.90
CA LYS D 218 -9.65 12.56 30.77
C LYS D 218 -11.02 13.16 30.91
N LEU D 219 -11.96 12.81 30.03
CA LEU D 219 -13.21 13.59 29.94
C LEU D 219 -14.35 13.02 30.75
N SER D 220 -15.14 13.92 31.32
CA SER D 220 -16.10 13.53 32.31
C SER D 220 -17.29 14.47 32.47
N VAL D 221 -18.48 13.89 32.40
CA VAL D 221 -19.70 14.63 32.53
C VAL D 221 -20.85 13.78 33.13
N PRO D 222 -21.71 14.40 33.93
CA PRO D 222 -22.90 13.65 34.33
C PRO D 222 -23.74 13.29 33.09
N TYR D 223 -24.19 12.05 33.03
CA TYR D 223 -24.88 11.53 31.88
C TYR D 223 -25.93 10.50 32.33
N LYS D 224 -26.98 10.26 31.54
CA LYS D 224 -27.98 9.23 31.89
C LYS D 224 -27.74 7.95 31.11
N PHE D 225 -27.68 6.83 31.82
CA PHE D 225 -27.34 5.55 31.18
C PHE D 225 -28.38 4.53 31.63
N ILE D 226 -28.39 3.34 31.02
CA ILE D 226 -29.31 2.27 31.43
C ILE D 226 -28.51 1.15 32.13
N GLU D 227 -28.78 0.90 33.42
CA GLU D 227 -28.18 -0.22 34.16
C GLU D 227 -29.00 -1.45 33.79
N MET D 228 -28.40 -2.45 33.14
CA MET D 228 -29.23 -3.59 32.80
C MET D 228 -29.48 -4.50 34.01
N THR D 229 -30.73 -4.92 34.13
CA THR D 229 -31.25 -5.60 35.31
C THR D 229 -31.54 -7.07 35.05
N GLU D 230 -31.62 -7.43 33.77
CA GLU D 230 -31.99 -8.74 33.31
C GLU D 230 -31.55 -8.84 31.85
N ILE D 231 -30.79 -9.88 31.52
CA ILE D 231 -30.39 -10.13 30.15
C ILE D 231 -30.69 -11.58 29.76
N VAL D 232 -31.71 -11.73 28.94
CA VAL D 232 -32.16 -13.06 28.55
C VAL D 232 -31.79 -13.28 27.07
N GLY D 233 -31.09 -14.40 26.85
CA GLY D 233 -30.61 -14.76 25.53
C GLY D 233 -29.28 -14.07 25.23
N PHE D 234 -29.03 -13.83 23.94
CA PHE D 234 -27.73 -13.39 23.44
C PHE D 234 -26.58 -14.34 23.73
N GLU D 235 -26.90 -15.59 24.04
CA GLU D 235 -25.92 -16.61 24.40
C GLU D 235 -25.64 -17.52 23.22
N PRO D 236 -24.43 -18.13 23.17
CA PRO D 236 -23.34 -18.00 24.14
C PRO D 236 -22.53 -16.70 23.98
N PHE D 237 -22.81 -15.94 22.94
CA PHE D 237 -21.93 -14.83 22.56
C PHE D 237 -21.68 -13.84 23.64
N TYR D 238 -22.72 -13.34 24.29
CA TYR D 238 -22.50 -12.30 25.26
C TYR D 238 -21.60 -12.79 26.35
N SER D 239 -21.92 -13.94 26.93
CA SER D 239 -21.05 -14.42 28.02
C SER D 239 -19.69 -14.98 27.58
N GLU D 240 -19.55 -15.50 26.35
CA GLU D 240 -18.24 -15.90 25.79
CA GLU D 240 -18.21 -15.91 25.89
C GLU D 240 -17.28 -14.71 25.55
N SER D 241 -17.82 -13.50 25.47
CA SER D 241 -16.96 -12.39 25.08
C SER D 241 -16.68 -11.55 26.29
N ASP D 242 -15.80 -10.58 26.13
CA ASP D 242 -15.49 -9.79 27.28
C ASP D 242 -15.93 -8.34 27.15
N VAL D 243 -16.94 -8.10 26.33
CA VAL D 243 -17.55 -6.79 26.36
C VAL D 243 -18.60 -6.79 27.49
N ASP D 244 -18.61 -5.77 28.36
CA ASP D 244 -19.66 -5.64 29.36
C ASP D 244 -20.93 -5.03 28.76
N GLY D 245 -20.79 -4.08 27.86
CA GLY D 245 -21.94 -3.32 27.46
C GLY D 245 -21.68 -2.44 26.25
N VAL D 246 -22.63 -1.54 25.99
CA VAL D 246 -22.58 -0.73 24.81
C VAL D 246 -22.57 0.75 25.15
N PHE D 247 -21.67 1.45 24.45
CA PHE D 247 -21.54 2.89 24.62
C PHE D 247 -21.94 3.51 23.29
N GLY D 248 -23.22 3.87 23.19
CA GLY D 248 -23.82 4.43 21.98
C GLY D 248 -23.20 5.77 21.61
N LEU D 249 -22.87 5.94 20.34
CA LEU D 249 -22.31 7.18 19.87
C LEU D 249 -23.10 7.70 18.65
N GLY D 250 -24.41 7.43 18.65
CA GLY D 250 -25.32 7.88 17.61
C GLY D 250 -26.08 9.18 17.92
N TRP D 251 -27.23 9.36 17.30
CA TRP D 251 -27.95 10.62 17.44
C TRP D 251 -29.06 10.51 18.44
N LYS D 252 -29.50 11.65 18.95
CA LYS D 252 -30.62 11.73 19.86
C LYS D 252 -31.92 11.01 19.41
N ASP D 253 -32.36 11.21 18.18
CA ASP D 253 -33.67 10.73 17.80
C ASP D 253 -33.78 9.22 17.78
N LEU D 254 -32.65 8.53 17.85
CA LEU D 254 -32.66 7.07 18.02
C LEU D 254 -32.57 6.61 19.46
N SER D 255 -32.42 7.54 20.40
CA SER D 255 -32.19 7.15 21.79
C SER D 255 -33.49 6.85 22.49
N ILE D 256 -33.47 5.81 23.33
CA ILE D 256 -34.54 5.60 24.27
C ILE D 256 -34.42 6.70 25.30
N GLY D 257 -35.49 7.48 25.44
CA GLY D 257 -35.52 8.51 26.47
C GLY D 257 -35.17 9.84 25.87
N SER D 258 -34.74 9.79 24.59
CA SER D 258 -34.43 10.98 23.84
C SER D 258 -33.35 11.79 24.61
N ILE D 259 -32.29 11.07 24.98
CA ILE D 259 -31.14 11.64 25.70
C ILE D 259 -30.11 12.20 24.71
N ASP D 260 -29.67 13.43 24.92
CA ASP D 260 -28.59 14.02 24.12
C ASP D 260 -27.38 13.09 24.11
N PRO D 261 -26.71 12.95 22.94
CA PRO D 261 -25.54 12.12 22.85
C PRO D 261 -24.44 12.58 23.77
N TYR D 262 -23.69 11.59 24.28
CA TYR D 262 -22.61 11.85 25.24
C TYR D 262 -21.69 12.94 24.76
N ILE D 263 -21.30 12.86 23.48
CA ILE D 263 -20.34 13.85 22.97
C ILE D 263 -20.92 15.27 22.97
N VAL D 264 -22.21 15.39 22.58
CA VAL D 264 -22.98 16.64 22.70
C VAL D 264 -22.98 17.17 24.15
N GLU D 265 -23.17 16.27 25.10
CA GLU D 265 -23.33 16.68 26.50
C GLU D 265 -22.01 17.23 27.00
N LEU D 266 -20.91 16.61 26.56
CA LEU D 266 -19.60 17.15 26.85
C LEU D 266 -19.49 18.61 26.39
N LYS D 267 -19.89 18.88 25.15
CA LYS D 267 -19.88 20.23 24.65
C LYS D 267 -20.88 21.09 25.39
N THR D 268 -22.09 20.59 25.57
CA THR D 268 -23.11 21.34 26.29
C THR D 268 -22.50 21.82 27.61
N GLN D 269 -21.76 20.94 28.27
CA GLN D 269 -21.16 21.28 29.58
C GLN D 269 -19.76 21.91 29.53
N ASN D 270 -19.30 22.30 28.33
CA ASN D 270 -18.02 23.02 28.21
C ASN D 270 -16.78 22.20 28.51
N LYS D 271 -16.82 20.93 28.22
CA LYS D 271 -15.72 20.03 28.53
C LYS D 271 -14.79 20.00 27.32
N ILE D 272 -15.40 20.12 26.14
CA ILE D 272 -14.72 20.19 24.85
C ILE D 272 -15.42 21.29 24.12
N GLU D 273 -14.85 21.78 23.03
CA GLU D 273 -15.53 22.82 22.31
C GLU D 273 -16.05 22.39 20.93
N GLN D 274 -15.70 21.21 20.47
CA GLN D 274 -16.30 20.70 19.26
C GLN D 274 -16.91 19.32 19.50
N ALA D 275 -18.22 19.21 19.26
CA ALA D 275 -18.87 17.94 19.44
C ALA D 275 -18.57 17.08 18.25
N VAL D 276 -17.37 16.49 18.27
CA VAL D 276 -16.88 15.62 17.19
C VAL D 276 -16.03 14.49 17.79
N TYR D 277 -16.09 13.32 17.18
CA TYR D 277 -15.17 12.24 17.55
C TYR D 277 -14.75 11.49 16.31
N SER D 278 -13.76 10.62 16.47
CA SER D 278 -13.26 9.88 15.32
C SER D 278 -12.93 8.48 15.77
N ILE D 279 -13.01 7.55 14.83
CA ILE D 279 -12.60 6.22 15.13
C ILE D 279 -11.51 5.80 14.20
N TYR D 280 -10.41 5.36 14.80
CA TYR D 280 -9.28 4.87 14.05
C TYR D 280 -9.04 3.40 14.39
N LEU D 281 -9.20 2.55 13.39
CA LEU D 281 -8.70 1.19 13.50
C LEU D 281 -7.39 1.03 12.69
N PRO D 282 -6.38 0.36 13.31
CA PRO D 282 -5.13 0.16 12.61
C PRO D 282 -5.41 -0.62 11.32
N PRO D 283 -5.00 -0.07 10.16
CA PRO D 283 -5.33 -0.76 8.90
C PRO D 283 -4.62 -2.09 8.66
N GLU D 284 -3.59 -2.41 9.46
CA GLU D 284 -2.96 -3.71 9.49
C GLU D 284 -2.67 -4.21 10.89
N ASN D 285 -3.39 -3.73 11.90
CA ASN D 285 -3.20 -4.25 13.29
C ASN D 285 -1.78 -4.16 13.86
N LYS D 286 -0.95 -3.25 13.31
CA LYS D 286 0.44 -3.08 13.79
C LYS D 286 0.55 -2.18 15.02
N ASN D 287 -0.55 -1.58 15.44
CA ASN D 287 -0.58 -0.71 16.61
C ASN D 287 -2.00 -0.71 17.23
N LYS D 288 -2.21 0.12 18.23
CA LYS D 288 -3.54 0.23 18.82
C LYS D 288 -4.55 1.05 17.96
N GLY D 289 -5.83 0.81 18.16
CA GLY D 289 -6.85 1.66 17.61
C GLY D 289 -7.05 2.81 18.57
N TYR D 290 -7.76 3.84 18.10
CA TYR D 290 -8.05 4.99 18.96
C TYR D 290 -9.41 5.55 18.73
N LEU D 291 -10.12 5.87 19.81
CA LEU D 291 -11.29 6.74 19.70
C LEU D 291 -10.85 8.12 20.16
N THR D 292 -11.00 9.12 19.30
CA THR D 292 -10.59 10.45 19.66
C THR D 292 -11.81 11.38 19.80
N ILE D 293 -11.84 12.20 20.85
CA ILE D 293 -12.92 13.15 21.08
C ILE D 293 -12.45 14.61 21.04
N GLY D 294 -13.20 15.45 20.37
CA GLY D 294 -12.98 16.87 20.52
C GLY D 294 -12.24 17.51 19.39
N GLY D 295 -11.57 16.71 18.55
CA GLY D 295 -10.85 17.24 17.37
C GLY D 295 -10.13 16.23 16.46
N ILE D 296 -9.48 16.75 15.40
CA ILE D 296 -8.90 15.91 14.35
C ILE D 296 -7.41 15.66 14.50
N GLU D 297 -7.04 14.40 14.50
CA GLU D 297 -5.64 14.02 14.71
C GLU D 297 -5.06 13.45 13.40
N GLU D 298 -4.20 14.23 12.77
CA GLU D 298 -3.71 13.91 11.42
C GLU D 298 -2.77 12.71 11.33
N ARG D 299 -2.10 12.36 12.43
CA ARG D 299 -1.29 11.14 12.45
C ARG D 299 -2.09 9.91 12.00
N PHE D 300 -3.42 9.89 12.14
CA PHE D 300 -4.14 8.68 11.74
C PHE D 300 -4.33 8.42 10.24
N PHE D 301 -4.13 9.43 9.39
CA PHE D 301 -4.62 9.35 8.01
C PHE D 301 -3.75 10.11 6.98
N ASP D 302 -3.88 9.73 5.71
CA ASP D 302 -3.34 10.45 4.57
C ASP D 302 -4.51 11.19 3.95
N GLY D 303 -4.36 12.51 3.73
CA GLY D 303 -5.42 13.31 3.16
C GLY D 303 -5.77 12.74 1.78
N PRO D 304 -6.93 13.10 1.26
CA PRO D 304 -7.89 14.05 1.76
C PRO D 304 -8.83 13.48 2.82
N LEU D 305 -9.24 14.32 3.77
CA LEU D 305 -10.37 14.05 4.65
C LEU D 305 -11.59 14.65 4.01
N ASN D 306 -12.47 13.83 3.43
CA ASN D 306 -13.67 14.34 2.78
CA ASN D 306 -13.67 14.33 2.76
C ASN D 306 -14.94 14.21 3.62
N TYR D 307 -15.67 15.31 3.78
CA TYR D 307 -16.89 15.28 4.55
C TYR D 307 -18.09 15.07 3.68
N GLU D 308 -19.00 14.20 4.09
CA GLU D 308 -20.33 14.04 3.46
C GLU D 308 -21.43 14.42 4.46
N LYS D 309 -22.46 15.11 3.98
CA LYS D 309 -23.69 15.45 4.78
C LYS D 309 -24.58 14.26 5.08
N LEU D 310 -25.19 14.26 6.27
CA LEU D 310 -26.09 13.19 6.66
C LEU D 310 -27.41 13.33 5.94
N ASN D 311 -27.97 12.23 5.44
CA ASN D 311 -29.32 12.32 4.86
C ASN D 311 -30.43 12.49 5.92
N HIS D 312 -30.21 11.98 7.13
CA HIS D 312 -31.13 12.12 8.27
CA HIS D 312 -31.12 12.22 8.26
C HIS D 312 -30.28 12.22 9.53
N ASP D 313 -30.81 12.76 10.62
CA ASP D 313 -30.12 12.67 11.94
C ASP D 313 -30.66 11.49 12.80
N LEU D 314 -30.78 10.29 12.23
CA LEU D 314 -31.16 9.14 13.03
C LEU D 314 -29.89 8.37 13.31
N MET D 315 -29.16 8.03 12.25
CA MET D 315 -27.88 7.37 12.43
C MET D 315 -26.79 8.14 11.66
N TRP D 316 -25.56 7.61 11.64
CA TRP D 316 -24.54 8.18 10.79
C TRP D 316 -24.74 7.60 9.37
N GLN D 317 -25.51 8.34 8.55
CA GLN D 317 -26.03 7.76 7.33
C GLN D 317 -26.04 8.77 6.20
N VAL D 318 -25.63 8.32 5.03
CA VAL D 318 -25.32 9.22 3.95
C VAL D 318 -25.92 8.66 2.68
N ASP D 319 -26.31 9.54 1.74
CA ASP D 319 -26.68 9.18 0.37
C ASP D 319 -25.43 8.92 -0.45
N LEU D 320 -25.28 7.75 -1.07
CA LEU D 320 -24.11 7.47 -1.90
C LEU D 320 -24.62 6.60 -3.01
N ASP D 321 -24.00 6.57 -4.20
CA ASP D 321 -24.39 5.60 -5.24
C ASP D 321 -23.45 4.40 -5.11
N VAL D 322 -24.01 3.20 -4.94
CA VAL D 322 -23.13 2.09 -4.81
C VAL D 322 -22.99 1.31 -6.10
N HIS D 323 -21.73 0.95 -6.42
CA HIS D 323 -21.45 0.20 -7.64
C HIS D 323 -20.65 -1.03 -7.24
N PHE D 324 -21.00 -2.17 -7.84
CA PHE D 324 -20.26 -3.37 -7.61
C PHE D 324 -20.18 -4.05 -8.97
N GLY D 325 -19.09 -3.86 -9.70
CA GLY D 325 -19.05 -4.25 -11.14
C GLY D 325 -20.17 -3.54 -11.89
N ASN D 326 -20.96 -4.32 -12.62
CA ASN D 326 -22.10 -3.74 -13.38
C ASN D 326 -23.33 -3.47 -12.59
N VAL D 327 -23.33 -3.76 -11.30
CA VAL D 327 -24.56 -3.54 -10.60
C VAL D 327 -24.50 -2.23 -9.86
N SER D 328 -25.64 -1.55 -9.74
CA SER D 328 -25.64 -0.31 -9.07
C SER D 328 -26.93 0.02 -8.39
N SER D 329 -26.81 0.88 -7.41
CA SER D 329 -27.97 1.36 -6.73
C SER D 329 -27.77 2.85 -6.47
N LYS D 330 -28.63 3.68 -7.09
CA LYS D 330 -28.49 5.11 -6.93
C LYS D 330 -29.08 5.63 -5.63
N LYS D 331 -28.41 6.63 -5.08
CA LYS D 331 -28.94 7.42 -3.98
C LYS D 331 -29.35 6.48 -2.83
N ALA D 332 -28.46 5.54 -2.54
CA ALA D 332 -28.64 4.59 -1.46
C ALA D 332 -28.38 5.25 -0.12
N ASN D 333 -29.06 4.69 0.89
CA ASN D 333 -28.93 5.09 2.29
C ASN D 333 -27.80 4.26 2.91
N VAL D 334 -26.60 4.84 3.13
CA VAL D 334 -25.51 4.02 3.70
C VAL D 334 -25.11 4.41 5.09
N ILE D 335 -25.01 3.40 5.93
CA ILE D 335 -24.99 3.63 7.37
C ILE D 335 -23.70 3.11 7.99
N LEU D 336 -23.03 3.96 8.75
CA LEU D 336 -21.87 3.50 9.54
C LEU D 336 -22.30 2.74 10.79
N ASP D 337 -21.76 1.54 10.98
CA ASP D 337 -22.07 0.74 12.17
C ASP D 337 -20.81 0.04 12.68
N SER D 338 -20.23 0.60 13.73
CA SER D 338 -19.02 0.08 14.27
C SER D 338 -19.19 -1.24 14.99
N ALA D 339 -20.41 -1.77 15.05
CA ALA D 339 -20.63 -3.03 15.73
C ALA D 339 -20.68 -4.23 14.85
N THR D 340 -20.73 -4.10 13.51
CA THR D 340 -20.56 -5.34 12.69
C THR D 340 -19.20 -5.52 12.06
N SER D 341 -18.84 -6.77 11.85
CA SER D 341 -17.56 -7.01 11.23
C SER D 341 -17.71 -7.32 9.80
N VAL D 342 -18.82 -6.85 9.26
CA VAL D 342 -19.32 -7.24 7.95
C VAL D 342 -19.72 -6.05 7.08
N ILE D 343 -19.78 -6.24 5.75
CA ILE D 343 -20.42 -5.28 4.85
C ILE D 343 -21.80 -5.84 4.52
N THR D 344 -22.80 -4.97 4.42
CA THR D 344 -24.18 -5.35 4.14
C THR D 344 -24.70 -4.71 2.87
N VAL D 345 -25.50 -5.47 2.15
CA VAL D 345 -26.06 -5.09 0.87
C VAL D 345 -27.52 -5.58 0.84
N PRO D 346 -28.47 -4.83 0.25
CA PRO D 346 -29.79 -5.39 0.17
C PRO D 346 -29.78 -6.69 -0.63
N THR D 347 -30.74 -7.57 -0.34
CA THR D 347 -30.97 -8.83 -1.08
C THR D 347 -31.01 -8.74 -2.61
N GLU D 348 -31.79 -7.81 -3.16
CA GLU D 348 -31.84 -7.65 -4.59
C GLU D 348 -30.44 -7.32 -5.19
N PHE D 349 -29.75 -6.39 -4.54
CA PHE D 349 -28.44 -5.95 -4.96
C PHE D 349 -27.54 -7.18 -5.05
N PHE D 350 -27.53 -7.97 -3.99
CA PHE D 350 -26.74 -9.20 -4.03
C PHE D 350 -27.21 -10.13 -5.15
N ASN D 351 -28.52 -10.26 -5.32
CA ASN D 351 -28.99 -11.12 -6.41
C ASN D 351 -28.58 -10.61 -7.80
N GLN D 352 -28.53 -9.28 -7.99
CA GLN D 352 -28.08 -8.73 -9.25
C GLN D 352 -26.64 -9.12 -9.49
N PHE D 353 -25.84 -9.07 -8.43
CA PHE D 353 -24.44 -9.45 -8.48
C PHE D 353 -24.21 -10.91 -8.88
N VAL D 354 -24.97 -11.80 -8.24
CA VAL D 354 -24.92 -13.21 -8.58
C VAL D 354 -25.29 -13.38 -9.99
N GLU D 355 -26.29 -12.64 -10.46
CA GLU D 355 -26.74 -12.79 -11.82
C GLU D 355 -25.62 -12.48 -12.79
N SER D 356 -25.00 -11.32 -12.62
CA SER D 356 -23.94 -10.94 -13.53
C SER D 356 -22.61 -11.73 -13.36
N ALA D 357 -22.32 -12.18 -12.14
CA ALA D 357 -21.18 -13.09 -11.95
C ALA D 357 -21.34 -14.41 -12.71
N SER D 358 -22.57 -14.96 -12.76
CA SER D 358 -22.81 -16.23 -13.45
CA SER D 358 -22.84 -16.23 -13.46
C SER D 358 -22.64 -16.00 -14.94
N VAL D 359 -23.25 -14.92 -15.45
CA VAL D 359 -23.20 -14.57 -16.88
C VAL D 359 -21.75 -14.33 -17.36
N PHE D 360 -21.04 -13.52 -16.60
CA PHE D 360 -19.64 -13.23 -16.89
C PHE D 360 -18.61 -14.28 -16.43
N LYS D 361 -19.08 -15.40 -15.90
CA LYS D 361 -18.19 -16.50 -15.46
C LYS D 361 -17.08 -16.15 -14.42
N VAL D 362 -17.37 -15.32 -13.42
CA VAL D 362 -16.45 -15.14 -12.29
C VAL D 362 -16.44 -16.40 -11.43
N PRO D 363 -15.28 -17.09 -11.32
CA PRO D 363 -15.19 -18.41 -10.60
C PRO D 363 -15.54 -18.39 -9.09
N PHE D 364 -16.64 -19.05 -8.78
CA PHE D 364 -17.00 -19.29 -7.40
C PHE D 364 -17.06 -20.79 -7.22
N LEU D 365 -16.51 -21.28 -6.11
CA LEU D 365 -16.61 -22.71 -5.78
C LEU D 365 -17.94 -23.06 -5.07
N SER D 366 -18.59 -22.04 -4.49
CA SER D 366 -19.92 -22.15 -3.91
C SER D 366 -20.37 -20.71 -3.72
N LEU D 367 -21.47 -20.47 -3.01
CA LEU D 367 -22.08 -19.11 -3.03
C LEU D 367 -21.22 -17.99 -2.39
N TYR D 368 -20.37 -18.33 -1.43
CA TYR D 368 -19.44 -17.31 -0.89
C TYR D 368 -17.97 -17.62 -1.14
N VAL D 369 -17.63 -18.85 -1.55
CA VAL D 369 -16.20 -19.18 -1.68
C VAL D 369 -15.50 -19.10 -3.05
N THR D 370 -14.40 -18.33 -3.04
CA THR D 370 -13.60 -18.01 -4.21
C THR D 370 -12.10 -18.10 -3.87
N THR D 371 -11.26 -18.15 -4.89
CA THR D 371 -9.82 -18.06 -4.63
C THR D 371 -9.55 -16.63 -4.13
N CYS D 372 -8.63 -16.47 -3.20
CA CYS D 372 -8.27 -15.11 -2.73
C CYS D 372 -7.82 -14.18 -3.92
N GLY D 373 -7.09 -14.76 -4.86
CA GLY D 373 -6.57 -14.05 -6.01
C GLY D 373 -7.51 -13.91 -7.20
N ASN D 374 -8.71 -14.46 -7.14
CA ASN D 374 -9.72 -14.20 -8.17
C ASN D 374 -9.59 -12.80 -8.82
N THR D 375 -9.11 -12.80 -10.07
CA THR D 375 -8.97 -11.58 -10.91
C THR D 375 -10.29 -11.02 -11.53
N LYS D 376 -11.38 -11.76 -11.44
CA LYS D 376 -12.66 -11.27 -11.97
C LYS D 376 -13.55 -10.61 -10.90
N LEU D 377 -13.13 -10.59 -9.64
CA LEU D 377 -13.94 -9.89 -8.64
C LEU D 377 -13.78 -8.37 -8.81
N PRO D 378 -14.90 -7.67 -8.80
CA PRO D 378 -14.93 -6.22 -8.97
C PRO D 378 -14.67 -5.45 -7.69
N THR D 379 -14.43 -4.14 -7.82
CA THR D 379 -14.27 -3.27 -6.68
C THR D 379 -15.64 -2.79 -6.26
N LEU D 380 -15.88 -2.70 -4.97
CA LEU D 380 -17.09 -2.12 -4.44
C LEU D 380 -16.89 -0.61 -4.20
N GLU D 381 -17.79 0.22 -4.70
CA GLU D 381 -17.59 1.65 -4.68
C GLU D 381 -18.77 2.31 -4.08
N TYR D 382 -18.54 3.39 -3.35
CA TYR D 382 -19.61 4.19 -2.79
C TYR D 382 -19.31 5.61 -3.26
N ARG D 383 -20.14 6.15 -4.15
CA ARG D 383 -19.85 7.42 -4.82
C ARG D 383 -20.72 8.58 -4.32
N SER D 384 -20.07 9.64 -3.83
CA SER D 384 -20.74 10.89 -3.50
C SER D 384 -20.51 11.74 -4.69
N PRO D 385 -21.10 12.95 -4.72
CA PRO D 385 -20.94 13.86 -5.85
C PRO D 385 -19.50 14.23 -6.10
N ASN D 386 -18.71 14.34 -5.04
CA ASN D 386 -17.30 14.64 -5.27
C ASN D 386 -16.21 13.61 -4.94
N LYS D 387 -16.56 12.42 -4.45
CA LYS D 387 -15.53 11.48 -3.97
C LYS D 387 -16.01 10.03 -3.99
N VAL D 388 -15.15 9.08 -4.38
CA VAL D 388 -15.49 7.65 -4.33
C VAL D 388 -14.77 6.91 -3.17
N TYR D 389 -15.52 6.14 -2.36
CA TYR D 389 -14.89 5.35 -1.29
C TYR D 389 -14.93 3.92 -1.74
N THR D 390 -13.82 3.21 -1.71
CA THR D 390 -13.83 1.88 -2.36
C THR D 390 -13.35 0.76 -1.46
N LEU D 391 -13.78 -0.44 -1.80
CA LEU D 391 -13.22 -1.64 -1.20
C LEU D 391 -12.82 -2.58 -2.33
N GLU D 392 -11.52 -2.74 -2.51
CA GLU D 392 -11.02 -3.77 -3.43
C GLU D 392 -11.41 -5.19 -2.98
N PRO D 393 -11.48 -6.14 -3.92
CA PRO D 393 -11.78 -7.53 -3.53
C PRO D 393 -11.14 -7.97 -2.19
N LYS D 394 -9.84 -7.89 -2.04
CA LYS D 394 -9.23 -8.45 -0.84
CA LYS D 394 -9.14 -8.38 -0.86
C LYS D 394 -9.48 -7.56 0.39
N GLN D 395 -10.24 -6.51 0.22
CA GLN D 395 -10.60 -5.72 1.38
C GLN D 395 -12.06 -6.03 1.80
N TYR D 396 -12.80 -6.79 0.99
CA TYR D 396 -14.10 -7.27 1.42
C TYR D 396 -14.17 -8.81 1.50
N LEU D 397 -13.03 -9.47 1.32
CA LEU D 397 -12.90 -10.89 1.43
C LEU D 397 -12.33 -11.23 2.82
N GLU D 398 -12.71 -12.40 3.36
CA GLU D 398 -12.02 -13.01 4.50
C GLU D 398 -11.47 -14.38 4.11
N PRO D 399 -10.26 -14.74 4.61
CA PRO D 399 -9.61 -15.98 4.27
C PRO D 399 -10.26 -17.21 4.93
N LEU D 400 -10.36 -18.32 4.19
CA LEU D 400 -10.87 -19.55 4.74
C LEU D 400 -10.00 -20.07 5.89
N GLU D 401 -8.68 -20.01 5.72
CA GLU D 401 -7.69 -20.48 6.74
C GLU D 401 -7.00 -19.30 7.33
N ASN D 402 -6.46 -19.46 8.54
CA ASN D 402 -5.92 -18.33 9.26
C ASN D 402 -4.42 -18.12 8.96
N ILE D 403 -3.87 -18.90 8.04
CA ILE D 403 -2.59 -18.52 7.46
C ILE D 403 -2.42 -19.16 6.09
N PHE D 404 -1.75 -18.45 5.18
CA PHE D 404 -1.45 -18.95 3.82
C PHE D 404 -2.68 -19.55 3.15
N SER D 405 -3.76 -18.79 3.12
CA SER D 405 -5.06 -19.29 2.67
C SER D 405 -5.19 -19.12 1.16
N ALA D 406 -5.43 -20.21 0.44
CA ALA D 406 -5.66 -20.19 -0.99
C ALA D 406 -7.06 -19.64 -1.26
N LEU D 407 -7.98 -19.93 -0.34
CA LEU D 407 -9.39 -19.66 -0.51
C LEU D 407 -9.97 -18.61 0.42
N CYS D 408 -10.96 -17.91 -0.10
CA CYS D 408 -11.54 -16.82 0.61
C CYS D 408 -13.07 -16.85 0.63
N MET D 409 -13.68 -16.09 1.52
CA MET D 409 -15.10 -15.84 1.43
C MET D 409 -15.42 -14.37 1.29
N LEU D 410 -16.50 -14.09 0.60
CA LEU D 410 -17.13 -12.77 0.64
C LEU D 410 -17.58 -12.38 2.05
N ASN D 411 -17.07 -11.26 2.57
CA ASN D 411 -17.55 -10.70 3.83
C ASN D 411 -18.60 -9.62 3.54
N ILE D 412 -19.48 -9.94 2.58
CA ILE D 412 -20.58 -9.12 2.18
C ILE D 412 -21.83 -9.94 2.44
N VAL D 413 -22.71 -9.47 3.32
CA VAL D 413 -23.93 -10.22 3.58
C VAL D 413 -25.22 -9.57 3.10
N PRO D 414 -26.02 -10.33 2.35
CA PRO D 414 -27.27 -9.74 1.87
C PRO D 414 -28.26 -9.62 3.01
N ILE D 415 -28.70 -8.42 3.34
CA ILE D 415 -29.72 -8.31 4.36
C ILE D 415 -30.61 -7.11 4.13
N ASP D 416 -31.90 -7.33 4.27
CA ASP D 416 -32.84 -6.29 4.03
C ASP D 416 -33.20 -5.68 5.36
N LEU D 417 -32.60 -4.54 5.63
CA LEU D 417 -32.78 -3.84 6.88
C LEU D 417 -33.79 -2.77 6.71
N GLU D 418 -33.80 -2.16 5.53
CA GLU D 418 -34.55 -0.94 5.27
C GLU D 418 -34.42 -0.69 3.78
N LYS D 419 -35.36 0.05 3.21
CA LYS D 419 -35.38 0.24 1.78
C LYS D 419 -33.99 0.69 1.36
N ASN D 420 -33.37 -0.05 0.44
CA ASN D 420 -32.18 0.47 -0.18
C ASN D 420 -31.04 0.85 0.75
N THR D 421 -30.85 0.07 1.80
CA THR D 421 -29.95 0.46 2.87
C THR D 421 -28.76 -0.49 2.92
N PHE D 422 -27.58 0.07 3.13
CA PHE D 422 -26.32 -0.65 3.04
C PHE D 422 -25.59 -0.29 4.31
N VAL D 423 -24.91 -1.22 4.97
CA VAL D 423 -24.24 -0.91 6.24
C VAL D 423 -22.79 -1.15 6.01
N LEU D 424 -22.03 -0.21 6.53
CA LEU D 424 -20.57 -0.25 6.53
C LEU D 424 -20.07 -0.63 7.90
N GLY D 425 -19.53 -1.84 8.03
CA GLY D 425 -18.92 -2.20 9.32
C GLY D 425 -17.40 -2.13 9.31
N ASP D 426 -16.78 -3.07 10.02
CA ASP D 426 -15.34 -3.14 10.23
C ASP D 426 -14.50 -3.19 9.00
N PRO D 427 -14.84 -3.98 7.97
CA PRO D 427 -13.94 -3.98 6.79
C PRO D 427 -13.65 -2.57 6.20
N PHE D 428 -14.67 -1.69 6.28
CA PHE D 428 -14.63 -0.35 5.75
C PHE D 428 -13.84 0.55 6.68
N MET D 429 -14.17 0.46 7.97
CA MET D 429 -13.49 1.27 8.99
C MET D 429 -12.02 0.89 9.07
N ARG D 430 -11.68 -0.30 8.62
CA ARG D 430 -10.32 -0.73 8.65
C ARG D 430 -9.46 -0.04 7.57
N LYS D 431 -10.09 0.40 6.49
CA LYS D 431 -9.42 1.11 5.47
C LYS D 431 -9.59 2.64 5.71
N TYR D 432 -10.79 3.08 6.14
CA TYR D 432 -11.10 4.49 6.28
C TYR D 432 -11.25 4.92 7.70
N PHE D 433 -10.38 5.83 8.09
CA PHE D 433 -10.51 6.59 9.30
C PHE D 433 -11.81 7.42 9.20
N THR D 434 -12.61 7.48 10.26
CA THR D 434 -13.95 8.14 10.10
C THR D 434 -14.21 9.14 11.21
N VAL D 435 -14.81 10.26 10.83
CA VAL D 435 -14.99 11.35 11.74
C VAL D 435 -16.49 11.55 11.84
N TYR D 436 -16.95 11.82 13.05
CA TYR D 436 -18.35 11.89 13.28
C TYR D 436 -18.62 13.23 13.95
N ASP D 437 -19.22 14.13 13.19
CA ASP D 437 -19.27 15.55 13.56
C ASP D 437 -20.71 15.98 13.83
N TYR D 438 -21.03 16.23 15.09
CA TYR D 438 -22.40 16.63 15.47
C TYR D 438 -22.70 18.09 15.16
N ASP D 439 -21.70 18.98 15.23
CA ASP D 439 -21.95 20.43 15.03
C ASP D 439 -22.38 20.70 13.60
N ASN D 440 -21.69 20.04 12.67
CA ASN D 440 -21.89 20.20 11.22
C ASN D 440 -22.75 19.13 10.59
N HIS D 441 -23.22 18.15 11.37
CA HIS D 441 -24.05 17.06 10.82
C HIS D 441 -23.40 16.35 9.64
N THR D 442 -22.16 15.94 9.79
CA THR D 442 -21.46 15.29 8.67
C THR D 442 -20.59 14.14 9.17
N VAL D 443 -20.22 13.25 8.26
CA VAL D 443 -19.23 12.24 8.51
C VAL D 443 -18.07 12.52 7.59
N GLY D 444 -16.86 12.37 8.14
CA GLY D 444 -15.63 12.52 7.34
C GLY D 444 -14.98 11.17 7.11
N PHE D 445 -14.26 11.04 6.02
CA PHE D 445 -13.62 9.80 5.61
C PHE D 445 -12.22 10.15 5.12
N ALA D 446 -11.26 9.28 5.39
CA ALA D 446 -9.90 9.47 4.88
C ALA D 446 -9.23 8.14 4.96
N LEU D 447 -8.24 7.97 4.09
CA LEU D 447 -7.44 6.77 4.05
C LEU D 447 -6.63 6.66 5.35
N ALA D 448 -6.96 5.65 6.14
CA ALA D 448 -6.24 5.40 7.37
C ALA D 448 -4.81 4.92 7.08
N LYS D 449 -3.91 5.24 7.98
CA LYS D 449 -2.49 4.99 7.85
CA LYS D 449 -2.50 4.90 7.82
C LYS D 449 -1.99 4.23 9.09
N ASN D 450 -0.91 3.45 8.94
CA ASN D 450 -0.20 2.84 10.05
C ASN D 450 0.49 3.89 10.93
N LEU D 451 0.47 3.68 12.25
CA LEU D 451 1.11 4.63 13.18
C LEU D 451 2.64 4.47 13.22
CBH K95 E . 12.27 23.33 2.66
CAX K95 E . 11.78 24.42 3.58
CBL K95 E . 10.32 24.77 3.53
CAR K95 E . 9.98 26.06 3.01
CAL K95 E . 8.62 26.46 3.00
CAJ K95 E . 7.64 25.55 3.49
CAM K95 E . 8.00 24.26 4.01
CAS K95 E . 9.35 23.87 4.05
OAD K95 E . 11.56 22.62 1.93
N K95 E . 13.59 23.25 2.72
CA K95 E . 14.31 22.26 1.96
CB K95 E . 15.14 23.04 0.96
SBF K95 E . 14.31 23.27 -0.67
CAA K95 E . 14.93 24.93 -0.45
C K95 E . 15.14 21.52 2.97
O K95 E . 15.20 21.95 4.11
CBK K95 E . 18.87 19.84 4.72
NBD K95 E . 15.76 20.43 2.56
OAG K95 E . 19.72 18.94 4.61
CBR K95 E . 18.05 20.34 3.53
CBM K95 E . 17.12 17.28 4.16
CBB K95 E . 16.66 18.21 3.03
CAK K95 E . 17.99 15.58 6.21
CBS K95 E . 16.64 19.67 3.47
OAI K95 E . 18.75 20.11 2.31
CAU K95 E . 18.28 16.50 4.03
CAT K95 E . 16.39 17.19 5.33
CAO K95 E . 18.71 15.63 5.05
CAN K95 E . 16.84 16.34 6.34
CBJ K95 E . 18.21 22.91 5.78
NBV K95 E . 18.62 20.35 5.92
OAF K95 E . 19.37 23.22 6.05
CBU K95 E . 17.62 21.49 6.14
CBW K95 E . 17.12 21.41 7.63
CAZ K95 E . 19.34 19.85 7.12
CAC K95 E . 16.11 20.27 7.85
CAB K95 E . 16.70 22.73 8.32
SBG K95 E . 18.65 20.91 8.41
NBE K95 E . 17.33 23.77 5.20
OAH K95 E . 15.11 25.58 4.34
CBT K95 E . 17.61 25.15 4.77
CBO K95 E . 17.93 25.15 3.25
CAW K95 E . 18.56 24.21 2.46
CAQ K95 E . 18.71 24.47 1.11
CBP K95 E . 16.37 26.10 4.84
CBN K95 E . 17.46 26.36 2.70
CAV K95 E . 17.62 26.60 1.36
CAP K95 E . 18.24 25.66 0.56
CBA K95 E . 16.81 27.19 3.82
C1 EDO F . 32.79 8.21 19.69
O1 EDO F . 33.82 9.07 19.21
C2 EDO F . 32.35 8.68 21.08
O2 EDO F . 31.80 10.01 21.07
C1 EDO G . 12.10 18.84 -13.41
O1 EDO G . 12.37 18.40 -14.75
C2 EDO G . 11.68 17.66 -12.53
O2 EDO G . 10.78 18.09 -11.48
C1 EDO H . 22.01 22.59 12.70
O1 EDO H . 20.78 22.14 12.13
C2 EDO H . 21.87 24.06 13.13
O2 EDO H . 22.84 24.37 14.16
O1 PG4 I . 15.80 11.22 19.37
C1 PG4 I . 16.10 11.87 20.63
C2 PG4 I . 15.55 13.32 20.67
O2 PG4 I . 16.45 14.25 21.30
C3 PG4 I . 17.56 14.67 20.50
C4 PG4 I . 17.44 16.10 19.95
O3 PG4 I . 18.15 16.11 18.69
C5 PG4 I . 18.05 17.35 17.96
C6 PG4 I . 18.99 17.35 16.75
O4 PG4 I . 18.75 18.49 15.88
C7 PG4 I . 18.79 19.76 16.55
C8 PG4 I . 20.03 20.61 16.21
O5 PG4 I . 20.97 20.64 17.29
O2 PG4 J . 44.51 6.73 4.88
C3 PG4 J . 45.02 5.90 3.83
C4 PG4 J . 43.85 5.08 3.29
O3 PG4 J . 43.37 4.10 4.26
C5 PG4 J . 42.34 4.52 5.15
C6 PG4 J . 42.79 4.31 6.60
O4 PG4 J . 42.19 5.29 7.47
C7 PG4 J . 43.10 5.78 8.48
C8 PG4 J . 42.43 6.77 9.43
O5 PG4 J . 43.31 7.85 9.75
O2 PG4 K . 37.82 34.79 -6.24
C3 PG4 K . 37.19 36.04 -5.98
C4 PG4 K . 37.38 36.25 -4.48
O3 PG4 K . 36.53 37.29 -3.97
C5 PG4 K . 37.28 38.25 -3.23
C6 PG4 K . 36.34 39.34 -2.70
O4 PG4 K . 36.97 39.93 -1.54
C7 PG4 K . 36.32 39.62 -0.30
C8 PG4 K . 36.83 38.30 0.29
O5 PG4 K . 37.64 38.61 1.43
C ACT L . 48.50 14.06 0.97
O ACT L . 47.58 13.72 0.19
OXT ACT L . 49.52 13.34 0.89
CH3 ACT L . 48.42 15.21 1.93
C1 EDO M . 12.33 12.08 -4.81
O1 EDO M . 12.21 10.75 -5.31
C2 EDO M . 12.06 12.07 -3.31
O2 EDO M . 12.00 13.39 -2.80
C1 PG5 N . 9.42 16.69 -14.28
O1 PG5 N . 8.00 16.49 -14.25
C2 PG5 N . 7.56 15.67 -15.35
C3 PG5 N . 7.05 16.58 -16.46
O2 PG5 N . 8.05 17.51 -16.89
C4 PG5 N . 7.67 18.89 -16.75
C5 PG5 N . 8.86 19.71 -16.23
O3 PG5 N . 8.61 21.12 -16.16
C6 PG5 N . 9.14 21.71 -14.97
C7 PG5 N . 8.07 21.80 -13.88
O4 PG5 N . 8.63 21.69 -12.58
C8 PG5 N . 8.91 20.33 -12.26
CBH K95 O . -6.91 -25.51 -0.28
CAX K95 O . -7.37 -26.23 -1.58
CBL K95 O . -7.07 -25.44 -2.84
CAR K95 O . -8.10 -24.81 -3.52
CAL K95 O . -7.81 -24.08 -4.69
CAJ K95 O . -6.49 -23.97 -5.19
CAM K95 O . -5.45 -24.63 -4.51
CAS K95 O . -5.74 -25.36 -3.34
OAD K95 O . -7.17 -24.32 -0.05
N K95 O . -6.22 -26.31 0.54
CA K95 O . -5.74 -25.93 1.88
CB K95 O . -6.60 -26.80 2.88
SBF K95 O . -8.32 -26.20 2.97
CAA K95 O . -8.86 -26.20 4.68
C K95 O . -4.20 -26.15 2.09
O K95 O . -3.56 -26.91 1.37
CBK K95 O . -0.47 -27.44 4.12
NBD K95 O . -3.65 -25.50 3.10
OAG K95 O . 0.28 -27.14 5.05
CBR K95 O . -1.99 -27.06 4.14
CBM K95 O . -0.27 -24.21 4.22
CBB K95 O . -1.79 -24.43 4.33
CAK K95 O . 2.49 -23.84 3.96
CBS K95 O . -2.24 -25.64 3.47
OAI K95 O . -2.53 -27.20 5.49
CAU K95 O . 0.53 -24.34 5.34
CAT K95 O . 0.32 -23.91 2.99
CAO K95 O . 1.91 -24.16 5.19
CAN K95 O . 1.70 -23.72 2.84
CBJ K95 O . -1.44 -29.90 2.35
NBV K95 O . 0.08 -28.09 3.08
OAF K95 O . -0.91 -30.64 3.18
CBU K95 O . -0.71 -28.61 1.90
CBW K95 O . 0.25 -28.77 0.66
CAZ K95 O . 1.53 -28.37 3.14
CAC K95 O . 0.19 -27.51 -0.21
CAB K95 O . 0.00 -30.03 -0.20
SBG K95 O . 1.88 -28.98 1.48
NBE K95 O . -2.69 -30.10 1.87
OAH K95 O . -4.11 -31.11 -0.09
CBT K95 O . -3.51 -31.29 2.26
CBO K95 O . -4.73 -30.83 3.12
CAW K95 O . -4.78 -29.93 4.19
CAQ K95 O . -6.01 -29.66 4.79
CBP K95 O . -4.11 -32.01 1.04
CBN K95 O . -5.90 -31.46 2.66
CAV K95 O . -7.12 -31.16 3.26
CAP K95 O . -7.17 -30.28 4.34
CBA K95 O . -5.56 -32.39 1.47
CBH K95 P . -31.15 -6.14 12.89
CAX K95 P . -32.59 -6.29 12.29
CBL K95 P . -33.64 -6.97 13.21
CAR K95 P . -34.47 -6.19 14.04
CAL K95 P . -35.41 -6.80 14.89
CAJ K95 P . -35.53 -8.20 14.89
CAM K95 P . -34.72 -8.99 14.06
CAS K95 P . -33.77 -8.37 13.20
OAD K95 P . -30.26 -6.95 12.62
N K95 P . -30.92 -5.07 13.66
CA K95 P . -29.59 -4.69 14.21
CB K95 P . -28.84 -3.88 13.10
SBF K95 P . -27.82 -4.84 11.90
CAA K95 P . -26.49 -3.73 11.47
C K95 P . -29.79 -3.80 15.48
O K95 P . -30.82 -3.14 15.60
CBK K95 P . -29.33 -0.63 18.44
NBD K95 P . -28.79 -3.80 16.39
OAG K95 P . -28.55 -0.18 19.29
CBR K95 P . -28.81 -1.48 17.26
CBM K95 P . -28.26 -3.26 20.23
CBB K95 P . -27.79 -3.43 18.73
CAK K95 P . -29.12 -2.89 22.92
CBS K95 P . -28.84 -2.99 17.65
OAI K95 P . -27.54 -1.10 16.70
CAU K95 P . -27.61 -2.36 21.08
CAT K95 P . -29.34 -3.98 20.77
CAO K95 P . -28.03 -2.17 22.40
CAN K95 P . -29.77 -3.82 22.10
CBJ K95 P . -31.85 0.27 16.54
NBV K95 P . -30.64 -0.43 18.62
OAF K95 P . -31.88 1.47 16.84
CBU K95 P . -31.76 -0.85 17.68
CBW K95 P . -33.08 -1.20 18.52
CAZ K95 P . -31.11 0.32 19.79
CAC K95 P . -33.05 -2.64 19.10
CAB K95 P . -34.42 -1.04 17.77
SBG K95 P . -32.90 -0.01 19.90
NBE K95 P . -31.75 -0.17 15.27
OAH K95 P . -33.70 -0.48 13.38
CBT K95 P . -31.66 0.71 14.05
CBO K95 P . -30.51 0.21 13.12
CAW K95 P . -29.21 -0.23 13.41
CAQ K95 P . -28.35 -0.64 12.38
CBP K95 P . -32.93 0.70 13.16
CBN K95 P . -30.95 0.22 11.76
CAV K95 P . -30.09 -0.21 10.75
CAP K95 P . -28.79 -0.63 11.06
CBA K95 P . -32.43 0.72 11.69
C1 EDO Q . 4.39 -32.83 12.29
O1 EDO Q . 4.58 -33.07 10.89
C2 EDO Q . 5.43 -31.84 12.78
O2 EDO Q . 5.55 -31.90 14.18
C1 EDO R . 18.74 -37.07 25.08
O1 EDO R . 18.25 -36.33 23.95
C2 EDO R . 17.71 -37.07 26.17
O2 EDO R . 18.16 -36.11 27.12
C1 EDO S . 19.54 -31.55 23.23
O1 EDO S . 18.89 -32.41 22.27
C2 EDO S . 18.82 -30.23 23.37
O2 EDO S . 18.16 -30.17 24.65
C1 EDO T . 15.78 -31.99 3.37
O1 EDO T . 15.02 -33.05 3.93
C2 EDO T . 17.24 -32.22 3.73
O2 EDO T . 17.36 -32.33 5.17
NA NA U . -20.67 8.71 -10.65
C1 EDO V . -4.70 -15.27 6.78
O1 EDO V . -5.02 -16.53 6.18
C2 EDO V . -5.69 -14.93 7.91
O2 EDO V . -5.38 -13.68 8.53
C1 EDO W . -31.44 -11.01 -10.36
O1 EDO W . -31.95 -12.34 -10.41
C2 EDO W . -32.15 -10.31 -9.22
O2 EDO W . -32.72 -9.11 -9.74
C1 EDO X . -30.57 2.50 22.26
O1 EDO X . -29.47 2.10 23.07
C2 EDO X . -30.14 2.41 20.80
O2 EDO X . -30.42 3.66 20.12
C1 EDO Y . -13.11 1.17 44.67
O1 EDO Y . -12.94 0.12 43.74
C2 EDO Y . -14.49 1.69 44.40
O2 EDO Y . -14.62 2.85 45.20
O1 PG4 Z . -22.61 12.05 -8.97
C1 PG4 Z . -22.44 10.92 -8.10
C2 PG4 Z . -23.77 10.65 -7.41
O2 PG4 Z . -23.89 11.36 -6.19
C3 PG4 Z . -23.75 10.49 -5.05
C4 PG4 Z . -24.59 10.93 -3.88
O3 PG4 Z . -25.86 10.33 -4.04
C5 PG4 Z . -26.81 11.24 -4.61
C6 PG4 Z . -27.54 10.66 -5.83
O4 PG4 Z . -28.74 11.40 -6.02
#